data_7FUY
# 
_entry.id   7FUY 
# 
_audit_conform.dict_name       mmcif_pdbx.dic 
_audit_conform.dict_version    5.392 
_audit_conform.dict_location   http://mmcif.pdb.org/dictionaries/ascii/mmcif_pdbx.dic 
# 
loop_
_database_2.database_id 
_database_2.database_code 
_database_2.pdbx_database_accession 
_database_2.pdbx_DOI 
PDB   7FUY         pdb_00007fuy 10.2210/pdb7fuy/pdb 
WWPDB D_1001405379 ?            ?                   
# 
loop_
_pdbx_audit_revision_history.ordinal 
_pdbx_audit_revision_history.data_content_type 
_pdbx_audit_revision_history.major_revision 
_pdbx_audit_revision_history.minor_revision 
_pdbx_audit_revision_history.revision_date 
1 'Structure model' 1 0 2023-03-29 
2 'Structure model' 1 1 2024-05-22 
# 
_pdbx_audit_revision_details.ordinal             1 
_pdbx_audit_revision_details.revision_ordinal    1 
_pdbx_audit_revision_details.data_content_type   'Structure model' 
_pdbx_audit_revision_details.provider            repository 
_pdbx_audit_revision_details.type                'Initial release' 
_pdbx_audit_revision_details.description         ? 
_pdbx_audit_revision_details.details             ? 
# 
_pdbx_audit_revision_group.ordinal             1 
_pdbx_audit_revision_group.revision_ordinal    2 
_pdbx_audit_revision_group.data_content_type   'Structure model' 
_pdbx_audit_revision_group.group               'Data collection' 
# 
loop_
_pdbx_audit_revision_category.ordinal 
_pdbx_audit_revision_category.revision_ordinal 
_pdbx_audit_revision_category.data_content_type 
_pdbx_audit_revision_category.category 
1 2 'Structure model' chem_comp_atom 
2 2 'Structure model' chem_comp_bond 
# 
_pdbx_database_status.entry_id                        7FUY 
_pdbx_database_status.status_code                     REL 
_pdbx_database_status.status_code_sf                  REL 
_pdbx_database_status.status_code_mr                  ? 
_pdbx_database_status.status_code_cs                  ? 
_pdbx_database_status.recvd_initial_deposition_date   2023-03-09 
_pdbx_database_status.status_code_nmr_data            ? 
_pdbx_database_status.deposit_site                    RCSB 
_pdbx_database_status.process_site                    RCSB 
_pdbx_database_status.SG_entry                        ? 
_pdbx_database_status.pdb_format_compatible           Y 
_pdbx_database_status.methods_development_category    ? 
# 
_pdbx_contact_author.id                 1 
_pdbx_contact_author.email              frank.von-delft@diamond.ac.uk 
_pdbx_contact_author.name_first         Frank 
_pdbx_contact_author.name_last          'von Delft' 
_pdbx_contact_author.role               'principal investigator/group leader' 
_pdbx_contact_author.identifier_ORCID   0000-0003-0378-0017 
_pdbx_contact_author.name_mi            ? 
# 
loop_
_audit_author.name 
_audit_author.pdbx_ordinal 
'Grosjean, H.'   1 
'Tomlinson, C.'  2 
'Bradshaw, W.J.' 3 
'Koekemoer, L.'  4 
'Krojer, T.'     5 
'Fearon, D.'     6 
'Biggin, P.C.'   7 
'von Delft, F.'  8 
# 
_citation.id                        primary 
_citation.title                     'PanDDA analysis group deposition' 
_citation.journal_abbrev            'To Be Published' 
_citation.journal_volume            ? 
_citation.page_first                ? 
_citation.page_last                 ? 
_citation.year                      ? 
_citation.journal_id_ASTM           ? 
_citation.country                   ? 
_citation.journal_id_ISSN           ? 
_citation.journal_id_CSD            0353 
_citation.book_publisher            ? 
_citation.pdbx_database_id_PubMed   ? 
_citation.pdbx_database_id_DOI      ? 
# 
loop_
_citation_author.citation_id 
_citation_author.name 
_citation_author.identifier_ORCID 
_citation_author.ordinal 
primary 'Grosjean, H.'   ? 1 
primary 'Tomlinson, C.'  ? 2 
primary 'Bradshaw, W.J.' ? 3 
primary 'Koekemoer, L.'  ? 4 
primary 'Krojer, T.'     ? 5 
primary 'Fearon, D.'     ? 6 
primary 'Biggin, P.C.'   ? 7 
primary 'von Delft, F.'  ? 8 
# 
loop_
_entity.id 
_entity.type 
_entity.src_method 
_entity.pdbx_description 
_entity.formula_weight 
_entity.pdbx_number_of_molecules 
_entity.pdbx_ec 
_entity.pdbx_mutation 
_entity.pdbx_fragment 
_entity.details 
1 polymer     man 'PH-interacting protein'                                                                              17627.859 
1   ? ? ? ? 
2 non-polymer syn 'N-[2-(3-ethyl-4H-1,2,4-triazol-4-yl)ethyl]-4-(5-methylthiophene-2-carbonyl)piperazine-1-carboxamide' 376.476   
1   ? ? ? ? 
3 water       nat water                                                                                                 18.015    
205 ? ? ? ? 
# 
_entity_name_com.entity_id   1 
_entity_name_com.name        
'PHIP,DDB1- and CUL4-associated factor 14,IRS-1 PH domain-binding protein,WD repeat-containing protein 11' 
# 
_entity_poly.entity_id                      1 
_entity_poly.type                           'polypeptide(L)' 
_entity_poly.nstd_linkage                   no 
_entity_poly.nstd_monomer                   no 
_entity_poly.pdbx_seq_one_letter_code       
;MHHHHHHSSGVDLGTENLYFQSMSYDIQAWKKQCEELLNLIFQCEDSEPFRQPVDLLEYPDYRDIIDTPMDFATVRETLE
AGNYESPMELCKDVRLIFSNSKAYTPSKRSRIYSMSLRLSAFFEEHISSVLSDYKSALRFHKRNTITKR
;
_entity_poly.pdbx_seq_one_letter_code_can   
;MHHHHHHSSGVDLGTENLYFQSMSYDIQAWKKQCEELLNLIFQCEDSEPFRQPVDLLEYPDYRDIIDTPMDFATVRETLE
AGNYESPMELCKDVRLIFSNSKAYTPSKRSRIYSMSLRLSAFFEEHISSVLSDYKSALRFHKRNTITKR
;
_entity_poly.pdbx_strand_id                 A 
_entity_poly.pdbx_target_identifier         ? 
# 
loop_
_pdbx_entity_nonpoly.entity_id 
_pdbx_entity_nonpoly.name 
_pdbx_entity_nonpoly.comp_id 
2 'N-[2-(3-ethyl-4H-1,2,4-triazol-4-yl)ethyl]-4-(5-methylthiophene-2-carbonyl)piperazine-1-carboxamide' ZJW 
3 water                                                                                                 HOH 
# 
loop_
_entity_poly_seq.entity_id 
_entity_poly_seq.num 
_entity_poly_seq.mon_id 
_entity_poly_seq.hetero 
1 1   MET n 
1 2   HIS n 
1 3   HIS n 
1 4   HIS n 
1 5   HIS n 
1 6   HIS n 
1 7   HIS n 
1 8   SER n 
1 9   SER n 
1 10  GLY n 
1 11  VAL n 
1 12  ASP n 
1 13  LEU n 
1 14  GLY n 
1 15  THR n 
1 16  GLU n 
1 17  ASN n 
1 18  LEU n 
1 19  TYR n 
1 20  PHE n 
1 21  GLN n 
1 22  SER n 
1 23  MET n 
1 24  SER n 
1 25  TYR n 
1 26  ASP n 
1 27  ILE n 
1 28  GLN n 
1 29  ALA n 
1 30  TRP n 
1 31  LYS n 
1 32  LYS n 
1 33  GLN n 
1 34  CYS n 
1 35  GLU n 
1 36  GLU n 
1 37  LEU n 
1 38  LEU n 
1 39  ASN n 
1 40  LEU n 
1 41  ILE n 
1 42  PHE n 
1 43  GLN n 
1 44  CYS n 
1 45  GLU n 
1 46  ASP n 
1 47  SER n 
1 48  GLU n 
1 49  PRO n 
1 50  PHE n 
1 51  ARG n 
1 52  GLN n 
1 53  PRO n 
1 54  VAL n 
1 55  ASP n 
1 56  LEU n 
1 57  LEU n 
1 58  GLU n 
1 59  TYR n 
1 60  PRO n 
1 61  ASP n 
1 62  TYR n 
1 63  ARG n 
1 64  ASP n 
1 65  ILE n 
1 66  ILE n 
1 67  ASP n 
1 68  THR n 
1 69  PRO n 
1 70  MET n 
1 71  ASP n 
1 72  PHE n 
1 73  ALA n 
1 74  THR n 
1 75  VAL n 
1 76  ARG n 
1 77  GLU n 
1 78  THR n 
1 79  LEU n 
1 80  GLU n 
1 81  ALA n 
1 82  GLY n 
1 83  ASN n 
1 84  TYR n 
1 85  GLU n 
1 86  SER n 
1 87  PRO n 
1 88  MET n 
1 89  GLU n 
1 90  LEU n 
1 91  CYS n 
1 92  LYS n 
1 93  ASP n 
1 94  VAL n 
1 95  ARG n 
1 96  LEU n 
1 97  ILE n 
1 98  PHE n 
1 99  SER n 
1 100 ASN n 
1 101 SER n 
1 102 LYS n 
1 103 ALA n 
1 104 TYR n 
1 105 THR n 
1 106 PRO n 
1 107 SER n 
1 108 LYS n 
1 109 ARG n 
1 110 SER n 
1 111 ARG n 
1 112 ILE n 
1 113 TYR n 
1 114 SER n 
1 115 MET n 
1 116 SER n 
1 117 LEU n 
1 118 ARG n 
1 119 LEU n 
1 120 SER n 
1 121 ALA n 
1 122 PHE n 
1 123 PHE n 
1 124 GLU n 
1 125 GLU n 
1 126 HIS n 
1 127 ILE n 
1 128 SER n 
1 129 SER n 
1 130 VAL n 
1 131 LEU n 
1 132 SER n 
1 133 ASP n 
1 134 TYR n 
1 135 LYS n 
1 136 SER n 
1 137 ALA n 
1 138 LEU n 
1 139 ARG n 
1 140 PHE n 
1 141 HIS n 
1 142 LYS n 
1 143 ARG n 
1 144 ASN n 
1 145 THR n 
1 146 ILE n 
1 147 THR n 
1 148 LYS n 
1 149 ARG n 
# 
_entity_src_gen.entity_id                          1 
_entity_src_gen.pdbx_src_id                        1 
_entity_src_gen.pdbx_alt_source_flag               sample 
_entity_src_gen.pdbx_seq_type                      'Biological sequence' 
_entity_src_gen.pdbx_beg_seq_num                   1 
_entity_src_gen.pdbx_end_seq_num                   149 
_entity_src_gen.gene_src_common_name               human 
_entity_src_gen.gene_src_genus                     ? 
_entity_src_gen.pdbx_gene_src_gene                 'PHIP, DCAF14, WDR11' 
_entity_src_gen.gene_src_species                   ? 
_entity_src_gen.gene_src_strain                    ? 
_entity_src_gen.gene_src_tissue                    ? 
_entity_src_gen.gene_src_tissue_fraction           ? 
_entity_src_gen.gene_src_details                   ? 
_entity_src_gen.pdbx_gene_src_fragment             ? 
_entity_src_gen.pdbx_gene_src_scientific_name      'Homo sapiens' 
_entity_src_gen.pdbx_gene_src_ncbi_taxonomy_id     9606 
_entity_src_gen.pdbx_gene_src_variant              ? 
_entity_src_gen.pdbx_gene_src_cell_line            ? 
_entity_src_gen.pdbx_gene_src_atcc                 ? 
_entity_src_gen.pdbx_gene_src_organ                ? 
_entity_src_gen.pdbx_gene_src_organelle            ? 
_entity_src_gen.pdbx_gene_src_cell                 ? 
_entity_src_gen.pdbx_gene_src_cellular_location    ? 
_entity_src_gen.host_org_common_name               ? 
_entity_src_gen.pdbx_host_org_scientific_name      'Escherichia coli' 
_entity_src_gen.pdbx_host_org_ncbi_taxonomy_id     562 
_entity_src_gen.host_org_genus                     ? 
_entity_src_gen.pdbx_host_org_gene                 ? 
_entity_src_gen.pdbx_host_org_organ                ? 
_entity_src_gen.host_org_species                   ? 
_entity_src_gen.pdbx_host_org_tissue               ? 
_entity_src_gen.pdbx_host_org_tissue_fraction      ? 
_entity_src_gen.pdbx_host_org_strain               ? 
_entity_src_gen.pdbx_host_org_variant              ? 
_entity_src_gen.pdbx_host_org_cell_line            ? 
_entity_src_gen.pdbx_host_org_atcc                 ? 
_entity_src_gen.pdbx_host_org_culture_collection   ? 
_entity_src_gen.pdbx_host_org_cell                 ? 
_entity_src_gen.pdbx_host_org_organelle            ? 
_entity_src_gen.pdbx_host_org_cellular_location    ? 
_entity_src_gen.pdbx_host_org_vector_type          ? 
_entity_src_gen.pdbx_host_org_vector               ? 
_entity_src_gen.host_org_details                   ? 
_entity_src_gen.expression_system_id               ? 
_entity_src_gen.plasmid_name                       ? 
_entity_src_gen.plasmid_details                    ? 
_entity_src_gen.pdbx_description                   ? 
# 
loop_
_chem_comp.id 
_chem_comp.type 
_chem_comp.mon_nstd_flag 
_chem_comp.name 
_chem_comp.pdbx_synonyms 
_chem_comp.formula 
_chem_comp.formula_weight 
ALA 'L-peptide linking' y ALANINE                                                                                               ? 
'C3 H7 N O2'      89.093  
ARG 'L-peptide linking' y ARGININE                                                                                              ? 
'C6 H15 N4 O2 1'  175.209 
ASN 'L-peptide linking' y ASPARAGINE                                                                                            ? 
'C4 H8 N2 O3'     132.118 
ASP 'L-peptide linking' y 'ASPARTIC ACID'                                                                                       ? 
'C4 H7 N O4'      133.103 
CYS 'L-peptide linking' y CYSTEINE                                                                                              ? 
'C3 H7 N O2 S'    121.158 
GLN 'L-peptide linking' y GLUTAMINE                                                                                             ? 
'C5 H10 N2 O3'    146.144 
GLU 'L-peptide linking' y 'GLUTAMIC ACID'                                                                                       ? 
'C5 H9 N O4'      147.129 
GLY 'peptide linking'   y GLYCINE                                                                                               ? 
'C2 H5 N O2'      75.067  
HIS 'L-peptide linking' y HISTIDINE                                                                                             ? 
'C6 H10 N3 O2 1'  156.162 
HOH non-polymer         . WATER                                                                                                 ? 
'H2 O'            18.015  
ILE 'L-peptide linking' y ISOLEUCINE                                                                                            ? 
'C6 H13 N O2'     131.173 
LEU 'L-peptide linking' y LEUCINE                                                                                               ? 
'C6 H13 N O2'     131.173 
LYS 'L-peptide linking' y LYSINE                                                                                                ? 
'C6 H15 N2 O2 1'  147.195 
MET 'L-peptide linking' y METHIONINE                                                                                            ? 
'C5 H11 N O2 S'   149.211 
PHE 'L-peptide linking' y PHENYLALANINE                                                                                         ? 
'C9 H11 N O2'     165.189 
PRO 'L-peptide linking' y PROLINE                                                                                               ? 
'C5 H9 N O2'      115.130 
SER 'L-peptide linking' y SERINE                                                                                                ? 
'C3 H7 N O3'      105.093 
THR 'L-peptide linking' y THREONINE                                                                                             ? 
'C4 H9 N O3'      119.119 
TRP 'L-peptide linking' y TRYPTOPHAN                                                                                            ? 
'C11 H12 N2 O2'   204.225 
TYR 'L-peptide linking' y TYROSINE                                                                                              ? 
'C9 H11 N O3'     181.189 
VAL 'L-peptide linking' y VALINE                                                                                                ? 
'C5 H11 N O2'     117.146 
ZJW non-polymer         . 'N-[2-(3-ethyl-4H-1,2,4-triazol-4-yl)ethyl]-4-(5-methylthiophene-2-carbonyl)piperazine-1-carboxamide' ? 
'C17 H24 N6 O2 S' 376.476 
# 
loop_
_pdbx_poly_seq_scheme.asym_id 
_pdbx_poly_seq_scheme.entity_id 
_pdbx_poly_seq_scheme.seq_id 
_pdbx_poly_seq_scheme.mon_id 
_pdbx_poly_seq_scheme.ndb_seq_num 
_pdbx_poly_seq_scheme.pdb_seq_num 
_pdbx_poly_seq_scheme.auth_seq_num 
_pdbx_poly_seq_scheme.pdb_mon_id 
_pdbx_poly_seq_scheme.auth_mon_id 
_pdbx_poly_seq_scheme.pdb_strand_id 
_pdbx_poly_seq_scheme.pdb_ins_code 
_pdbx_poly_seq_scheme.hetero 
A 1 1   MET 1   1292 ?    ?   ?   A . n 
A 1 2   HIS 2   1293 ?    ?   ?   A . n 
A 1 3   HIS 3   1294 ?    ?   ?   A . n 
A 1 4   HIS 4   1295 ?    ?   ?   A . n 
A 1 5   HIS 5   1296 ?    ?   ?   A . n 
A 1 6   HIS 6   1297 ?    ?   ?   A . n 
A 1 7   HIS 7   1298 ?    ?   ?   A . n 
A 1 8   SER 8   1299 ?    ?   ?   A . n 
A 1 9   SER 9   1300 ?    ?   ?   A . n 
A 1 10  GLY 10  1301 ?    ?   ?   A . n 
A 1 11  VAL 11  1302 ?    ?   ?   A . n 
A 1 12  ASP 12  1303 ?    ?   ?   A . n 
A 1 13  LEU 13  1304 ?    ?   ?   A . n 
A 1 14  GLY 14  1305 ?    ?   ?   A . n 
A 1 15  THR 15  1306 ?    ?   ?   A . n 
A 1 16  GLU 16  1307 ?    ?   ?   A . n 
A 1 17  ASN 17  1308 ?    ?   ?   A . n 
A 1 18  LEU 18  1309 ?    ?   ?   A . n 
A 1 19  TYR 19  1310 ?    ?   ?   A . n 
A 1 20  PHE 20  1311 ?    ?   ?   A . n 
A 1 21  GLN 21  1312 ?    ?   ?   A . n 
A 1 22  SER 22  1313 ?    ?   ?   A . n 
A 1 23  MET 23  1314 ?    ?   ?   A . n 
A 1 24  SER 24  1315 1315 SER SER A . n 
A 1 25  TYR 25  1316 1316 TYR TYR A . n 
A 1 26  ASP 26  1317 1317 ASP ASP A . n 
A 1 27  ILE 27  1318 1318 ILE ILE A . n 
A 1 28  GLN 28  1319 1319 GLN GLN A . n 
A 1 29  ALA 29  1320 1320 ALA ALA A . n 
A 1 30  TRP 30  1321 1321 TRP TRP A . n 
A 1 31  LYS 31  1322 1322 LYS LYS A . n 
A 1 32  LYS 32  1323 1323 LYS LYS A . n 
A 1 33  GLN 33  1324 1324 GLN GLN A . n 
A 1 34  CYS 34  1325 1325 CYS CYS A . n 
A 1 35  GLU 35  1326 1326 GLU GLU A . n 
A 1 36  GLU 36  1327 1327 GLU GLU A . n 
A 1 37  LEU 37  1328 1328 LEU LEU A . n 
A 1 38  LEU 38  1329 1329 LEU LEU A . n 
A 1 39  ASN 39  1330 1330 ASN ASN A . n 
A 1 40  LEU 40  1331 1331 LEU LEU A . n 
A 1 41  ILE 41  1332 1332 ILE ILE A . n 
A 1 42  PHE 42  1333 1333 PHE PHE A . n 
A 1 43  GLN 43  1334 1334 GLN GLN A . n 
A 1 44  CYS 44  1335 1335 CYS CYS A . n 
A 1 45  GLU 45  1336 1336 GLU GLU A . n 
A 1 46  ASP 46  1337 1337 ASP ASP A . n 
A 1 47  SER 47  1338 1338 SER SER A . n 
A 1 48  GLU 48  1339 1339 GLU GLU A . n 
A 1 49  PRO 49  1340 1340 PRO PRO A . n 
A 1 50  PHE 50  1341 1341 PHE PHE A . n 
A 1 51  ARG 51  1342 1342 ARG ARG A . n 
A 1 52  GLN 52  1343 1343 GLN GLN A . n 
A 1 53  PRO 53  1344 1344 PRO PRO A . n 
A 1 54  VAL 54  1345 1345 VAL VAL A . n 
A 1 55  ASP 55  1346 1346 ASP ASP A . n 
A 1 56  LEU 56  1347 1347 LEU LEU A . n 
A 1 57  LEU 57  1348 1348 LEU LEU A . n 
A 1 58  GLU 58  1349 1349 GLU GLU A . n 
A 1 59  TYR 59  1350 1350 TYR TYR A . n 
A 1 60  PRO 60  1351 1351 PRO PRO A . n 
A 1 61  ASP 61  1352 1352 ASP ASP A . n 
A 1 62  TYR 62  1353 1353 TYR TYR A . n 
A 1 63  ARG 63  1354 1354 ARG ARG A . n 
A 1 64  ASP 64  1355 1355 ASP ASP A . n 
A 1 65  ILE 65  1356 1356 ILE ILE A . n 
A 1 66  ILE 66  1357 1357 ILE ILE A . n 
A 1 67  ASP 67  1358 1358 ASP ASP A . n 
A 1 68  THR 68  1359 1359 THR THR A . n 
A 1 69  PRO 69  1360 1360 PRO PRO A . n 
A 1 70  MET 70  1361 1361 MET MET A . n 
A 1 71  ASP 71  1362 1362 ASP ASP A . n 
A 1 72  PHE 72  1363 1363 PHE PHE A . n 
A 1 73  ALA 73  1364 1364 ALA ALA A . n 
A 1 74  THR 74  1365 1365 THR THR A . n 
A 1 75  VAL 75  1366 1366 VAL VAL A . n 
A 1 76  ARG 76  1367 1367 ARG ARG A . n 
A 1 77  GLU 77  1368 1368 GLU GLU A . n 
A 1 78  THR 78  1369 1369 THR THR A . n 
A 1 79  LEU 79  1370 1370 LEU LEU A . n 
A 1 80  GLU 80  1371 1371 GLU GLU A . n 
A 1 81  ALA 81  1372 1372 ALA ALA A . n 
A 1 82  GLY 82  1373 1373 GLY GLY A . n 
A 1 83  ASN 83  1374 1374 ASN ASN A . n 
A 1 84  TYR 84  1375 1375 TYR TYR A . n 
A 1 85  GLU 85  1376 1376 GLU GLU A . n 
A 1 86  SER 86  1377 1377 SER SER A . n 
A 1 87  PRO 87  1378 1378 PRO PRO A . n 
A 1 88  MET 88  1379 1379 MET MET A . n 
A 1 89  GLU 89  1380 1380 GLU GLU A . n 
A 1 90  LEU 90  1381 1381 LEU LEU A . n 
A 1 91  CYS 91  1382 1382 CYS CYS A . n 
A 1 92  LYS 92  1383 1383 LYS LYS A . n 
A 1 93  ASP 93  1384 1384 ASP ASP A . n 
A 1 94  VAL 94  1385 1385 VAL VAL A . n 
A 1 95  ARG 95  1386 1386 ARG ARG A . n 
A 1 96  LEU 96  1387 1387 LEU LEU A . n 
A 1 97  ILE 97  1388 1388 ILE ILE A . n 
A 1 98  PHE 98  1389 1389 PHE PHE A . n 
A 1 99  SER 99  1390 1390 SER SER A . n 
A 1 100 ASN 100 1391 1391 ASN ASN A . n 
A 1 101 SER 101 1392 1392 SER SER A . n 
A 1 102 LYS 102 1393 1393 LYS LYS A . n 
A 1 103 ALA 103 1394 1394 ALA ALA A . n 
A 1 104 TYR 104 1395 1395 TYR TYR A . n 
A 1 105 THR 105 1396 1396 THR THR A . n 
A 1 106 PRO 106 1397 1397 PRO PRO A . n 
A 1 107 SER 107 1398 1398 SER SER A . n 
A 1 108 LYS 108 1399 1399 LYS LYS A . n 
A 1 109 ARG 109 1400 1400 ARG ARG A . n 
A 1 110 SER 110 1401 1401 SER SER A . n 
A 1 111 ARG 111 1402 1402 ARG ARG A . n 
A 1 112 ILE 112 1403 1403 ILE ILE A . n 
A 1 113 TYR 113 1404 1404 TYR TYR A . n 
A 1 114 SER 114 1405 1405 SER SER A . n 
A 1 115 MET 115 1406 1406 MET MET A . n 
A 1 116 SER 116 1407 1407 SER SER A . n 
A 1 117 LEU 117 1408 1408 LEU LEU A . n 
A 1 118 ARG 118 1409 1409 ARG ARG A . n 
A 1 119 LEU 119 1410 1410 LEU LEU A . n 
A 1 120 SER 120 1411 1411 SER SER A . n 
A 1 121 ALA 121 1412 1412 ALA ALA A . n 
A 1 122 PHE 122 1413 1413 PHE PHE A . n 
A 1 123 PHE 123 1414 1414 PHE PHE A . n 
A 1 124 GLU 124 1415 1415 GLU GLU A . n 
A 1 125 GLU 125 1416 1416 GLU GLU A . n 
A 1 126 HIS 126 1417 1417 HIS HIS A . n 
A 1 127 ILE 127 1418 1418 ILE ILE A . n 
A 1 128 SER 128 1419 1419 SER SER A . n 
A 1 129 SER 129 1420 1420 SER SER A . n 
A 1 130 VAL 130 1421 1421 VAL VAL A . n 
A 1 131 LEU 131 1422 1422 LEU LEU A . n 
A 1 132 SER 132 1423 1423 SER SER A . n 
A 1 133 ASP 133 1424 1424 ASP ASP A . n 
A 1 134 TYR 134 1425 1425 TYR TYR A . n 
A 1 135 LYS 135 1426 1426 LYS LYS A . n 
A 1 136 SER 136 1427 1427 SER SER A . n 
A 1 137 ALA 137 1428 1428 ALA ALA A . n 
A 1 138 LEU 138 1429 1429 LEU LEU A . n 
A 1 139 ARG 139 1430 1430 ARG ARG A . n 
A 1 140 PHE 140 1431 1431 PHE PHE A . n 
A 1 141 HIS 141 1432 1432 HIS HIS A . n 
A 1 142 LYS 142 1433 1433 LYS LYS A . n 
A 1 143 ARG 143 1434 1434 ARG ARG A . n 
A 1 144 ASN 144 1435 1435 ASN ASN A . n 
A 1 145 THR 145 1436 ?    ?   ?   A . n 
A 1 146 ILE 146 1437 ?    ?   ?   A . n 
A 1 147 THR 147 1438 ?    ?   ?   A . n 
A 1 148 LYS 148 1439 ?    ?   ?   A . n 
A 1 149 ARG 149 1440 ?    ?   ?   A . n 
# 
loop_
_pdbx_nonpoly_scheme.asym_id 
_pdbx_nonpoly_scheme.entity_id 
_pdbx_nonpoly_scheme.mon_id 
_pdbx_nonpoly_scheme.ndb_seq_num 
_pdbx_nonpoly_scheme.pdb_seq_num 
_pdbx_nonpoly_scheme.auth_seq_num 
_pdbx_nonpoly_scheme.pdb_mon_id 
_pdbx_nonpoly_scheme.auth_mon_id 
_pdbx_nonpoly_scheme.pdb_strand_id 
_pdbx_nonpoly_scheme.pdb_ins_code 
B 2 ZJW 1   1901 1901 ZJW LIG A . 
C 3 HOH 1   2001 1771 HOH HOH A . 
C 3 HOH 2   2002 1610 HOH HOH A . 
C 3 HOH 3   2003 2    HOH HOH A . 
C 3 HOH 4   2004 1607 HOH HOH A . 
C 3 HOH 5   2005 1757 HOH HOH A . 
C 3 HOH 6   2006 1739 HOH HOH A . 
C 3 HOH 7   2007 1712 HOH HOH A . 
C 3 HOH 8   2008 1612 HOH HOH A . 
C 3 HOH 9   2009 1614 HOH HOH A . 
C 3 HOH 10  2010 1748 HOH HOH A . 
C 3 HOH 11  2011 1624 HOH HOH A . 
C 3 HOH 12  2012 1603 HOH HOH A . 
C 3 HOH 13  2013 17   HOH HOH A . 
C 3 HOH 14  2014 1605 HOH HOH A . 
C 3 HOH 15  2015 1609 HOH HOH A . 
C 3 HOH 16  2016 1602 HOH HOH A . 
C 3 HOH 17  2017 1604 HOH HOH A . 
C 3 HOH 18  2018 1676 HOH HOH A . 
C 3 HOH 19  2019 16   HOH HOH A . 
C 3 HOH 20  2020 1629 HOH HOH A . 
C 3 HOH 21  2021 1622 HOH HOH A . 
C 3 HOH 22  2022 1616 HOH HOH A . 
C 3 HOH 23  2023 1625 HOH HOH A . 
C 3 HOH 24  2024 1678 HOH HOH A . 
C 3 HOH 25  2025 1626 HOH HOH A . 
C 3 HOH 26  2026 1646 HOH HOH A . 
C 3 HOH 27  2027 1634 HOH HOH A . 
C 3 HOH 28  2028 1649 HOH HOH A . 
C 3 HOH 29  2029 1631 HOH HOH A . 
C 3 HOH 30  2030 1615 HOH HOH A . 
C 3 HOH 31  2031 1638 HOH HOH A . 
C 3 HOH 32  2032 1628 HOH HOH A . 
C 3 HOH 33  2033 1665 HOH HOH A . 
C 3 HOH 34  2034 1733 HOH HOH A . 
C 3 HOH 35  2035 3    HOH HOH A . 
C 3 HOH 36  2036 1658 HOH HOH A . 
C 3 HOH 37  2037 1663 HOH HOH A . 
C 3 HOH 38  2038 1617 HOH HOH A . 
C 3 HOH 39  2039 1655 HOH HOH A . 
C 3 HOH 40  2040 1641 HOH HOH A . 
C 3 HOH 41  2041 5    HOH HOH A . 
C 3 HOH 42  2042 1644 HOH HOH A . 
C 3 HOH 43  2043 1718 HOH HOH A . 
C 3 HOH 44  2044 1732 HOH HOH A . 
C 3 HOH 45  2045 1620 HOH HOH A . 
C 3 HOH 46  2046 1645 HOH HOH A . 
C 3 HOH 47  2047 1632 HOH HOH A . 
C 3 HOH 48  2048 1630 HOH HOH A . 
C 3 HOH 49  2049 1623 HOH HOH A . 
C 3 HOH 50  2050 6    HOH HOH A . 
C 3 HOH 51  2051 1672 HOH HOH A . 
C 3 HOH 52  2052 1680 HOH HOH A . 
C 3 HOH 53  2053 1779 HOH HOH A . 
C 3 HOH 54  2054 1683 HOH HOH A . 
C 3 HOH 55  2055 1673 HOH HOH A . 
C 3 HOH 56  2056 1677 HOH HOH A . 
C 3 HOH 57  2057 1668 HOH HOH A . 
C 3 HOH 58  2058 1681 HOH HOH A . 
C 3 HOH 59  2059 1664 HOH HOH A . 
C 3 HOH 60  2060 1650 HOH HOH A . 
C 3 HOH 61  2061 1690 HOH HOH A . 
C 3 HOH 62  2062 4    HOH HOH A . 
C 3 HOH 63  2063 1687 HOH HOH A . 
C 3 HOH 64  2064 1767 HOH HOH A . 
C 3 HOH 65  2065 1696 HOH HOH A . 
C 3 HOH 66  2066 1666 HOH HOH A . 
C 3 HOH 67  2067 1643 HOH HOH A . 
C 3 HOH 68  2068 1760 HOH HOH A . 
C 3 HOH 69  2069 1679 HOH HOH A . 
C 3 HOH 70  2070 1674 HOH HOH A . 
C 3 HOH 71  2071 1694 HOH HOH A . 
C 3 HOH 72  2072 1662 HOH HOH A . 
C 3 HOH 73  2073 1675 HOH HOH A . 
C 3 HOH 74  2074 1689 HOH HOH A . 
C 3 HOH 75  2075 1725 HOH HOH A . 
C 3 HOH 76  2076 1652 HOH HOH A . 
C 3 HOH 77  2077 1670 HOH HOH A . 
C 3 HOH 78  2078 1633 HOH HOH A . 
C 3 HOH 79  2079 1693 HOH HOH A . 
C 3 HOH 80  2080 1700 HOH HOH A . 
C 3 HOH 81  2081 1613 HOH HOH A . 
C 3 HOH 82  2082 1611 HOH HOH A . 
C 3 HOH 83  2083 1699 HOH HOH A . 
C 3 HOH 84  2084 1619 HOH HOH A . 
C 3 HOH 85  2085 1682 HOH HOH A . 
C 3 HOH 86  2086 1671 HOH HOH A . 
C 3 HOH 87  2087 1728 HOH HOH A . 
C 3 HOH 88  2088 1688 HOH HOH A . 
C 3 HOH 89  2089 1637 HOH HOH A . 
C 3 HOH 90  2090 1651 HOH HOH A . 
C 3 HOH 91  2091 1704 HOH HOH A . 
C 3 HOH 92  2092 1721 HOH HOH A . 
C 3 HOH 93  2093 1601 HOH HOH A . 
C 3 HOH 94  2094 1686 HOH HOH A . 
C 3 HOH 95  2095 1740 HOH HOH A . 
C 3 HOH 96  2096 1714 HOH HOH A . 
C 3 HOH 97  2097 24   HOH HOH A . 
C 3 HOH 98  2098 1692 HOH HOH A . 
C 3 HOH 99  2099 1661 HOH HOH A . 
C 3 HOH 100 2100 1727 HOH HOH A . 
C 3 HOH 101 2101 1722 HOH HOH A . 
C 3 HOH 102 2102 26   HOH HOH A . 
C 3 HOH 103 2103 1685 HOH HOH A . 
C 3 HOH 104 2104 18   HOH HOH A . 
C 3 HOH 105 2105 1627 HOH HOH A . 
C 3 HOH 106 2106 1709 HOH HOH A . 
C 3 HOH 107 2107 1701 HOH HOH A . 
C 3 HOH 108 2108 1648 HOH HOH A . 
C 3 HOH 109 2109 1713 HOH HOH A . 
C 3 HOH 110 2110 20   HOH HOH A . 
C 3 HOH 111 2111 1708 HOH HOH A . 
C 3 HOH 112 2112 1734 HOH HOH A . 
C 3 HOH 113 2113 1640 HOH HOH A . 
C 3 HOH 114 2114 1684 HOH HOH A . 
C 3 HOH 115 2115 1715 HOH HOH A . 
C 3 HOH 116 2116 1719 HOH HOH A . 
C 3 HOH 117 2117 1669 HOH HOH A . 
C 3 HOH 118 2118 1741 HOH HOH A . 
C 3 HOH 119 2119 1711 HOH HOH A . 
C 3 HOH 120 2120 1723 HOH HOH A . 
C 3 HOH 121 2121 22   HOH HOH A . 
C 3 HOH 122 2122 1702 HOH HOH A . 
C 3 HOH 123 2123 1773 HOH HOH A . 
C 3 HOH 124 2124 27   HOH HOH A . 
C 3 HOH 125 2125 1621 HOH HOH A . 
C 3 HOH 126 2126 7    HOH HOH A . 
C 3 HOH 127 2127 1706 HOH HOH A . 
C 3 HOH 128 2128 1737 HOH HOH A . 
C 3 HOH 129 2129 1720 HOH HOH A . 
C 3 HOH 130 2130 1724 HOH HOH A . 
C 3 HOH 131 2131 1667 HOH HOH A . 
C 3 HOH 132 2132 1710 HOH HOH A . 
C 3 HOH 133 2133 1747 HOH HOH A . 
C 3 HOH 134 2134 1729 HOH HOH A . 
C 3 HOH 135 2135 1736 HOH HOH A . 
C 3 HOH 136 2136 1697 HOH HOH A . 
C 3 HOH 137 2137 1716 HOH HOH A . 
C 3 HOH 138 2138 1801 HOH HOH A . 
C 3 HOH 139 2139 1726 HOH HOH A . 
C 3 HOH 140 2140 1735 HOH HOH A . 
C 3 HOH 141 2141 1695 HOH HOH A . 
C 3 HOH 142 2142 1647 HOH HOH A . 
C 3 HOH 143 2143 1744 HOH HOH A . 
C 3 HOH 144 2144 1703 HOH HOH A . 
C 3 HOH 145 2145 1730 HOH HOH A . 
C 3 HOH 146 2146 1    HOH HOH A . 
C 3 HOH 147 2147 1635 HOH HOH A . 
C 3 HOH 148 2148 1656 HOH HOH A . 
C 3 HOH 149 2149 1746 HOH HOH A . 
C 3 HOH 150 2150 23   HOH HOH A . 
C 3 HOH 151 2151 1749 HOH HOH A . 
C 3 HOH 152 2152 1752 HOH HOH A . 
C 3 HOH 153 2153 1756 HOH HOH A . 
C 3 HOH 154 2154 1751 HOH HOH A . 
C 3 HOH 155 2155 1731 HOH HOH A . 
C 3 HOH 156 2156 1753 HOH HOH A . 
C 3 HOH 157 2157 1755 HOH HOH A . 
C 3 HOH 158 2158 1754 HOH HOH A . 
C 3 HOH 159 2159 9    HOH HOH A . 
C 3 HOH 160 2160 1642 HOH HOH A . 
C 3 HOH 161 2161 1766 HOH HOH A . 
C 3 HOH 162 2162 1795 HOH HOH A . 
C 3 HOH 163 2163 1759 HOH HOH A . 
C 3 HOH 164 2164 1742 HOH HOH A . 
C 3 HOH 165 2165 1769 HOH HOH A . 
C 3 HOH 166 2166 1762 HOH HOH A . 
C 3 HOH 167 2167 1770 HOH HOH A . 
C 3 HOH 168 2168 1794 HOH HOH A . 
C 3 HOH 169 2169 14   HOH HOH A . 
C 3 HOH 170 2170 1758 HOH HOH A . 
C 3 HOH 171 2171 1765 HOH HOH A . 
C 3 HOH 172 2172 10   HOH HOH A . 
C 3 HOH 173 2173 1743 HOH HOH A . 
C 3 HOH 174 2174 1763 HOH HOH A . 
C 3 HOH 175 2175 1784 HOH HOH A . 
C 3 HOH 176 2176 28   HOH HOH A . 
C 3 HOH 177 2177 1774 HOH HOH A . 
C 3 HOH 178 2178 1764 HOH HOH A . 
C 3 HOH 179 2179 1786 HOH HOH A . 
C 3 HOH 180 2180 21   HOH HOH A . 
C 3 HOH 181 2181 1777 HOH HOH A . 
C 3 HOH 182 2182 1796 HOH HOH A . 
C 3 HOH 183 2183 19   HOH HOH A . 
C 3 HOH 184 2184 1783 HOH HOH A . 
C 3 HOH 185 2185 1775 HOH HOH A . 
C 3 HOH 186 2186 1778 HOH HOH A . 
C 3 HOH 187 2187 1781 HOH HOH A . 
C 3 HOH 188 2188 12   HOH HOH A . 
C 3 HOH 189 2189 1785 HOH HOH A . 
C 3 HOH 190 2190 1782 HOH HOH A . 
C 3 HOH 191 2191 1768 HOH HOH A . 
C 3 HOH 192 2192 1780 HOH HOH A . 
C 3 HOH 193 2193 11   HOH HOH A . 
C 3 HOH 194 2194 1787 HOH HOH A . 
C 3 HOH 195 2195 1789 HOH HOH A . 
C 3 HOH 196 2196 1791 HOH HOH A . 
C 3 HOH 197 2197 1790 HOH HOH A . 
C 3 HOH 198 2198 1792 HOH HOH A . 
C 3 HOH 199 2199 15   HOH HOH A . 
C 3 HOH 200 2200 1798 HOH HOH A . 
C 3 HOH 201 2201 1793 HOH HOH A . 
C 3 HOH 202 2202 29   HOH HOH A . 
C 3 HOH 203 2203 1797 HOH HOH A . 
C 3 HOH 204 2204 1799 HOH HOH A . 
C 3 HOH 205 2205 1800 HOH HOH A . 
# 
loop_
_pdbx_unobs_or_zero_occ_atoms.id 
_pdbx_unobs_or_zero_occ_atoms.PDB_model_num 
_pdbx_unobs_or_zero_occ_atoms.polymer_flag 
_pdbx_unobs_or_zero_occ_atoms.occupancy_flag 
_pdbx_unobs_or_zero_occ_atoms.auth_asym_id 
_pdbx_unobs_or_zero_occ_atoms.auth_comp_id 
_pdbx_unobs_or_zero_occ_atoms.auth_seq_id 
_pdbx_unobs_or_zero_occ_atoms.PDB_ins_code 
_pdbx_unobs_or_zero_occ_atoms.auth_atom_id 
_pdbx_unobs_or_zero_occ_atoms.label_alt_id 
_pdbx_unobs_or_zero_occ_atoms.label_asym_id 
_pdbx_unobs_or_zero_occ_atoms.label_comp_id 
_pdbx_unobs_or_zero_occ_atoms.label_seq_id 
_pdbx_unobs_or_zero_occ_atoms.label_atom_id 
1 1 Y 1 A GLN 1334 ? CD  ? A GLN 43 CD  
2 1 Y 1 A GLN 1334 ? OE1 ? A GLN 43 OE1 
3 1 Y 1 A GLN 1334 ? NE2 ? A GLN 43 NE2 
# 
loop_
_software.pdbx_ordinal 
_software.name 
_software.version 
_software.date 
_software.type 
_software.contact_author 
_software.contact_author_email 
_software.classification 
_software.location 
_software.language 
_software.citation_id 
1 REFMAC      5.8.0267 ?               program 'Garib N. Murshudov' garib@ysbl.york.ac.uk    refinement        
http://www.ccp4.ac.uk/dist/html/refmac5.html        Fortran_77 ? 
2 Aimless     0.7.7    23/04/21        program 'Phil Evans'         ?                        'data scaling'    
http://www.mrc-lmb.cam.ac.uk/harry/pre/aimless.html ?          ? 
3 PDB_EXTRACT 3.23     'SEP. 23, 2016' package PDB                  deposit@deposit.rcsb.org 'data extraction' 
http://sw-tools.pdb.org/apps/PDB_EXTRACT/           C++        ? 
4 XDS         .        ?               program ?                    ?                        'data reduction'  ? ?          ? 
5 REFMAC      .        ?               program ?                    ?                        phasing           ? ?          ? 
# 
_cell.entry_id           7FUY 
_cell.length_a           81.976 
_cell.length_b           27.440 
_cell.length_c           56.290 
_cell.angle_alpha        90.000 
_cell.angle_beta         99.940 
_cell.angle_gamma        90.000 
_cell.Z_PDB              4 
_cell.pdbx_unique_axis   ? 
# 
_symmetry.entry_id                         7FUY 
_symmetry.space_group_name_H-M             'C 1 2 1' 
_symmetry.pdbx_full_space_group_name_H-M   ? 
_symmetry.cell_setting                     ? 
_symmetry.Int_Tables_number                5 
# 
_exptl.crystals_number   1 
_exptl.entry_id          7FUY 
_exptl.method            'X-RAY DIFFRACTION' 
# 
_exptl_crystal.id                    1 
_exptl_crystal.pdbx_mosaicity        0.000 
_exptl_crystal.pdbx_mosaicity_esd    ? 
_exptl_crystal.density_Matthews      1.77 
_exptl_crystal.density_diffrn        ? 
_exptl_crystal.density_meas          ? 
_exptl_crystal.density_meas_temp     ? 
_exptl_crystal.density_percent_sol   30.46 
_exptl_crystal.size_max              ? 
_exptl_crystal.size_mid              ? 
_exptl_crystal.size_min              ? 
_exptl_crystal.size_rad              ? 
_exptl_crystal.description           ? 
# 
_exptl_crystal_grow.crystal_id      1 
_exptl_crystal_grow.method          'VAPOR DIFFUSION, SITTING DROP' 
_exptl_crystal_grow.pH              5.6 
_exptl_crystal_grow.temp            277 
_exptl_crystal_grow.pdbx_details    '20% PEG 8000, 0.04M potassium phosphate' 
_exptl_crystal_grow.temp_details    ? 
_exptl_crystal_grow.pdbx_pH_range   ? 
# 
_diffrn.id                     1 
_diffrn.ambient_temp           100 
_diffrn.crystal_id             1 
_diffrn.ambient_temp_details   ? 
# 
_diffrn_detector.detector               PIXEL 
_diffrn_detector.type                   'DECTRIS PILATUS 6M' 
_diffrn_detector.pdbx_collection_date   2022-09-24 
_diffrn_detector.diffrn_id              1 
_diffrn_detector.details                ? 
# 
_diffrn_radiation.diffrn_id                        1 
_diffrn_radiation.wavelength_id                    1 
_diffrn_radiation.pdbx_diffrn_protocol             'SINGLE WAVELENGTH' 
_diffrn_radiation.pdbx_monochromatic_or_laue_m_l   ? 
_diffrn_radiation.monochromator                    ? 
_diffrn_radiation.pdbx_scattering_type             x-ray 
# 
_diffrn_radiation_wavelength.id           1 
_diffrn_radiation_wavelength.wavelength   0.92124 
_diffrn_radiation_wavelength.wt           1.0 
# 
_diffrn_source.diffrn_id                   1 
_diffrn_source.source                      SYNCHROTRON 
_diffrn_source.type                        'DIAMOND BEAMLINE I04-1' 
_diffrn_source.pdbx_wavelength_list        0.92124 
_diffrn_source.pdbx_synchrotron_site       Diamond 
_diffrn_source.pdbx_synchrotron_beamline   I04-1 
_diffrn_source.pdbx_wavelength             ? 
# 
_reflns.entry_id                     7FUY 
_reflns.pdbx_diffrn_id               1 
_reflns.pdbx_ordinal                 1 
_reflns.observed_criterion_sigma_I   ? 
_reflns.observed_criterion_sigma_F   ? 
_reflns.d_resolution_low             55.470 
_reflns.d_resolution_high            1.150 
_reflns.number_obs                   29802 
_reflns.number_all                   ? 
_reflns.percent_possible_obs         67.300 
_reflns.pdbx_Rmerge_I_obs            0.051 
_reflns.pdbx_Rsym_value              ? 
_reflns.pdbx_netI_over_sigmaI        21.200 
_reflns.B_iso_Wilson_estimate        ? 
_reflns.pdbx_redundancy              5.800 
_reflns.pdbx_Rrim_I_all              0.056 
_reflns.pdbx_Rpim_I_all              0.023 
_reflns.pdbx_CC_half                 0.995 
_reflns.pdbx_netI_over_av_sigmaI     ? 
_reflns.pdbx_number_measured_all     173485 
_reflns.pdbx_scaling_rejects         0 
_reflns.pdbx_chi_squared             ? 
_reflns.Rmerge_F_all                 ? 
_reflns.Rmerge_F_obs                 ? 
_reflns.observed_criterion_F_max     ? 
_reflns.observed_criterion_F_min     ? 
_reflns.observed_criterion_I_max     ? 
_reflns.observed_criterion_I_min     ? 
_reflns.pdbx_d_res_high_opt          ? 
_reflns.pdbx_d_res_low_opt           ? 
_reflns.details                      ? 
# 
loop_
_reflns_shell.pdbx_diffrn_id 
_reflns_shell.pdbx_ordinal 
_reflns_shell.d_res_high 
_reflns_shell.d_res_low 
_reflns_shell.number_measured_obs 
_reflns_shell.number_measured_all 
_reflns_shell.number_unique_obs 
_reflns_shell.pdbx_rejects 
_reflns_shell.Rmerge_I_obs 
_reflns_shell.meanI_over_sigI_obs 
_reflns_shell.pdbx_Rsym_value 
_reflns_shell.pdbx_chi_squared 
_reflns_shell.pdbx_redundancy 
_reflns_shell.percent_possible_obs 
_reflns_shell.pdbx_netI_over_sigmaI_obs 
_reflns_shell.number_possible 
_reflns_shell.number_unique_all 
_reflns_shell.Rmerge_F_all 
_reflns_shell.Rmerge_F_obs 
_reflns_shell.Rmerge_I_all 
_reflns_shell.meanI_over_sigI_all 
_reflns_shell.percent_possible_all 
_reflns_shell.pdbx_Rrim_I_all 
_reflns_shell.pdbx_Rpim_I_all 
_reflns_shell.pdbx_CC_half 
1 1 1.150 1.170  ? 138  ? ? 0.951 ? ? ? 1.300 ? 0.400  ? 104 ? ? ? ? 4.700  1.345 0.951 0.144 
1 2 6.300 55.470 ? 1780 ? ? 0.050 ? ? ? 6.000 ? 67.600 ? 299 ? ? ? ? 99.400 0.055 0.023 0.996 
# 
_refine.entry_id                                 7FUY 
_refine.pdbx_refine_id                           'X-RAY DIFFRACTION' 
_refine.ls_d_res_high                            1.1500 
_refine.ls_d_res_low                             55.4500 
_refine.pdbx_ls_sigma_F                          0.000 
_refine.pdbx_data_cutoff_high_absF               ? 
_refine.pdbx_data_cutoff_low_absF                ? 
_refine.ls_percent_reflns_obs                    67.2000 
_refine.ls_number_reflns_obs                     28230 
_refine.ls_number_reflns_all                     ? 
_refine.pdbx_ls_cross_valid_method               THROUGHOUT 
_refine.ls_matrix_type                           ? 
_refine.pdbx_R_Free_selection_details            RANDOM 
_refine.details                                  
'HYDROGENS HAVE BEEN ADDED IN THE RIDING POSITIONS U VALUES      : REFINED INDIVIDUALLY' 
_refine.ls_R_factor_all                          ? 
_refine.ls_R_factor_obs                          0.1666 
_refine.ls_R_factor_R_work                       0.1654 
_refine.ls_wR_factor_R_work                      ? 
_refine.ls_R_factor_R_free                       0.1892 
_refine.ls_wR_factor_R_free                      ? 
_refine.ls_percent_reflns_R_free                 5.1000 
_refine.ls_number_reflns_R_free                  1505 
_refine.ls_number_reflns_R_work                  ? 
_refine.ls_R_factor_R_free_error                 ? 
_refine.B_iso_mean                               21.4750 
_refine.solvent_model_param_bsol                 ? 
_refine.solvent_model_param_ksol                 ? 
_refine.pdbx_isotropic_thermal_model             ? 
_refine.aniso_B[1][1]                            -0.1200 
_refine.aniso_B[2][2]                            1.1400 
_refine.aniso_B[3][3]                            -1.0700 
_refine.aniso_B[1][2]                            0.0000 
_refine.aniso_B[1][3]                            0.3400 
_refine.aniso_B[2][3]                            0.0000 
_refine.correlation_coeff_Fo_to_Fc               0.9730 
_refine.correlation_coeff_Fo_to_Fc_free          0.9640 
_refine.overall_SU_R_Cruickshank_DPI             ? 
_refine.pdbx_overall_SU_R_free_Cruickshank_DPI   ? 
_refine.pdbx_overall_SU_R_Blow_DPI               ? 
_refine.pdbx_overall_SU_R_free_Blow_DPI          ? 
_refine.overall_SU_R_free                        ? 
_refine.pdbx_overall_ESU_R                       0.0840 
_refine.pdbx_overall_ESU_R_Free                  0.0760 
_refine.overall_SU_ML                            0.0620 
_refine.overall_SU_B                             1.4580 
_refine.solvent_model_details                    MASK 
_refine.pdbx_solvent_vdw_probe_radii             1.2000 
_refine.pdbx_solvent_ion_probe_radii             0.8000 
_refine.pdbx_solvent_shrinkage_radii             0.8000 
_refine.ls_number_parameters                     ? 
_refine.ls_number_restraints                     ? 
_refine.pdbx_starting_model                      7av9 
_refine.pdbx_method_to_determine_struct          'FOURIER SYNTHESIS' 
_refine.pdbx_stereochemistry_target_values       'MAXIMUM LIKELIHOOD' 
_refine.pdbx_stereochem_target_val_spec_case     ? 
_refine.overall_FOM_work_R_set                   ? 
_refine.B_iso_max                                683.620 
_refine.B_iso_min                                11.580 
_refine.pdbx_overall_phase_error                 ? 
_refine.occupancy_max                            ? 
_refine.occupancy_min                            ? 
_refine.pdbx_diffrn_id                           1 
_refine.pdbx_TLS_residual_ADP_flag               ? 
_refine.pdbx_ls_sigma_I                          ? 
_refine.pdbx_data_cutoff_high_rms_absF           ? 
_refine.ls_R_factor_R_free_error_details         ? 
# 
_refine_hist.cycle_id                         final 
_refine_hist.pdbx_refine_id                   'X-RAY DIFFRACTION' 
_refine_hist.d_res_high                       1.1500 
_refine_hist.d_res_low                        55.4500 
_refine_hist.pdbx_number_atoms_ligand         26 
_refine_hist.number_atoms_solvent             205 
_refine_hist.number_atoms_total               1234 
_refine_hist.pdbx_number_residues_total       121 
_refine_hist.pdbx_B_iso_mean_ligand           44.92 
_refine_hist.pdbx_B_iso_mean_solvent          33.32 
_refine_hist.pdbx_number_atoms_protein        1003 
_refine_hist.pdbx_number_atoms_nucleic_acid   0 
# 
loop_
_refine_ls_restr.pdbx_refine_id 
_refine_ls_restr.type 
_refine_ls_restr.number 
_refine_ls_restr.dev_ideal 
_refine_ls_restr.dev_ideal_target 
_refine_ls_restr.weight 
_refine_ls_restr.pdbx_restraint_function 
'X-RAY DIFFRACTION' r_bond_refined_d       3213 0.007  0.015  ? ? 
'X-RAY DIFFRACTION' r_bond_other_d         2151 0.001  0.014  ? ? 
'X-RAY DIFFRACTION' r_angle_refined_deg    3218 1.572  1.676  ? ? 
'X-RAY DIFFRACTION' r_angle_other_deg      5012 1.394  1.587  ? ? 
'X-RAY DIFFRACTION' r_dihedral_angle_1_deg 291  5.695  5.000  ? ? 
'X-RAY DIFFRACTION' r_dihedral_angle_2_deg 143  25.079 20.000 ? ? 
'X-RAY DIFFRACTION' r_dihedral_angle_3_deg 404  13.503 15.000 ? ? 
'X-RAY DIFFRACTION' r_dihedral_angle_4_deg 24   14.056 15.000 ? ? 
'X-RAY DIFFRACTION' r_chiral_restr         296  0.077  0.200  ? ? 
'X-RAY DIFFRACTION' r_gen_planes_refined   2765 0.007  0.020  ? ? 
'X-RAY DIFFRACTION' r_gen_planes_other     576  0.002  0.020  ? ? 
'X-RAY DIFFRACTION' r_mcbond_it            1506 1.831  2.090  ? ? 
'X-RAY DIFFRACTION' r_mcbond_other         1450 1.862  1.982  ? ? 
'X-RAY DIFFRACTION' r_mcangle_it           1403 3.863  2.869  ? ? 
# 
_refine_ls_shell.d_res_high                       1.1510 
_refine_ls_shell.d_res_low                        1.1810 
_refine_ls_shell.pdbx_total_number_of_bins_used   20 
_refine_ls_shell.percent_reflns_obs               3.8800 
_refine_ls_shell.number_reflns_R_work             121 
_refine_ls_shell.R_factor_all                     ? 
_refine_ls_shell.R_factor_R_work                  0.3380 
_refine_ls_shell.R_factor_R_free                  0.2120 
_refine_ls_shell.percent_reflns_R_free            ? 
_refine_ls_shell.number_reflns_R_free             5 
_refine_ls_shell.R_factor_R_free_error            ? 
_refine_ls_shell.number_reflns_all                126 
_refine_ls_shell.number_reflns_obs                ? 
_refine_ls_shell.pdbx_refine_id                   'X-RAY DIFFRACTION' 
# 
_struct.entry_id                  7FUY 
_struct.title                     'PanDDA analysis group deposition -- PHIP in complex with Z1284554279' 
_struct.pdbx_model_details        ? 
_struct.pdbx_CASP_flag            ? 
_struct.pdbx_model_type_details   ? 
# 
_struct_keywords.entry_id        7FUY 
_struct_keywords.text            
'False negatives, ligand features, rescreening, catalogue, fragment follow-ups, automated chemistry, SIGNALING PROTEIN' 
_struct_keywords.pdbx_keywords   'SIGNALING PROTEIN' 
# 
loop_
_struct_asym.id 
_struct_asym.pdbx_blank_PDB_chainid_flag 
_struct_asym.pdbx_modified 
_struct_asym.entity_id 
_struct_asym.details 
A N N 1 ? 
B N N 2 ? 
C N N 3 ? 
# 
_struct_ref.id                         1 
_struct_ref.db_name                    UNP 
_struct_ref.db_code                    PHIP_HUMAN 
_struct_ref.pdbx_db_accession          Q8WWQ0 
_struct_ref.pdbx_db_isoform            ? 
_struct_ref.entity_id                  1 
_struct_ref.pdbx_seq_one_letter_code   
;SYDIQAWKKQCEELLNLIFQCEDSEPFRQPVDLLEYPDYRDIIDTPMDFATVRETLEAGNYESPMELCKDVRLIFSNSKA
YTPSKRSRIYSMSLRLSAFFEEHISSVLSDYKSALRFHKRNTITKR
;
_struct_ref.pdbx_align_begin           1315 
# 
_struct_ref_seq.align_id                      1 
_struct_ref_seq.ref_id                        1 
_struct_ref_seq.pdbx_PDB_id_code              7FUY 
_struct_ref_seq.pdbx_strand_id                A 
_struct_ref_seq.seq_align_beg                 24 
_struct_ref_seq.pdbx_seq_align_beg_ins_code   ? 
_struct_ref_seq.seq_align_end                 149 
_struct_ref_seq.pdbx_seq_align_end_ins_code   ? 
_struct_ref_seq.pdbx_db_accession             Q8WWQ0 
_struct_ref_seq.db_align_beg                  1315 
_struct_ref_seq.pdbx_db_align_beg_ins_code    ? 
_struct_ref_seq.db_align_end                  1440 
_struct_ref_seq.pdbx_db_align_end_ins_code    ? 
_struct_ref_seq.pdbx_auth_seq_align_beg       1315 
_struct_ref_seq.pdbx_auth_seq_align_end       1440 
# 
loop_
_struct_ref_seq_dif.align_id 
_struct_ref_seq_dif.pdbx_pdb_id_code 
_struct_ref_seq_dif.mon_id 
_struct_ref_seq_dif.pdbx_pdb_strand_id 
_struct_ref_seq_dif.seq_num 
_struct_ref_seq_dif.pdbx_pdb_ins_code 
_struct_ref_seq_dif.pdbx_seq_db_name 
_struct_ref_seq_dif.pdbx_seq_db_accession_code 
_struct_ref_seq_dif.db_mon_id 
_struct_ref_seq_dif.pdbx_seq_db_seq_num 
_struct_ref_seq_dif.details 
_struct_ref_seq_dif.pdbx_auth_seq_num 
_struct_ref_seq_dif.pdbx_ordinal 
1 7FUY MET A 1  ? UNP Q8WWQ0 ? ? 'initiating methionine' 1292 1  
1 7FUY HIS A 2  ? UNP Q8WWQ0 ? ? 'expression tag'        1293 2  
1 7FUY HIS A 3  ? UNP Q8WWQ0 ? ? 'expression tag'        1294 3  
1 7FUY HIS A 4  ? UNP Q8WWQ0 ? ? 'expression tag'        1295 4  
1 7FUY HIS A 5  ? UNP Q8WWQ0 ? ? 'expression tag'        1296 5  
1 7FUY HIS A 6  ? UNP Q8WWQ0 ? ? 'expression tag'        1297 6  
1 7FUY HIS A 7  ? UNP Q8WWQ0 ? ? 'expression tag'        1298 7  
1 7FUY SER A 8  ? UNP Q8WWQ0 ? ? 'expression tag'        1299 8  
1 7FUY SER A 9  ? UNP Q8WWQ0 ? ? 'expression tag'        1300 9  
1 7FUY GLY A 10 ? UNP Q8WWQ0 ? ? 'expression tag'        1301 10 
1 7FUY VAL A 11 ? UNP Q8WWQ0 ? ? 'expression tag'        1302 11 
1 7FUY ASP A 12 ? UNP Q8WWQ0 ? ? 'expression tag'        1303 12 
1 7FUY LEU A 13 ? UNP Q8WWQ0 ? ? 'expression tag'        1304 13 
1 7FUY GLY A 14 ? UNP Q8WWQ0 ? ? 'expression tag'        1305 14 
1 7FUY THR A 15 ? UNP Q8WWQ0 ? ? 'expression tag'        1306 15 
1 7FUY GLU A 16 ? UNP Q8WWQ0 ? ? 'expression tag'        1307 16 
1 7FUY ASN A 17 ? UNP Q8WWQ0 ? ? 'expression tag'        1308 17 
1 7FUY LEU A 18 ? UNP Q8WWQ0 ? ? 'expression tag'        1309 18 
1 7FUY TYR A 19 ? UNP Q8WWQ0 ? ? 'expression tag'        1310 19 
1 7FUY PHE A 20 ? UNP Q8WWQ0 ? ? 'expression tag'        1311 20 
1 7FUY GLN A 21 ? UNP Q8WWQ0 ? ? 'expression tag'        1312 21 
1 7FUY SER A 22 ? UNP Q8WWQ0 ? ? 'expression tag'        1313 22 
1 7FUY MET A 23 ? UNP Q8WWQ0 ? ? 'expression tag'        1314 23 
# 
_pdbx_struct_assembly.id                   1 
_pdbx_struct_assembly.details              author_and_software_defined_assembly 
_pdbx_struct_assembly.method_details       PISA 
_pdbx_struct_assembly.oligomeric_details   monomeric 
_pdbx_struct_assembly.oligomeric_count     1 
# 
_pdbx_struct_assembly_gen.assembly_id       1 
_pdbx_struct_assembly_gen.oper_expression   1 
_pdbx_struct_assembly_gen.asym_id_list      A,B,C 
# 
_pdbx_struct_oper_list.id                   1 
_pdbx_struct_oper_list.type                 'identity operation' 
_pdbx_struct_oper_list.name                 1_555 
_pdbx_struct_oper_list.symmetry_operation   x,y,z 
_pdbx_struct_oper_list.matrix[1][1]         1.0000000000 
_pdbx_struct_oper_list.matrix[1][2]         0.0000000000 
_pdbx_struct_oper_list.matrix[1][3]         0.0000000000 
_pdbx_struct_oper_list.vector[1]            0.0000000000 
_pdbx_struct_oper_list.matrix[2][1]         0.0000000000 
_pdbx_struct_oper_list.matrix[2][2]         1.0000000000 
_pdbx_struct_oper_list.matrix[2][3]         0.0000000000 
_pdbx_struct_oper_list.vector[2]            0.0000000000 
_pdbx_struct_oper_list.matrix[3][1]         0.0000000000 
_pdbx_struct_oper_list.matrix[3][2]         0.0000000000 
_pdbx_struct_oper_list.matrix[3][3]         1.0000000000 
_pdbx_struct_oper_list.vector[3]            0.0000000000 
# 
loop_
_struct_conf.conf_type_id 
_struct_conf.id 
_struct_conf.pdbx_PDB_helix_id 
_struct_conf.beg_label_comp_id 
_struct_conf.beg_label_asym_id 
_struct_conf.beg_label_seq_id 
_struct_conf.pdbx_beg_PDB_ins_code 
_struct_conf.end_label_comp_id 
_struct_conf.end_label_asym_id 
_struct_conf.end_label_seq_id 
_struct_conf.pdbx_end_PDB_ins_code 
_struct_conf.beg_auth_comp_id 
_struct_conf.beg_auth_asym_id 
_struct_conf.beg_auth_seq_id 
_struct_conf.end_auth_comp_id 
_struct_conf.end_auth_asym_id 
_struct_conf.end_auth_seq_id 
_struct_conf.pdbx_PDB_helix_class 
_struct_conf.details 
_struct_conf.pdbx_PDB_helix_length 
HELX_P HELX_P1 AA1 ALA A 29  ? CYS A 44  ? ALA A 1320 CYS A 1335 1 ? 16 
HELX_P HELX_P2 AA2 GLU A 45  ? ARG A 51  ? GLU A 1336 ARG A 1342 5 ? 7  
HELX_P HELX_P3 AA3 ASP A 61  ? ILE A 66  ? ASP A 1352 ILE A 1357 1 ? 6  
HELX_P HELX_P4 AA4 ASP A 71  ? ALA A 81  ? ASP A 1362 ALA A 1372 1 ? 11 
HELX_P HELX_P5 AA5 SER A 86  ? THR A 105 ? SER A 1377 THR A 1396 1 ? 20 
HELX_P HELX_P6 AA6 SER A 110 ? LYS A 142 ? SER A 1401 LYS A 1433 1 ? 33 
# 
_struct_conf_type.id          HELX_P 
_struct_conf_type.criteria    ? 
_struct_conf_type.reference   ? 
# 
loop_
_pdbx_validate_close_contact.id 
_pdbx_validate_close_contact.PDB_model_num 
_pdbx_validate_close_contact.auth_atom_id_1 
_pdbx_validate_close_contact.auth_asym_id_1 
_pdbx_validate_close_contact.auth_comp_id_1 
_pdbx_validate_close_contact.auth_seq_id_1 
_pdbx_validate_close_contact.PDB_ins_code_1 
_pdbx_validate_close_contact.label_alt_id_1 
_pdbx_validate_close_contact.auth_atom_id_2 
_pdbx_validate_close_contact.auth_asym_id_2 
_pdbx_validate_close_contact.auth_comp_id_2 
_pdbx_validate_close_contact.auth_seq_id_2 
_pdbx_validate_close_contact.PDB_ins_code_2 
_pdbx_validate_close_contact.label_alt_id_2 
_pdbx_validate_close_contact.dist 
1 1 O A HOH 2188 ? ? O A HOH 2199 ? ? 1.37 
2 1 O A HOH 2025 ? ? O A HOH 2148 ? ? 2.13 
# 
loop_
_pdbx_validate_torsion.id 
_pdbx_validate_torsion.PDB_model_num 
_pdbx_validate_torsion.auth_comp_id 
_pdbx_validate_torsion.auth_asym_id 
_pdbx_validate_torsion.auth_seq_id 
_pdbx_validate_torsion.PDB_ins_code 
_pdbx_validate_torsion.label_alt_id 
_pdbx_validate_torsion.phi 
_pdbx_validate_torsion.psi 
1 1 TYR A 1350 ? ? -117.39 66.12 
2 1 ARG A 1400 ? ? -96.04  42.41 
# 
loop_
_pdbx_struct_special_symmetry.id 
_pdbx_struct_special_symmetry.PDB_model_num 
_pdbx_struct_special_symmetry.auth_asym_id 
_pdbx_struct_special_symmetry.auth_comp_id 
_pdbx_struct_special_symmetry.auth_seq_id 
_pdbx_struct_special_symmetry.PDB_ins_code 
_pdbx_struct_special_symmetry.label_asym_id 
_pdbx_struct_special_symmetry.label_comp_id 
_pdbx_struct_special_symmetry.label_seq_id 
1 1 A HOH 2140 ? C HOH . 
2 1 A HOH 2197 ? C HOH . 
# 
_phasing.method   MR 
# 
_pdbx_entry_details.entry_id                 7FUY 
_pdbx_entry_details.compound_details         ? 
_pdbx_entry_details.source_details           ? 
_pdbx_entry_details.nonpolymer_details       ? 
_pdbx_entry_details.sequence_details         ? 
_pdbx_entry_details.has_ligand_of_interest   Y 
# 
loop_
_pdbx_unobs_or_zero_occ_residues.id 
_pdbx_unobs_or_zero_occ_residues.PDB_model_num 
_pdbx_unobs_or_zero_occ_residues.polymer_flag 
_pdbx_unobs_or_zero_occ_residues.occupancy_flag 
_pdbx_unobs_or_zero_occ_residues.auth_asym_id 
_pdbx_unobs_or_zero_occ_residues.auth_comp_id 
_pdbx_unobs_or_zero_occ_residues.auth_seq_id 
_pdbx_unobs_or_zero_occ_residues.PDB_ins_code 
_pdbx_unobs_or_zero_occ_residues.label_asym_id 
_pdbx_unobs_or_zero_occ_residues.label_comp_id 
_pdbx_unobs_or_zero_occ_residues.label_seq_id 
1  1 Y 1 A MET 1292 ? A MET 1   
2  1 Y 1 A HIS 1293 ? A HIS 2   
3  1 Y 1 A HIS 1294 ? A HIS 3   
4  1 Y 1 A HIS 1295 ? A HIS 4   
5  1 Y 1 A HIS 1296 ? A HIS 5   
6  1 Y 1 A HIS 1297 ? A HIS 6   
7  1 Y 1 A HIS 1298 ? A HIS 7   
8  1 Y 1 A SER 1299 ? A SER 8   
9  1 Y 1 A SER 1300 ? A SER 9   
10 1 Y 1 A GLY 1301 ? A GLY 10  
11 1 Y 1 A VAL 1302 ? A VAL 11  
12 1 Y 1 A ASP 1303 ? A ASP 12  
13 1 Y 1 A LEU 1304 ? A LEU 13  
14 1 Y 1 A GLY 1305 ? A GLY 14  
15 1 Y 1 A THR 1306 ? A THR 15  
16 1 Y 1 A GLU 1307 ? A GLU 16  
17 1 Y 1 A ASN 1308 ? A ASN 17  
18 1 Y 1 A LEU 1309 ? A LEU 18  
19 1 Y 1 A TYR 1310 ? A TYR 19  
20 1 Y 1 A PHE 1311 ? A PHE 20  
21 1 Y 1 A GLN 1312 ? A GLN 21  
22 1 Y 1 A SER 1313 ? A SER 22  
23 1 Y 1 A MET 1314 ? A MET 23  
24 1 Y 1 A THR 1436 ? A THR 145 
25 1 Y 1 A ILE 1437 ? A ILE 146 
26 1 Y 1 A THR 1438 ? A THR 147 
27 1 Y 1 A LYS 1439 ? A LYS 148 
28 1 Y 1 A ARG 1440 ? A ARG 149 
# 
loop_
_chem_comp_atom.comp_id 
_chem_comp_atom.atom_id 
_chem_comp_atom.type_symbol 
_chem_comp_atom.pdbx_aromatic_flag 
_chem_comp_atom.pdbx_stereo_config 
_chem_comp_atom.pdbx_ordinal 
ALA N    N N N 1   
ALA CA   C N S 2   
ALA C    C N N 3   
ALA O    O N N 4   
ALA CB   C N N 5   
ALA OXT  O N N 6   
ALA H    H N N 7   
ALA H2   H N N 8   
ALA HA   H N N 9   
ALA HB1  H N N 10  
ALA HB2  H N N 11  
ALA HB3  H N N 12  
ALA HXT  H N N 13  
ARG N    N N N 14  
ARG CA   C N S 15  
ARG C    C N N 16  
ARG O    O N N 17  
ARG CB   C N N 18  
ARG CG   C N N 19  
ARG CD   C N N 20  
ARG NE   N N N 21  
ARG CZ   C N N 22  
ARG NH1  N N N 23  
ARG NH2  N N N 24  
ARG OXT  O N N 25  
ARG H    H N N 26  
ARG H2   H N N 27  
ARG HA   H N N 28  
ARG HB2  H N N 29  
ARG HB3  H N N 30  
ARG HG2  H N N 31  
ARG HG3  H N N 32  
ARG HD2  H N N 33  
ARG HD3  H N N 34  
ARG HE   H N N 35  
ARG HH11 H N N 36  
ARG HH12 H N N 37  
ARG HH21 H N N 38  
ARG HH22 H N N 39  
ARG HXT  H N N 40  
ASN N    N N N 41  
ASN CA   C N S 42  
ASN C    C N N 43  
ASN O    O N N 44  
ASN CB   C N N 45  
ASN CG   C N N 46  
ASN OD1  O N N 47  
ASN ND2  N N N 48  
ASN OXT  O N N 49  
ASN H    H N N 50  
ASN H2   H N N 51  
ASN HA   H N N 52  
ASN HB2  H N N 53  
ASN HB3  H N N 54  
ASN HD21 H N N 55  
ASN HD22 H N N 56  
ASN HXT  H N N 57  
ASP N    N N N 58  
ASP CA   C N S 59  
ASP C    C N N 60  
ASP O    O N N 61  
ASP CB   C N N 62  
ASP CG   C N N 63  
ASP OD1  O N N 64  
ASP OD2  O N N 65  
ASP OXT  O N N 66  
ASP H    H N N 67  
ASP H2   H N N 68  
ASP HA   H N N 69  
ASP HB2  H N N 70  
ASP HB3  H N N 71  
ASP HD2  H N N 72  
ASP HXT  H N N 73  
CYS N    N N N 74  
CYS CA   C N R 75  
CYS C    C N N 76  
CYS O    O N N 77  
CYS CB   C N N 78  
CYS SG   S N N 79  
CYS OXT  O N N 80  
CYS H    H N N 81  
CYS H2   H N N 82  
CYS HA   H N N 83  
CYS HB2  H N N 84  
CYS HB3  H N N 85  
CYS HG   H N N 86  
CYS HXT  H N N 87  
GLN N    N N N 88  
GLN CA   C N S 89  
GLN C    C N N 90  
GLN O    O N N 91  
GLN CB   C N N 92  
GLN CG   C N N 93  
GLN CD   C N N 94  
GLN OE1  O N N 95  
GLN NE2  N N N 96  
GLN OXT  O N N 97  
GLN H    H N N 98  
GLN H2   H N N 99  
GLN HA   H N N 100 
GLN HB2  H N N 101 
GLN HB3  H N N 102 
GLN HG2  H N N 103 
GLN HG3  H N N 104 
GLN HE21 H N N 105 
GLN HE22 H N N 106 
GLN HXT  H N N 107 
GLU N    N N N 108 
GLU CA   C N S 109 
GLU C    C N N 110 
GLU O    O N N 111 
GLU CB   C N N 112 
GLU CG   C N N 113 
GLU CD   C N N 114 
GLU OE1  O N N 115 
GLU OE2  O N N 116 
GLU OXT  O N N 117 
GLU H    H N N 118 
GLU H2   H N N 119 
GLU HA   H N N 120 
GLU HB2  H N N 121 
GLU HB3  H N N 122 
GLU HG2  H N N 123 
GLU HG3  H N N 124 
GLU HE2  H N N 125 
GLU HXT  H N N 126 
GLY N    N N N 127 
GLY CA   C N N 128 
GLY C    C N N 129 
GLY O    O N N 130 
GLY OXT  O N N 131 
GLY H    H N N 132 
GLY H2   H N N 133 
GLY HA2  H N N 134 
GLY HA3  H N N 135 
GLY HXT  H N N 136 
HIS N    N N N 137 
HIS CA   C N S 138 
HIS C    C N N 139 
HIS O    O N N 140 
HIS CB   C N N 141 
HIS CG   C Y N 142 
HIS ND1  N Y N 143 
HIS CD2  C Y N 144 
HIS CE1  C Y N 145 
HIS NE2  N Y N 146 
HIS OXT  O N N 147 
HIS H    H N N 148 
HIS H2   H N N 149 
HIS HA   H N N 150 
HIS HB2  H N N 151 
HIS HB3  H N N 152 
HIS HD1  H N N 153 
HIS HD2  H N N 154 
HIS HE1  H N N 155 
HIS HE2  H N N 156 
HIS HXT  H N N 157 
HOH O    O N N 158 
HOH H1   H N N 159 
HOH H2   H N N 160 
ILE N    N N N 161 
ILE CA   C N S 162 
ILE C    C N N 163 
ILE O    O N N 164 
ILE CB   C N S 165 
ILE CG1  C N N 166 
ILE CG2  C N N 167 
ILE CD1  C N N 168 
ILE OXT  O N N 169 
ILE H    H N N 170 
ILE H2   H N N 171 
ILE HA   H N N 172 
ILE HB   H N N 173 
ILE HG12 H N N 174 
ILE HG13 H N N 175 
ILE HG21 H N N 176 
ILE HG22 H N N 177 
ILE HG23 H N N 178 
ILE HD11 H N N 179 
ILE HD12 H N N 180 
ILE HD13 H N N 181 
ILE HXT  H N N 182 
LEU N    N N N 183 
LEU CA   C N S 184 
LEU C    C N N 185 
LEU O    O N N 186 
LEU CB   C N N 187 
LEU CG   C N N 188 
LEU CD1  C N N 189 
LEU CD2  C N N 190 
LEU OXT  O N N 191 
LEU H    H N N 192 
LEU H2   H N N 193 
LEU HA   H N N 194 
LEU HB2  H N N 195 
LEU HB3  H N N 196 
LEU HG   H N N 197 
LEU HD11 H N N 198 
LEU HD12 H N N 199 
LEU HD13 H N N 200 
LEU HD21 H N N 201 
LEU HD22 H N N 202 
LEU HD23 H N N 203 
LEU HXT  H N N 204 
LYS N    N N N 205 
LYS CA   C N S 206 
LYS C    C N N 207 
LYS O    O N N 208 
LYS CB   C N N 209 
LYS CG   C N N 210 
LYS CD   C N N 211 
LYS CE   C N N 212 
LYS NZ   N N N 213 
LYS OXT  O N N 214 
LYS H    H N N 215 
LYS H2   H N N 216 
LYS HA   H N N 217 
LYS HB2  H N N 218 
LYS HB3  H N N 219 
LYS HG2  H N N 220 
LYS HG3  H N N 221 
LYS HD2  H N N 222 
LYS HD3  H N N 223 
LYS HE2  H N N 224 
LYS HE3  H N N 225 
LYS HZ1  H N N 226 
LYS HZ2  H N N 227 
LYS HZ3  H N N 228 
LYS HXT  H N N 229 
MET N    N N N 230 
MET CA   C N S 231 
MET C    C N N 232 
MET O    O N N 233 
MET CB   C N N 234 
MET CG   C N N 235 
MET SD   S N N 236 
MET CE   C N N 237 
MET OXT  O N N 238 
MET H    H N N 239 
MET H2   H N N 240 
MET HA   H N N 241 
MET HB2  H N N 242 
MET HB3  H N N 243 
MET HG2  H N N 244 
MET HG3  H N N 245 
MET HE1  H N N 246 
MET HE2  H N N 247 
MET HE3  H N N 248 
MET HXT  H N N 249 
PHE N    N N N 250 
PHE CA   C N S 251 
PHE C    C N N 252 
PHE O    O N N 253 
PHE CB   C N N 254 
PHE CG   C Y N 255 
PHE CD1  C Y N 256 
PHE CD2  C Y N 257 
PHE CE1  C Y N 258 
PHE CE2  C Y N 259 
PHE CZ   C Y N 260 
PHE OXT  O N N 261 
PHE H    H N N 262 
PHE H2   H N N 263 
PHE HA   H N N 264 
PHE HB2  H N N 265 
PHE HB3  H N N 266 
PHE HD1  H N N 267 
PHE HD2  H N N 268 
PHE HE1  H N N 269 
PHE HE2  H N N 270 
PHE HZ   H N N 271 
PHE HXT  H N N 272 
PRO N    N N N 273 
PRO CA   C N S 274 
PRO C    C N N 275 
PRO O    O N N 276 
PRO CB   C N N 277 
PRO CG   C N N 278 
PRO CD   C N N 279 
PRO OXT  O N N 280 
PRO H    H N N 281 
PRO HA   H N N 282 
PRO HB2  H N N 283 
PRO HB3  H N N 284 
PRO HG2  H N N 285 
PRO HG3  H N N 286 
PRO HD2  H N N 287 
PRO HD3  H N N 288 
PRO HXT  H N N 289 
SER N    N N N 290 
SER CA   C N S 291 
SER C    C N N 292 
SER O    O N N 293 
SER CB   C N N 294 
SER OG   O N N 295 
SER OXT  O N N 296 
SER H    H N N 297 
SER H2   H N N 298 
SER HA   H N N 299 
SER HB2  H N N 300 
SER HB3  H N N 301 
SER HG   H N N 302 
SER HXT  H N N 303 
THR N    N N N 304 
THR CA   C N S 305 
THR C    C N N 306 
THR O    O N N 307 
THR CB   C N R 308 
THR OG1  O N N 309 
THR CG2  C N N 310 
THR OXT  O N N 311 
THR H    H N N 312 
THR H2   H N N 313 
THR HA   H N N 314 
THR HB   H N N 315 
THR HG1  H N N 316 
THR HG21 H N N 317 
THR HG22 H N N 318 
THR HG23 H N N 319 
THR HXT  H N N 320 
TRP N    N N N 321 
TRP CA   C N S 322 
TRP C    C N N 323 
TRP O    O N N 324 
TRP CB   C N N 325 
TRP CG   C Y N 326 
TRP CD1  C Y N 327 
TRP CD2  C Y N 328 
TRP NE1  N Y N 329 
TRP CE2  C Y N 330 
TRP CE3  C Y N 331 
TRP CZ2  C Y N 332 
TRP CZ3  C Y N 333 
TRP CH2  C Y N 334 
TRP OXT  O N N 335 
TRP H    H N N 336 
TRP H2   H N N 337 
TRP HA   H N N 338 
TRP HB2  H N N 339 
TRP HB3  H N N 340 
TRP HD1  H N N 341 
TRP HE1  H N N 342 
TRP HE3  H N N 343 
TRP HZ2  H N N 344 
TRP HZ3  H N N 345 
TRP HH2  H N N 346 
TRP HXT  H N N 347 
TYR N    N N N 348 
TYR CA   C N S 349 
TYR C    C N N 350 
TYR O    O N N 351 
TYR CB   C N N 352 
TYR CG   C Y N 353 
TYR CD1  C Y N 354 
TYR CD2  C Y N 355 
TYR CE1  C Y N 356 
TYR CE2  C Y N 357 
TYR CZ   C Y N 358 
TYR OH   O N N 359 
TYR OXT  O N N 360 
TYR H    H N N 361 
TYR H2   H N N 362 
TYR HA   H N N 363 
TYR HB2  H N N 364 
TYR HB3  H N N 365 
TYR HD1  H N N 366 
TYR HD2  H N N 367 
TYR HE1  H N N 368 
TYR HE2  H N N 369 
TYR HH   H N N 370 
TYR HXT  H N N 371 
VAL N    N N N 372 
VAL CA   C N S 373 
VAL C    C N N 374 
VAL O    O N N 375 
VAL CB   C N N 376 
VAL CG1  C N N 377 
VAL CG2  C N N 378 
VAL OXT  O N N 379 
VAL H    H N N 380 
VAL H2   H N N 381 
VAL HA   H N N 382 
VAL HB   H N N 383 
VAL HG11 H N N 384 
VAL HG12 H N N 385 
VAL HG13 H N N 386 
VAL HG21 H N N 387 
VAL HG22 H N N 388 
VAL HG23 H N N 389 
VAL HXT  H N N 390 
ZJW N1   N Y N 391 
ZJW N3   N Y N 392 
ZJW C4   C Y N 393 
ZJW C5   C N N 394 
ZJW C6   C N N 395 
ZJW C7   C N N 396 
ZJW C8   C N N 397 
ZJW C10  C N N 398 
ZJW C13  C Y N 399 
ZJW C15  C Y N 400 
ZJW C17  C N N 401 
ZJW C1   C N N 402 
ZJW C11  C N N 403 
ZJW C12  C N N 404 
ZJW C14  C Y N 405 
ZJW C16  C Y N 406 
ZJW C2   C N N 407 
ZJW C3   C Y N 408 
ZJW C9   C N N 409 
ZJW N2   N Y N 410 
ZJW N4   N N N 411 
ZJW N5   N N N 412 
ZJW N6   N N N 413 
ZJW O1   O N N 414 
ZJW O2   O N N 415 
ZJW S1   S Y N 416 
ZJW H6   H N N 417 
ZJW H7   H N N 418 
ZJW H8   H N N 419 
ZJW H10  H N N 420 
ZJW H9   H N N 421 
ZJW H13  H N N 422 
ZJW H12  H N N 423 
ZJW H17  H N N 424 
ZJW H16  H N N 425 
ZJW H21  H N N 426 
ZJW H23  H N N 427 
ZJW H24  H N N 428 
ZJW H22  H N N 429 
ZJW H2   H N N 430 
ZJW H3   H N N 431 
ZJW H1   H N N 432 
ZJW H19  H N N 433 
ZJW H18  H N N 434 
ZJW H20  H N N 435 
ZJW H5   H N N 436 
ZJW H4   H N N 437 
ZJW H15  H N N 438 
ZJW H14  H N N 439 
ZJW H11  H N N 440 
# 
loop_
_chem_comp_bond.comp_id 
_chem_comp_bond.atom_id_1 
_chem_comp_bond.atom_id_2 
_chem_comp_bond.value_order 
_chem_comp_bond.pdbx_aromatic_flag 
_chem_comp_bond.pdbx_stereo_config 
_chem_comp_bond.pdbx_ordinal 
ALA N   CA   sing N N 1   
ALA N   H    sing N N 2   
ALA N   H2   sing N N 3   
ALA CA  C    sing N N 4   
ALA CA  CB   sing N N 5   
ALA CA  HA   sing N N 6   
ALA C   O    doub N N 7   
ALA C   OXT  sing N N 8   
ALA CB  HB1  sing N N 9   
ALA CB  HB2  sing N N 10  
ALA CB  HB3  sing N N 11  
ALA OXT HXT  sing N N 12  
ARG N   CA   sing N N 13  
ARG N   H    sing N N 14  
ARG N   H2   sing N N 15  
ARG CA  C    sing N N 16  
ARG CA  CB   sing N N 17  
ARG CA  HA   sing N N 18  
ARG C   O    doub N N 19  
ARG C   OXT  sing N N 20  
ARG CB  CG   sing N N 21  
ARG CB  HB2  sing N N 22  
ARG CB  HB3  sing N N 23  
ARG CG  CD   sing N N 24  
ARG CG  HG2  sing N N 25  
ARG CG  HG3  sing N N 26  
ARG CD  NE   sing N N 27  
ARG CD  HD2  sing N N 28  
ARG CD  HD3  sing N N 29  
ARG NE  CZ   sing N N 30  
ARG NE  HE   sing N N 31  
ARG CZ  NH1  sing N N 32  
ARG CZ  NH2  doub N N 33  
ARG NH1 HH11 sing N N 34  
ARG NH1 HH12 sing N N 35  
ARG NH2 HH21 sing N N 36  
ARG NH2 HH22 sing N N 37  
ARG OXT HXT  sing N N 38  
ASN N   CA   sing N N 39  
ASN N   H    sing N N 40  
ASN N   H2   sing N N 41  
ASN CA  C    sing N N 42  
ASN CA  CB   sing N N 43  
ASN CA  HA   sing N N 44  
ASN C   O    doub N N 45  
ASN C   OXT  sing N N 46  
ASN CB  CG   sing N N 47  
ASN CB  HB2  sing N N 48  
ASN CB  HB3  sing N N 49  
ASN CG  OD1  doub N N 50  
ASN CG  ND2  sing N N 51  
ASN ND2 HD21 sing N N 52  
ASN ND2 HD22 sing N N 53  
ASN OXT HXT  sing N N 54  
ASP N   CA   sing N N 55  
ASP N   H    sing N N 56  
ASP N   H2   sing N N 57  
ASP CA  C    sing N N 58  
ASP CA  CB   sing N N 59  
ASP CA  HA   sing N N 60  
ASP C   O    doub N N 61  
ASP C   OXT  sing N N 62  
ASP CB  CG   sing N N 63  
ASP CB  HB2  sing N N 64  
ASP CB  HB3  sing N N 65  
ASP CG  OD1  doub N N 66  
ASP CG  OD2  sing N N 67  
ASP OD2 HD2  sing N N 68  
ASP OXT HXT  sing N N 69  
CYS N   CA   sing N N 70  
CYS N   H    sing N N 71  
CYS N   H2   sing N N 72  
CYS CA  C    sing N N 73  
CYS CA  CB   sing N N 74  
CYS CA  HA   sing N N 75  
CYS C   O    doub N N 76  
CYS C   OXT  sing N N 77  
CYS CB  SG   sing N N 78  
CYS CB  HB2  sing N N 79  
CYS CB  HB3  sing N N 80  
CYS SG  HG   sing N N 81  
CYS OXT HXT  sing N N 82  
GLN N   CA   sing N N 83  
GLN N   H    sing N N 84  
GLN N   H2   sing N N 85  
GLN CA  C    sing N N 86  
GLN CA  CB   sing N N 87  
GLN CA  HA   sing N N 88  
GLN C   O    doub N N 89  
GLN C   OXT  sing N N 90  
GLN CB  CG   sing N N 91  
GLN CB  HB2  sing N N 92  
GLN CB  HB3  sing N N 93  
GLN CG  CD   sing N N 94  
GLN CG  HG2  sing N N 95  
GLN CG  HG3  sing N N 96  
GLN CD  OE1  doub N N 97  
GLN CD  NE2  sing N N 98  
GLN NE2 HE21 sing N N 99  
GLN NE2 HE22 sing N N 100 
GLN OXT HXT  sing N N 101 
GLU N   CA   sing N N 102 
GLU N   H    sing N N 103 
GLU N   H2   sing N N 104 
GLU CA  C    sing N N 105 
GLU CA  CB   sing N N 106 
GLU CA  HA   sing N N 107 
GLU C   O    doub N N 108 
GLU C   OXT  sing N N 109 
GLU CB  CG   sing N N 110 
GLU CB  HB2  sing N N 111 
GLU CB  HB3  sing N N 112 
GLU CG  CD   sing N N 113 
GLU CG  HG2  sing N N 114 
GLU CG  HG3  sing N N 115 
GLU CD  OE1  doub N N 116 
GLU CD  OE2  sing N N 117 
GLU OE2 HE2  sing N N 118 
GLU OXT HXT  sing N N 119 
GLY N   CA   sing N N 120 
GLY N   H    sing N N 121 
GLY N   H2   sing N N 122 
GLY CA  C    sing N N 123 
GLY CA  HA2  sing N N 124 
GLY CA  HA3  sing N N 125 
GLY C   O    doub N N 126 
GLY C   OXT  sing N N 127 
GLY OXT HXT  sing N N 128 
HIS N   CA   sing N N 129 
HIS N   H    sing N N 130 
HIS N   H2   sing N N 131 
HIS CA  C    sing N N 132 
HIS CA  CB   sing N N 133 
HIS CA  HA   sing N N 134 
HIS C   O    doub N N 135 
HIS C   OXT  sing N N 136 
HIS CB  CG   sing N N 137 
HIS CB  HB2  sing N N 138 
HIS CB  HB3  sing N N 139 
HIS CG  ND1  sing Y N 140 
HIS CG  CD2  doub Y N 141 
HIS ND1 CE1  doub Y N 142 
HIS ND1 HD1  sing N N 143 
HIS CD2 NE2  sing Y N 144 
HIS CD2 HD2  sing N N 145 
HIS CE1 NE2  sing Y N 146 
HIS CE1 HE1  sing N N 147 
HIS NE2 HE2  sing N N 148 
HIS OXT HXT  sing N N 149 
HOH O   H1   sing N N 150 
HOH O   H2   sing N N 151 
ILE N   CA   sing N N 152 
ILE N   H    sing N N 153 
ILE N   H2   sing N N 154 
ILE CA  C    sing N N 155 
ILE CA  CB   sing N N 156 
ILE CA  HA   sing N N 157 
ILE C   O    doub N N 158 
ILE C   OXT  sing N N 159 
ILE CB  CG1  sing N N 160 
ILE CB  CG2  sing N N 161 
ILE CB  HB   sing N N 162 
ILE CG1 CD1  sing N N 163 
ILE CG1 HG12 sing N N 164 
ILE CG1 HG13 sing N N 165 
ILE CG2 HG21 sing N N 166 
ILE CG2 HG22 sing N N 167 
ILE CG2 HG23 sing N N 168 
ILE CD1 HD11 sing N N 169 
ILE CD1 HD12 sing N N 170 
ILE CD1 HD13 sing N N 171 
ILE OXT HXT  sing N N 172 
LEU N   CA   sing N N 173 
LEU N   H    sing N N 174 
LEU N   H2   sing N N 175 
LEU CA  C    sing N N 176 
LEU CA  CB   sing N N 177 
LEU CA  HA   sing N N 178 
LEU C   O    doub N N 179 
LEU C   OXT  sing N N 180 
LEU CB  CG   sing N N 181 
LEU CB  HB2  sing N N 182 
LEU CB  HB3  sing N N 183 
LEU CG  CD1  sing N N 184 
LEU CG  CD2  sing N N 185 
LEU CG  HG   sing N N 186 
LEU CD1 HD11 sing N N 187 
LEU CD1 HD12 sing N N 188 
LEU CD1 HD13 sing N N 189 
LEU CD2 HD21 sing N N 190 
LEU CD2 HD22 sing N N 191 
LEU CD2 HD23 sing N N 192 
LEU OXT HXT  sing N N 193 
LYS N   CA   sing N N 194 
LYS N   H    sing N N 195 
LYS N   H2   sing N N 196 
LYS CA  C    sing N N 197 
LYS CA  CB   sing N N 198 
LYS CA  HA   sing N N 199 
LYS C   O    doub N N 200 
LYS C   OXT  sing N N 201 
LYS CB  CG   sing N N 202 
LYS CB  HB2  sing N N 203 
LYS CB  HB3  sing N N 204 
LYS CG  CD   sing N N 205 
LYS CG  HG2  sing N N 206 
LYS CG  HG3  sing N N 207 
LYS CD  CE   sing N N 208 
LYS CD  HD2  sing N N 209 
LYS CD  HD3  sing N N 210 
LYS CE  NZ   sing N N 211 
LYS CE  HE2  sing N N 212 
LYS CE  HE3  sing N N 213 
LYS NZ  HZ1  sing N N 214 
LYS NZ  HZ2  sing N N 215 
LYS NZ  HZ3  sing N N 216 
LYS OXT HXT  sing N N 217 
MET N   CA   sing N N 218 
MET N   H    sing N N 219 
MET N   H2   sing N N 220 
MET CA  C    sing N N 221 
MET CA  CB   sing N N 222 
MET CA  HA   sing N N 223 
MET C   O    doub N N 224 
MET C   OXT  sing N N 225 
MET CB  CG   sing N N 226 
MET CB  HB2  sing N N 227 
MET CB  HB3  sing N N 228 
MET CG  SD   sing N N 229 
MET CG  HG2  sing N N 230 
MET CG  HG3  sing N N 231 
MET SD  CE   sing N N 232 
MET CE  HE1  sing N N 233 
MET CE  HE2  sing N N 234 
MET CE  HE3  sing N N 235 
MET OXT HXT  sing N N 236 
PHE N   CA   sing N N 237 
PHE N   H    sing N N 238 
PHE N   H2   sing N N 239 
PHE CA  C    sing N N 240 
PHE CA  CB   sing N N 241 
PHE CA  HA   sing N N 242 
PHE C   O    doub N N 243 
PHE C   OXT  sing N N 244 
PHE CB  CG   sing N N 245 
PHE CB  HB2  sing N N 246 
PHE CB  HB3  sing N N 247 
PHE CG  CD1  doub Y N 248 
PHE CG  CD2  sing Y N 249 
PHE CD1 CE1  sing Y N 250 
PHE CD1 HD1  sing N N 251 
PHE CD2 CE2  doub Y N 252 
PHE CD2 HD2  sing N N 253 
PHE CE1 CZ   doub Y N 254 
PHE CE1 HE1  sing N N 255 
PHE CE2 CZ   sing Y N 256 
PHE CE2 HE2  sing N N 257 
PHE CZ  HZ   sing N N 258 
PHE OXT HXT  sing N N 259 
PRO N   CA   sing N N 260 
PRO N   CD   sing N N 261 
PRO N   H    sing N N 262 
PRO CA  C    sing N N 263 
PRO CA  CB   sing N N 264 
PRO CA  HA   sing N N 265 
PRO C   O    doub N N 266 
PRO C   OXT  sing N N 267 
PRO CB  CG   sing N N 268 
PRO CB  HB2  sing N N 269 
PRO CB  HB3  sing N N 270 
PRO CG  CD   sing N N 271 
PRO CG  HG2  sing N N 272 
PRO CG  HG3  sing N N 273 
PRO CD  HD2  sing N N 274 
PRO CD  HD3  sing N N 275 
PRO OXT HXT  sing N N 276 
SER N   CA   sing N N 277 
SER N   H    sing N N 278 
SER N   H2   sing N N 279 
SER CA  C    sing N N 280 
SER CA  CB   sing N N 281 
SER CA  HA   sing N N 282 
SER C   O    doub N N 283 
SER C   OXT  sing N N 284 
SER CB  OG   sing N N 285 
SER CB  HB2  sing N N 286 
SER CB  HB3  sing N N 287 
SER OG  HG   sing N N 288 
SER OXT HXT  sing N N 289 
THR N   CA   sing N N 290 
THR N   H    sing N N 291 
THR N   H2   sing N N 292 
THR CA  C    sing N N 293 
THR CA  CB   sing N N 294 
THR CA  HA   sing N N 295 
THR C   O    doub N N 296 
THR C   OXT  sing N N 297 
THR CB  OG1  sing N N 298 
THR CB  CG2  sing N N 299 
THR CB  HB   sing N N 300 
THR OG1 HG1  sing N N 301 
THR CG2 HG21 sing N N 302 
THR CG2 HG22 sing N N 303 
THR CG2 HG23 sing N N 304 
THR OXT HXT  sing N N 305 
TRP N   CA   sing N N 306 
TRP N   H    sing N N 307 
TRP N   H2   sing N N 308 
TRP CA  C    sing N N 309 
TRP CA  CB   sing N N 310 
TRP CA  HA   sing N N 311 
TRP C   O    doub N N 312 
TRP C   OXT  sing N N 313 
TRP CB  CG   sing N N 314 
TRP CB  HB2  sing N N 315 
TRP CB  HB3  sing N N 316 
TRP CG  CD1  doub Y N 317 
TRP CG  CD2  sing Y N 318 
TRP CD1 NE1  sing Y N 319 
TRP CD1 HD1  sing N N 320 
TRP CD2 CE2  doub Y N 321 
TRP CD2 CE3  sing Y N 322 
TRP NE1 CE2  sing Y N 323 
TRP NE1 HE1  sing N N 324 
TRP CE2 CZ2  sing Y N 325 
TRP CE3 CZ3  doub Y N 326 
TRP CE3 HE3  sing N N 327 
TRP CZ2 CH2  doub Y N 328 
TRP CZ2 HZ2  sing N N 329 
TRP CZ3 CH2  sing Y N 330 
TRP CZ3 HZ3  sing N N 331 
TRP CH2 HH2  sing N N 332 
TRP OXT HXT  sing N N 333 
TYR N   CA   sing N N 334 
TYR N   H    sing N N 335 
TYR N   H2   sing N N 336 
TYR CA  C    sing N N 337 
TYR CA  CB   sing N N 338 
TYR CA  HA   sing N N 339 
TYR C   O    doub N N 340 
TYR C   OXT  sing N N 341 
TYR CB  CG   sing N N 342 
TYR CB  HB2  sing N N 343 
TYR CB  HB3  sing N N 344 
TYR CG  CD1  doub Y N 345 
TYR CG  CD2  sing Y N 346 
TYR CD1 CE1  sing Y N 347 
TYR CD1 HD1  sing N N 348 
TYR CD2 CE2  doub Y N 349 
TYR CD2 HD2  sing N N 350 
TYR CE1 CZ   doub Y N 351 
TYR CE1 HE1  sing N N 352 
TYR CE2 CZ   sing Y N 353 
TYR CE2 HE2  sing N N 354 
TYR CZ  OH   sing N N 355 
TYR OH  HH   sing N N 356 
TYR OXT HXT  sing N N 357 
VAL N   CA   sing N N 358 
VAL N   H    sing N N 359 
VAL N   H2   sing N N 360 
VAL CA  C    sing N N 361 
VAL CA  CB   sing N N 362 
VAL CA  HA   sing N N 363 
VAL C   O    doub N N 364 
VAL C   OXT  sing N N 365 
VAL CB  CG1  sing N N 366 
VAL CB  CG2  sing N N 367 
VAL CB  HB   sing N N 368 
VAL CG1 HG11 sing N N 369 
VAL CG1 HG12 sing N N 370 
VAL CG1 HG13 sing N N 371 
VAL CG2 HG21 sing N N 372 
VAL CG2 HG22 sing N N 373 
VAL CG2 HG23 sing N N 374 
VAL OXT HXT  sing N N 375 
ZJW C1  C2   sing N N 376 
ZJW C2  C3   sing N N 377 
ZJW C3  N1   doub Y N 378 
ZJW N1  N2   sing Y N 379 
ZJW N2  C4   doub Y N 380 
ZJW C4  N3   sing Y N 381 
ZJW N3  C5   sing N N 382 
ZJW C5  C6   sing N N 383 
ZJW C6  N4   sing N N 384 
ZJW N4  C7   sing N N 385 
ZJW C7  O1   doub N N 386 
ZJW C7  N5   sing N N 387 
ZJW N5  C8   sing N N 388 
ZJW C8  C9   sing N N 389 
ZJW C9  N6   sing N N 390 
ZJW N6  C10  sing N N 391 
ZJW C10 C11  sing N N 392 
ZJW N6  C12  sing N N 393 
ZJW C12 O2   doub N N 394 
ZJW C12 C13  sing N N 395 
ZJW C13 C14  doub Y N 396 
ZJW C14 C15  sing Y N 397 
ZJW C15 C16  doub Y N 398 
ZJW C16 C17  sing N N 399 
ZJW C16 S1   sing Y N 400 
ZJW C3  N3   sing Y N 401 
ZJW N5  C11  sing N N 402 
ZJW C13 S1   sing Y N 403 
ZJW C4  H6   sing N N 404 
ZJW C5  H7   sing N N 405 
ZJW C5  H8   sing N N 406 
ZJW C6  H10  sing N N 407 
ZJW C6  H9   sing N N 408 
ZJW C8  H13  sing N N 409 
ZJW C8  H12  sing N N 410 
ZJW C10 H17  sing N N 411 
ZJW C10 H16  sing N N 412 
ZJW C15 H21  sing N N 413 
ZJW C17 H23  sing N N 414 
ZJW C17 H24  sing N N 415 
ZJW C17 H22  sing N N 416 
ZJW C1  H2   sing N N 417 
ZJW C1  H3   sing N N 418 
ZJW C1  H1   sing N N 419 
ZJW C11 H19  sing N N 420 
ZJW C11 H18  sing N N 421 
ZJW C14 H20  sing N N 422 
ZJW C2  H5   sing N N 423 
ZJW C2  H4   sing N N 424 
ZJW C9  H15  sing N N 425 
ZJW C9  H14  sing N N 426 
ZJW N4  H11  sing N N 427 
# 
_pdbx_audit_support.ordinal                1 
_pdbx_audit_support.funding_organization   'Wellcome Trust' 
_pdbx_audit_support.grant_number           None 
_pdbx_audit_support.country                'United Kingdom' 
# 
_pdbx_deposit_group.group_id            G_1002265 
_pdbx_deposit_group.group_description   
;XDomainX of XOrganismX PHIP screened against predicted false negatives and catalogue compounds by X-ray Crystallography at the XChem facility of Diamond Light Source beamline I04-1
;
_pdbx_deposit_group.group_title         'PanDDA analysis group deposition' 
_pdbx_deposit_group.group_type          'changed state' 
# 
_pdbx_entity_instance_feature.ordinal        1 
_pdbx_entity_instance_feature.comp_id        ZJW 
_pdbx_entity_instance_feature.asym_id        ? 
_pdbx_entity_instance_feature.seq_num        ? 
_pdbx_entity_instance_feature.auth_comp_id   ZJW 
_pdbx_entity_instance_feature.auth_asym_id   ? 
_pdbx_entity_instance_feature.auth_seq_num   ? 
_pdbx_entity_instance_feature.feature_type   'SUBJECT OF INVESTIGATION' 
_pdbx_entity_instance_feature.details        ? 
# 
_atom_sites.entry_id                    7FUY 
_atom_sites.fract_transf_matrix[1][1]   -0.00161054 
_atom_sites.fract_transf_matrix[1][2]   -0.00470696 
_atom_sites.fract_transf_matrix[1][3]   0.01134165 
_atom_sites.fract_transf_matrix[2][1]   -0.02406895 
_atom_sites.fract_transf_matrix[2][2]   -0.02389491 
_atom_sites.fract_transf_matrix[2][3]   -0.01333460 
_atom_sites.fract_transf_matrix[3][1]   0.01273320 
_atom_sites.fract_transf_matrix[3][2]   -0.01277317 
_atom_sites.fract_transf_matrix[3][3]   -0.00009457 
_atom_sites.fract_transf_vector[1]      -0.147076 
_atom_sites.fract_transf_vector[2]      0.450102 
_atom_sites.fract_transf_vector[3]      0.217029 
# 
loop_
_atom_type.symbol 
C 
N 
O 
S 
# 
loop_
_atom_site.group_PDB 
_atom_site.id 
_atom_site.type_symbol 
_atom_site.label_atom_id 
_atom_site.label_alt_id 
_atom_site.label_comp_id 
_atom_site.label_asym_id 
_atom_site.label_entity_id 
_atom_site.label_seq_id 
_atom_site.pdbx_PDB_ins_code 
_atom_site.Cartn_x 
_atom_site.Cartn_y 
_atom_site.Cartn_z 
_atom_site.occupancy 
_atom_site.B_iso_or_equiv 
_atom_site.pdbx_formal_charge 
_atom_site.auth_seq_id 
_atom_site.auth_comp_id 
_atom_site.auth_asym_id 
_atom_site.auth_atom_id 
_atom_site.pdbx_PDB_model_num 
ATOM   1    N N   . SER A 1 24  ? -18.254 16.186  3.051   1.00 25.52  ? 1315 SER A N   1 
ATOM   2    C CA  . SER A 1 24  ? -18.263 14.737  3.443   1.00 24.94  ? 1315 SER A CA  1 
ATOM   3    C C   . SER A 1 24  ? -17.242 14.514  4.558   1.00 21.66  ? 1315 SER A C   1 
ATOM   4    O O   . SER A 1 24  ? -16.058 14.244  4.247   1.00 20.63  ? 1315 SER A O   1 
ATOM   5    C CB  . SER A 1 24  ? -17.991 13.859  2.258   1.00 26.92  ? 1315 SER A CB  1 
ATOM   6    O OG  . SER A 1 24  ? -17.258 14.556  1.273   1.00 28.99  ? 1315 SER A OG  1 
ATOM   7    N N   . TYR A 1 25  ? -17.664 14.656  5.817   1.00 18.84  ? 1316 TYR A N   1 
ATOM   8    C CA  . TYR A 1 25  ? -16.720 14.884  6.938   1.00 16.01  ? 1316 TYR A CA  1 
ATOM   9    C C   . TYR A 1 25  ? -16.687 13.651  7.844   1.00 14.70  ? 1316 TYR A C   1 
ATOM   10   O O   . TYR A 1 25  ? -16.380 13.805  9.023   1.00 14.55  ? 1316 TYR A O   1 
ATOM   11   C CB  . TYR A 1 25  ? -17.070 16.177  7.673   1.00 15.45  ? 1316 TYR A CB  1 
ATOM   12   C CG  . TYR A 1 25  ? -17.110 17.414  6.804   1.00 14.76  ? 1316 TYR A CG  1 
ATOM   13   C CD1 . TYR A 1 25  ? -16.002 17.829  6.087   1.00 14.65  ? 1316 TYR A CD1 1 
ATOM   14   C CD2 . TYR A 1 25  ? -18.218 18.237  6.790   1.00 14.79  ? 1316 TYR A CD2 1 
ATOM   15   C CE1 . TYR A 1 25  ? -16.023 18.986  5.318   1.00 14.24  ? 1316 TYR A CE1 1 
ATOM   16   C CE2 . TYR A 1 25  ? -18.258 19.394  6.027   1.00 15.40  ? 1316 TYR A CE2 1 
ATOM   17   C CZ  . TYR A 1 25  ? -17.155 19.777  5.289   1.00 14.28  ? 1316 TYR A CZ  1 
ATOM   18   O OH  . TYR A 1 25  ? -17.178 20.948  4.558   1.00 14.99  ? 1316 TYR A OH  1 
ATOM   19   N N   . ASP A 1 26  ? -16.922 12.462  7.283   1.00 15.24  ? 1317 ASP A N   1 
ATOM   20   C CA  . ASP A 1 26  ? -16.855 11.191  8.066   1.00 14.33  ? 1317 ASP A CA  1 
ATOM   21   C C   . ASP A 1 26  ? -15.384 10.839  8.317   1.00 14.00  ? 1317 ASP A C   1 
ATOM   22   O O   . ASP A 1 26  ? -14.669 10.437  7.362   1.00 14.27  ? 1317 ASP A O   1 
ATOM   23   C CB  . ASP A 1 26  ? -17.601 10.073  7.338   1.00 15.44  ? 1317 ASP A CB  1 
ATOM   24   C CG  . ASP A 1 26  ? -17.687 8.747   8.066   1.00 15.06  ? 1317 ASP A CG  1 
ATOM   25   O OD1 . ASP A 1 26  ? -16.895 8.516   8.977   1.00 17.04  ? 1317 ASP A OD1 1 
ATOM   26   O OD2 . ASP A 1 26  ? -18.627 7.966   7.716   1.00 20.78  ? 1317 ASP A OD2 1 
ATOM   27   N N   . ILE A 1 27  ? -14.947 10.945  9.574   1.00 13.88  ? 1318 ILE A N   1 
ATOM   28   C CA  . ILE A 1 27  ? -13.546 10.683  10.029  1.00 14.14  ? 1318 ILE A CA  1 
ATOM   29   C C   . ILE A 1 27  ? -13.221 9.186   9.899   1.00 13.68  ? 1318 ILE A C   1 
ATOM   30   O O   . ILE A 1 27  ? -12.035 8.884   9.788   1.00 14.85  ? 1318 ILE A O   1 
ATOM   31   C CB  . ILE A 1 27  ? -13.356 11.174  11.481  1.00 14.91  ? 1318 ILE A CB  1 
ATOM   32   C CG1 . ILE A 1 27  ? -13.599 12.680  11.627  1.00 15.53  ? 1318 ILE A CG1 1 
ATOM   33   C CG2 . ILE A 1 27  ? -11.993 10.773  12.030  1.00 15.75  ? 1318 ILE A CG2 1 
ATOM   34   C CD1 . ILE A 1 27  ? -13.882 13.108  13.057  1.00 15.58  ? 1318 ILE A CD1 1 
ATOM   35   N N   . GLN A 1 28  ? -14.227 8.296   9.870   1.00 13.29  ? 1319 GLN A N   1 
ATOM   36   C CA  . GLN A 1 28  ? -13.980 6.824   9.817   1.00 12.94  ? 1319 GLN A CA  1 
ATOM   37   C C   . GLN A 1 28  ? -14.079 6.232   8.409   1.00 14.21  ? 1319 GLN A C   1 
ATOM   38   O O   . GLN A 1 28  ? -13.728 5.022   8.220   1.00 13.78  ? 1319 GLN A O   1 
ATOM   39   C CB  . GLN A 1 28  ? -14.957 6.053   10.731  1.00 14.19  ? 1319 GLN A CB  1 
ATOM   40   C CG  . GLN A 1 28  ? -14.648 6.166   12.238  1.00 15.13  ? 1319 GLN A CG  1 
ATOM   41   C CD  . GLN A 1 28  ? -15.311 7.341   12.927  1.00 13.47  ? 1319 GLN A CD  1 
ATOM   42   O OE1 . GLN A 1 28  ? -16.529 7.540   12.858  1.00 14.75  ? 1319 GLN A OE1 1 
ATOM   43   N NE2 . GLN A 1 28  ? -14.535 8.046   13.676  1.00 14.17  ? 1319 GLN A NE2 1 
ATOM   44   N N   . ALA A 1 29  ? -14.513 7.018   7.394   1.00 13.75  ? 1320 ALA A N   1 
ATOM   45   C CA  . ALA A 1 29  ? -14.852 6.461   6.066   1.00 13.10  ? 1320 ALA A CA  1 
ATOM   46   C C   . ALA A 1 29  ? -13.620 5.837   5.373   1.00 12.46  ? 1320 ALA A C   1 
ATOM   47   O O   . ALA A 1 29  ? -13.796 4.948   4.535   1.00 13.19  ? 1320 ALA A O   1 
ATOM   48   C CB  . ALA A 1 29  ? -15.476 7.541   5.211   1.00 13.18  ? 1320 ALA A CB  1 
ATOM   49   N N   . TRP A 1 30  ? -12.410 6.299   5.680   1.00 12.34  ? 1321 TRP A N   1 
ATOM   50   C CA  . TRP A 1 30  ? -11.188 5.815   5.009   1.00 12.54  ? 1321 TRP A CA  1 
ATOM   51   C C   . TRP A 1 30  ? -11.050 4.297   5.133   1.00 13.69  ? 1321 TRP A C   1 
ATOM   52   O O   . TRP A 1 30  ? -10.465 3.689   4.220   1.00 13.46  ? 1321 TRP A O   1 
ATOM   53   C CB  . TRP A 1 30  ? -9.965  6.531   5.586   1.00 12.73  ? 1321 TRP A CB  1 
ATOM   54   C CG  . TRP A 1 30  ? -9.732  6.199   7.035   1.00 12.89  ? 1321 TRP A CG  1 
ATOM   55   C CD1 . TRP A 1 30  ? -10.283 6.830   8.108   1.00 12.99  ? 1321 TRP A CD1 1 
ATOM   56   C CD2 . TRP A 1 30  ? -8.906  5.140   7.567   1.00 12.97  ? 1321 TRP A CD2 1 
ATOM   57   N NE1 . TRP A 1 30  ? -9.884  6.222   9.278   1.00 14.02  ? 1321 TRP A NE1 1 
ATOM   58   C CE2 . TRP A 1 30  ? -9.024  5.216   8.967   1.00 13.66  ? 1321 TRP A CE2 1 
ATOM   59   C CE3 . TRP A 1 30  ? -8.062  4.167   7.022   1.00 14.35  ? 1321 TRP A CE3 1 
ATOM   60   C CZ2 . TRP A 1 30  ? -8.373  4.332   9.828   1.00 15.82  ? 1321 TRP A CZ2 1 
ATOM   61   C CZ3 . TRP A 1 30  ? -7.403  3.304   7.868   1.00 14.50  ? 1321 TRP A CZ3 1 
ATOM   62   C CH2 . TRP A 1 30  ? -7.581  3.375   9.251   1.00 15.80  ? 1321 TRP A CH2 1 
ATOM   63   N N   . LYS A 1 31  ? -11.554 3.689   6.220   1.00 13.29  ? 1322 LYS A N   1 
ATOM   64   C CA  . LYS A 1 31  ? -11.190 2.291   6.467   1.00 12.93  ? 1322 LYS A CA  1 
ATOM   65   C C   . LYS A 1 31  ? -11.853 1.399   5.406   1.00 13.19  ? 1322 LYS A C   1 
ATOM   66   O O   . LYS A 1 31  ? -11.171 0.567   4.799   1.00 14.55  ? 1322 LYS A O   1 
ATOM   67   C CB  . LYS A 1 31  ? -11.537 1.913   7.903   1.00 13.17  ? 1322 LYS A CB  1 
ATOM   68   C CG  . LYS A 1 31  ? -11.230 0.450   8.232   1.00 14.14  ? 1322 LYS A CG  1 
ATOM   69   C CD  . LYS A 1 31  ? -11.367 0.179   9.712   1.00 14.70  ? 1322 LYS A CD  1 
ATOM   70   C CE  . LYS A 1 31  ? -10.952 -1.211  10.129  1.00 15.77  ? 1322 LYS A CE  1 
ATOM   71   N NZ  . LYS A 1 31  ? -11.159 -1.378  11.593  1.00 15.77  ? 1322 LYS A NZ  1 
ATOM   72   N N   . LYS A 1 32  ? -13.164 1.545   5.199   1.00 14.77  ? 1323 LYS A N   1 
ATOM   73   C CA  . LYS A 1 32  ? -13.833 0.740   4.156   1.00 14.24  ? 1323 LYS A CA  1 
ATOM   74   C C   . LYS A 1 32  ? -13.317 1.127   2.755   1.00 14.24  ? 1323 LYS A C   1 
ATOM   75   O O   . LYS A 1 32  ? -13.236 0.255   1.901   1.00 15.52  ? 1323 LYS A O   1 
ATOM   76   C CB  . LYS A 1 32  ? -15.350 0.905   4.306   1.00 18.64  ? 1323 LYS A CB  1 
ATOM   77   C CG  . LYS A 1 32  ? -16.127 0.058   3.333   1.00 27.46  ? 1323 LYS A CG  1 
ATOM   78   C CD  . LYS A 1 32  ? -17.606 -0.205  3.682   1.00 36.27  ? 1323 LYS A CD  1 
ATOM   79   C CE  . LYS A 1 32  ? -18.068 -1.543  3.108   1.00 45.05  ? 1323 LYS A CE  1 
ATOM   80   N NZ  . LYS A 1 32  ? -19.545 -1.699  3.096   1.00 48.94  ? 1323 LYS A NZ  1 
ATOM   81   N N   . GLN A 1 33  ? -12.971 2.389   2.559   1.00 14.02  ? 1324 GLN A N   1 
ATOM   82   C CA  . GLN A 1 33  ? -12.423 2.849   1.253   1.00 14.01  ? 1324 GLN A CA  1 
ATOM   83   C C   . GLN A 1 33  ? -11.111 2.088   0.992   1.00 14.05  ? 1324 GLN A C   1 
ATOM   84   O O   . GLN A 1 33  ? -10.870 1.600   -0.129  1.00 14.05  ? 1324 GLN A O   1 
ATOM   85   C CB  . GLN A 1 33  ? -12.195 4.355   1.241   1.00 14.85  ? 1324 GLN A CB  1 
ATOM   86   C CG  . GLN A 1 33  ? -13.494 5.133   1.111   1.00 14.69  ? 1324 GLN A CG  1 
ATOM   87   C CD  . GLN A 1 33  ? -13.378 6.568   1.515   1.00 15.90  ? 1324 GLN A CD  1 
ATOM   88   O OE1 . GLN A 1 33  ? -12.307 7.087   1.852   1.00 17.30  ? 1324 GLN A OE1 1 
ATOM   89   N NE2 . GLN A 1 33  ? -14.524 7.241   1.525   1.00 17.91  ? 1324 GLN A NE2 1 
ATOM   90   N N   . CYS A 1 34  ? -10.283 1.957   2.029   1.00 13.75  ? 1325 CYS A N   1 
ATOM   91   C CA  . CYS A 1 34  ? -9.016  1.206   1.923   1.00 13.72  ? 1325 CYS A CA  1 
ATOM   92   C C   . CYS A 1 34  ? -9.267  -0.296  1.755   1.00 13.28  ? 1325 CYS A C   1 
ATOM   93   O O   . CYS A 1 34  ? -8.548  -0.962  0.963   1.00 13.62  ? 1325 CYS A O   1 
ATOM   94   C CB  . CYS A 1 34  ? -8.123  1.464   3.120   1.00 13.50  ? 1325 CYS A CB  1 
ATOM   95   S SG  . CYS A 1 34  ? -7.354  3.103   3.099   1.00 14.50  ? 1325 CYS A SG  1 
ATOM   96   N N   . GLU A 1 35  ? -10.262 -0.868  2.433   1.00 14.39  ? 1326 GLU A N   1 
ATOM   97   C CA  . GLU A 1 35  ? -10.619 -2.285  2.208   1.00 14.93  ? 1326 GLU A CA  1 
ATOM   98   C C   . GLU A 1 35  ? -10.992 -2.518  0.740   1.00 15.07  ? 1326 GLU A C   1 
ATOM   99   O O   . GLU A 1 35  ? -10.537 -3.520  0.153   1.00 16.71  ? 1326 GLU A O   1 
ATOM   100  C CB  . GLU A 1 35  ? -11.799 -2.685  3.099   1.00 18.41  ? 1326 GLU A CB  1 
ATOM   101  C CG  . GLU A 1 35  ? -11.509 -2.758  4.580   1.00 22.02  ? 1326 GLU A CG  1 
ATOM   102  C CD  . GLU A 1 35  ? -12.738 -2.868  5.488   1.00 25.30  ? 1326 GLU A CD  1 
ATOM   103  O OE1 . GLU A 1 35  ? -13.877 -2.947  4.965   1.00 28.70  ? 1326 GLU A OE1 1 
ATOM   104  O OE2 . GLU A 1 35  ? -12.546 -2.879  6.736   1.00 25.51  ? 1326 GLU A OE2 1 
ATOM   105  N N   . GLU A 1 36  ? -11.819 -1.658  0.164   1.00 15.16  ? 1327 GLU A N   1 
ATOM   106  C CA  . GLU A 1 36  ? -12.249 -1.825  -1.245  1.00 16.84  ? 1327 GLU A CA  1 
ATOM   107  C C   . GLU A 1 36  ? -11.042 -1.665  -2.161  1.00 15.81  ? 1327 GLU A C   1 
ATOM   108  O O   . GLU A 1 36  ? -10.947 -2.432  -3.152  1.00 16.95  ? 1327 GLU A O   1 
ATOM   109  C CB  . GLU A 1 36  ? -13.380 -0.849  -1.529  1.00 22.00  ? 1327 GLU A CB  1 
ATOM   110  C CG  . GLU A 1 36  ? -14.650 -1.267  -0.794  1.00 30.64  ? 1327 GLU A CG  1 
ATOM   111  C CD  . GLU A 1 36  ? -15.738 -0.199  -0.657  1.00 42.35  ? 1327 GLU A CD  1 
ATOM   112  O OE1 . GLU A 1 36  ? -15.615 0.914   -1.278  1.00 49.36  ? 1327 GLU A OE1 1 
ATOM   113  O OE2 . GLU A 1 36  ? -16.717 -0.477  0.084   1.00 51.95  ? 1327 GLU A OE2 1 
ATOM   114  N N   . LEU A 1 37  ? -10.158 -0.691  -1.901  1.00 15.34  ? 1328 LEU A N   1 
ATOM   115  C CA  . LEU A 1 37  ? -8.973  -0.526  -2.785  1.00 13.59  ? 1328 LEU A CA  1 
ATOM   116  C C   . LEU A 1 37  ? -8.056  -1.765  -2.685  1.00 13.91  ? 1328 LEU A C   1 
ATOM   117  O O   . LEU A 1 37  ? -7.525  -2.248  -3.725  1.00 15.11  ? 1328 LEU A O   1 
ATOM   118  C CB  . LEU A 1 37  ? -8.237  0.758   -2.447  1.00 14.98  ? 1328 LEU A CB  1 
ATOM   119  C CG  . LEU A 1 37  ? -6.944  1.069   -3.186  1.00 14.54  ? 1328 LEU A CG  1 
ATOM   120  C CD1 . LEU A 1 37  ? -7.149  1.044   -4.705  1.00 15.15  ? 1328 LEU A CD1 1 
ATOM   121  C CD2 . LEU A 1 37  ? -6.426  2.403   -2.800  1.00 15.22  ? 1328 LEU A CD2 1 
ATOM   122  N N   . LEU A 1 38  ? -7.865  -2.339  -1.500  1.00 14.95  ? 1329 LEU A N   1 
ATOM   123  C CA  . LEU A 1 38  ? -7.074  -3.592  -1.390  1.00 14.99  ? 1329 LEU A CA  1 
ATOM   124  C C   . LEU A 1 38  ? -7.752  -4.708  -2.174  1.00 15.74  ? 1329 LEU A C   1 
ATOM   125  O O   . LEU A 1 38  ? -7.041  -5.491  -2.784  1.00 18.28  ? 1329 LEU A O   1 
ATOM   126  C CB  . LEU A 1 38  ? -6.923  -3.958  0.086   1.00 15.83  ? 1329 LEU A CB  1 
ATOM   127  C CG  . LEU A 1 38  ? -5.964  -3.072  0.886   1.00 15.95  ? 1329 LEU A CG  1 
ATOM   128  C CD1 . LEU A 1 38  ? -6.091  -3.386  2.363   1.00 17.43  ? 1329 LEU A CD1 1 
ATOM   129  C CD2 . LEU A 1 38  ? -4.513  -3.277  0.462   1.00 18.88  ? 1329 LEU A CD2 1 
ATOM   130  N N   . ASN A 1 39  ? -9.068  -4.825  -2.113  1.00 17.52  ? 1330 ASN A N   1 
ATOM   131  C CA  . ASN A 1 39  ? -9.790  -5.812  -2.972  1.00 19.56  ? 1330 ASN A CA  1 
ATOM   132  C C   . ASN A 1 39  ? -9.434  -5.591  -4.447  1.00 18.48  ? 1330 ASN A C   1 
ATOM   133  O O   . ASN A 1 39  ? -9.104  -6.607  -5.173  1.00 21.68  ? 1330 ASN A O   1 
ATOM   134  C CB  . ASN A 1 39  ? -11.295 -5.740  -2.705  1.00 23.01  ? 1330 ASN A CB  1 
ATOM   135  C CG  . ASN A 1 39  ? -11.704 -6.360  -1.382  1.00 26.99  ? 1330 ASN A CG  1 
ATOM   136  O OD1 . ASN A 1 39  ? -10.969 -7.159  -0.803  1.00 30.71  ? 1330 ASN A OD1 1 
ATOM   137  N ND2 . ASN A 1 39  ? -12.884 -6.000  -0.888  1.00 30.38  ? 1330 ASN A ND2 1 
ATOM   138  N N   . LEU A 1 40  ? -9.483  -4.371  -4.934  1.00 17.87  ? 1331 LEU A N   1 
ATOM   139  C CA  . LEU A 1 40  ? -9.122  -4.099  -6.359  1.00 18.27  ? 1331 LEU A CA  1 
ATOM   140  C C   . LEU A 1 40  ? -7.666  -4.500  -6.618  1.00 18.43  ? 1331 LEU A C   1 
ATOM   141  O O   . LEU A 1 40  ? -7.390  -5.190  -7.626  1.00 19.72  ? 1331 LEU A O   1 
ATOM   142  C CB  . LEU A 1 40  ? -9.344  -2.629  -6.684  1.00 18.58  ? 1331 LEU A CB  1 
ATOM   143  C CG  . LEU A 1 40  ? -10.792 -2.128  -6.738  1.00 19.10  ? 1331 LEU A CG  1 
ATOM   144  C CD1 . LEU A 1 40  ? -10.840 -0.629  -6.944  1.00 23.20  ? 1331 LEU A CD1 1 
ATOM   145  C CD2 . LEU A 1 40  ? -11.589 -2.870  -7.817  1.00 24.39  ? 1331 LEU A CD2 1 
ATOM   146  N N   . ILE A 1 41  ? -6.745  -4.193  -5.704  1.00 16.67  ? 1332 ILE A N   1 
ATOM   147  C CA  . ILE A 1 41  ? -5.314  -4.535  -5.892  1.00 15.65  ? 1332 ILE A CA  1 
ATOM   148  C C   . ILE A 1 41  ? -5.154  -6.065  -5.971  1.00 16.37  ? 1332 ILE A C   1 
ATOM   149  O O   . ILE A 1 41  ? -4.433  -6.547  -6.877  1.00 17.15  ? 1332 ILE A O   1 
ATOM   150  C CB  . ILE A 1 41  ? -4.479  -3.892  -4.760  1.00 15.69  ? 1332 ILE A CB  1 
ATOM   151  C CG1 . ILE A 1 41  ? -4.377  -2.388  -5.012  1.00 15.87  ? 1332 ILE A CG1 1 
ATOM   152  C CG2 . ILE A 1 41  ? -3.127  -4.561  -4.621  1.00 15.34  ? 1332 ILE A CG2 1 
ATOM   153  C CD1 . ILE A 1 41  ? -3.900  -1.611  -3.851  1.00 17.77  ? 1332 ILE A CD1 1 
ATOM   154  N N   . PHE A 1 42  ? -5.860  -6.816  -5.129  1.00 17.98  ? 1333 PHE A N   1 
ATOM   155  C CA  . PHE A 1 42  ? -5.801  -8.306  -5.165  1.00 21.10  ? 1333 PHE A CA  1 
ATOM   156  C C   . PHE A 1 42  ? -6.368  -8.831  -6.502  1.00 22.94  ? 1333 PHE A C   1 
ATOM   157  O O   . PHE A 1 42  ? -5.782  -9.825  -7.009  1.00 28.51  ? 1333 PHE A O   1 
ATOM   158  C CB  . PHE A 1 42  ? -6.440  -8.884  -3.891  1.00 21.38  ? 1333 PHE A CB  1 
ATOM   159  C CG  . PHE A 1 42  ? -5.514  -9.005  -2.698  1.00 21.02  ? 1333 PHE A CG  1 
ATOM   160  C CD1 . PHE A 1 42  ? -4.838  -10.187 -2.444  1.00 24.05  ? 1333 PHE A CD1 1 
ATOM   161  C CD2 . PHE A 1 42  ? -5.291  -7.938  -1.831  1.00 23.96  ? 1333 PHE A CD2 1 
ATOM   162  C CE1 . PHE A 1 42  ? -4.005  -10.326 -1.336  1.00 26.46  ? 1333 PHE A CE1 1 
ATOM   163  C CE2 . PHE A 1 42  ? -4.471  -8.089  -0.714  1.00 24.08  ? 1333 PHE A CE2 1 
ATOM   164  C CZ  . PHE A 1 42  ? -3.808  -9.272  -0.483  1.00 22.76  ? 1333 PHE A CZ  1 
ATOM   165  N N   . GLN A 1 43  ? -7.318  -8.155  -7.163  1.00 22.60  ? 1334 GLN A N   1 
ATOM   166  C CA  . GLN A 1 43  ? -7.836  -8.583  -8.513  1.00 23.46  ? 1334 GLN A CA  1 
ATOM   167  C C   . GLN A 1 43  ? -6.857  -8.286  -9.656  1.00 23.46  ? 1334 GLN A C   1 
ATOM   168  O O   . GLN A 1 43  ? -6.976  -8.900  -10.727 1.00 24.77  ? 1334 GLN A O   1 
ATOM   169  C CB  . GLN A 1 43  ? -9.157  -7.856  -8.790  1.00 23.42  ? 1334 GLN A CB  1 
ATOM   170  C CG  . GLN A 1 43  ? -10.297 -8.256  -7.856  1.00 25.52  ? 1334 GLN A CG  1 
ATOM   171  N N   A CYS A 1 44  ? -5.933  -7.350  -9.442  0.26 21.28  ? 1335 CYS A N   1 
ATOM   172  N N   B CYS A 1 44  ? -5.936  -7.334  -9.462  0.26 21.23  ? 1335 CYS A N   1 
ATOM   173  C CA  A CYS A 1 44  ? -4.915  -6.939  -10.438 0.26 20.01  ? 1335 CYS A CA  1 
ATOM   174  C CA  B CYS A 1 44  ? -4.934  -6.912  -10.476 0.26 19.96  ? 1335 CYS A CA  1 
ATOM   175  C C   A CYS A 1 44  ? -3.893  -8.069  -10.580 0.26 19.29  ? 1335 CYS A C   1 
ATOM   176  C C   B CYS A 1 44  ? -3.880  -8.020  -10.596 0.26 19.23  ? 1335 CYS A C   1 
ATOM   177  O O   A CYS A 1 44  ? -3.338  -8.509  -9.556  0.26 18.40  ? 1335 CYS A O   1 
ATOM   178  O O   B CYS A 1 44  ? -3.286  -8.394  -9.572  0.26 18.27  ? 1335 CYS A O   1 
ATOM   179  C CB  A CYS A 1 44  ? -4.218  -5.647  -10.030 0.26 19.69  ? 1335 CYS A CB  1 
ATOM   180  C CB  B CYS A 1 44  ? -4.266  -5.583  -10.122 0.26 19.78  ? 1335 CYS A CB  1 
ATOM   181  S SG  A CYS A 1 44  ? -5.306  -4.206  -10.148 0.26 21.16  ? 1335 CYS A SG  1 
ATOM   182  S SG  B CYS A 1 44  ? -3.405  -4.793  -11.515 0.26 21.27  ? 1335 CYS A SG  1 
ATOM   183  N N   . GLU A 1 45  ? -3.650  -8.541  -11.804 1.00 18.93  ? 1336 GLU A N   1 
ATOM   184  C CA  . GLU A 1 45  ? -2.568  -9.551  -12.003 1.00 18.16  ? 1336 GLU A CA  1 
ATOM   185  C C   . GLU A 1 45  ? -1.190  -9.017  -11.553 1.00 16.34  ? 1336 GLU A C   1 
ATOM   186  O O   . GLU A 1 45  ? -0.353  -9.787  -11.083 1.00 16.97  ? 1336 GLU A O   1 
ATOM   187  C CB  . GLU A 1 45  ? -2.528  -9.942  -13.468 1.00 18.60  ? 1336 GLU A CB  1 
ATOM   188  C CG  . GLU A 1 45  ? -3.723  -10.804 -13.844 1.00 21.22  ? 1336 GLU A CG  1 
ATOM   189  C CD  . GLU A 1 45  ? -3.776  -11.300 -15.280 1.00 25.33  ? 1336 GLU A CD  1 
ATOM   190  O OE1 . GLU A 1 45  ? -2.836  -11.020 -16.049 1.00 28.34  ? 1336 GLU A OE1 1 
ATOM   191  O OE2 . GLU A 1 45  ? -4.785  -11.975 -15.616 1.00 27.29  ? 1336 GLU A OE2 1 
ATOM   192  N N   . ASP A 1 46  ? -0.996  -7.701  -11.652 1.00 16.04  ? 1337 ASP A N   1 
ATOM   193  C CA  . ASP A 1 46  ? 0.261   -7.021  -11.243 1.00 15.83  ? 1337 ASP A CA  1 
ATOM   194  C C   . ASP A 1 46  ? 0.495   -7.153  -9.727  1.00 15.43  ? 1337 ASP A C   1 
ATOM   195  O O   . ASP A 1 46  ? 1.647   -6.965  -9.306  1.00 14.41  ? 1337 ASP A O   1 
ATOM   196  C CB  . ASP A 1 46  ? 0.270   -5.556  -11.678 1.00 15.71  ? 1337 ASP A CB  1 
ATOM   197  C CG  . ASP A 1 46  ? 0.368   -5.356  -13.188 1.00 16.09  ? 1337 ASP A CG  1 
ATOM   198  O OD1 . ASP A 1 46  ? 0.734   -6.330  -13.896 1.00 17.21  ? 1337 ASP A OD1 1 
ATOM   199  O OD2 . ASP A 1 46  ? 0.110   -4.228  -13.645 1.00 16.37  ? 1337 ASP A OD2 1 
ATOM   200  N N   . SER A 1 47  ? -0.519  -7.473  -8.915  1.00 15.21  ? 1338 SER A N   1 
ATOM   201  C CA  . SER A 1 47  ? -0.336  -7.605  -7.443  1.00 15.71  ? 1338 SER A CA  1 
ATOM   202  C C   . SER A 1 47  ? 0.223   -8.980  -7.056  1.00 15.79  ? 1338 SER A C   1 
ATOM   203  O O   . SER A 1 47  ? 0.646   -9.113  -5.909  1.00 15.69  ? 1338 SER A O   1 
ATOM   204  C CB  . SER A 1 47  ? -1.597  -7.317  -6.684  1.00 15.54  ? 1338 SER A CB  1 
ATOM   205  O OG  . SER A 1 47  ? -2.605  -8.276  -6.967  1.00 14.99  ? 1338 SER A OG  1 
ATOM   206  N N   . GLU A 1 48  ? 0.202   -9.973  -7.946  1.00 16.14  ? 1339 GLU A N   1 
ATOM   207  C CA  . GLU A 1 48  ? 0.442   -11.396 -7.578  1.00 18.01  ? 1339 GLU A CA  1 
ATOM   208  C C   . GLU A 1 48  ? 1.733   -11.533 -6.760  1.00 16.01  ? 1339 GLU A C   1 
ATOM   209  O O   . GLU A 1 48  ? 1.751   -12.165 -5.702  1.00 16.85  ? 1339 GLU A O   1 
ATOM   210  C CB  . GLU A 1 48  ? 0.383   -12.240 -8.859  1.00 21.42  ? 1339 GLU A CB  1 
ATOM   211  C CG  . GLU A 1 48  ? 0.131   -13.714 -8.613  1.00 25.31  ? 1339 GLU A CG  1 
ATOM   212  C CD  . GLU A 1 48  ? 1.366   -14.472 -8.180  1.00 27.35  ? 1339 GLU A CD  1 
ATOM   213  O OE1 . GLU A 1 48  ? 2.456   -13.881 -8.270  1.00 27.23  ? 1339 GLU A OE1 1 
ATOM   214  O OE2 . GLU A 1 48  ? 1.230   -15.653 -7.776  1.00 32.40  ? 1339 GLU A OE2 1 
ATOM   215  N N   . PRO A 1 49  ? 2.854   -10.901 -7.169  1.00 15.09  ? 1340 PRO A N   1 
ATOM   216  C CA  . PRO A 1 49  ? 4.119   -11.065 -6.449  1.00 15.22  ? 1340 PRO A CA  1 
ATOM   217  C C   . PRO A 1 49  ? 4.169   -10.354 -5.088  1.00 15.29  ? 1340 PRO A C   1 
ATOM   218  O O   . PRO A 1 49  ? 5.102   -10.593 -4.334  1.00 15.88  ? 1340 PRO A O   1 
ATOM   219  C CB  . PRO A 1 49  ? 5.145   -10.438 -7.410  1.00 15.21  ? 1340 PRO A CB  1 
ATOM   220  C CG  . PRO A 1 49  ? 4.427   -10.332 -8.728  1.00 15.55  ? 1340 PRO A CG  1 
ATOM   221  C CD  . PRO A 1 49  ? 2.998   -10.036 -8.346  1.00 15.18  ? 1340 PRO A CD  1 
ATOM   222  N N   . PHE A 1 50  ? 3.159   -9.536  -4.787  1.00 15.46  ? 1341 PHE A N   1 
ATOM   223  C CA  . PHE A 1 50  ? 3.127   -8.653  -3.597  1.00 14.87  ? 1341 PHE A CA  1 
ATOM   224  C C   . PHE A 1 50  ? 1.978   -9.049  -2.654  1.00 16.04  ? 1341 PHE A C   1 
ATOM   225  O O   . PHE A 1 50  ? 1.727   -8.296  -1.715  1.00 15.14  ? 1341 PHE A O   1 
ATOM   226  C CB  . PHE A 1 50  ? 3.068   -7.191  -4.055  1.00 14.62  ? 1341 PHE A CB  1 
ATOM   227  C CG  . PHE A 1 50  ? 3.978   -6.844  -5.213  1.00 13.57  ? 1341 PHE A CG  1 
ATOM   228  C CD1 . PHE A 1 50  ? 5.358   -6.780  -5.049  1.00 14.21  ? 1341 PHE A CD1 1 
ATOM   229  C CD2 . PHE A 1 50  ? 3.463   -6.621  -6.484  1.00 13.83  ? 1341 PHE A CD2 1 
ATOM   230  C CE1 . PHE A 1 50  ? 6.197   -6.487  -6.112  1.00 13.88  ? 1341 PHE A CE1 1 
ATOM   231  C CE2 . PHE A 1 50  ? 4.305   -6.319  -7.542  1.00 13.82  ? 1341 PHE A CE2 1 
ATOM   232  C CZ  . PHE A 1 50  ? 5.669   -6.273  -7.366  1.00 13.78  ? 1341 PHE A CZ  1 
ATOM   233  N N   . ARG A 1 51  ? 1.326   -10.200 -2.846  1.00 17.23  ? 1342 ARG A N   1 
ATOM   234  C CA  . ARG A 1 51  ? 0.163   -10.607 -2.011  1.00 18.24  ? 1342 ARG A CA  1 
ATOM   235  C C   . ARG A 1 51  ? 0.598   -11.403 -0.789  1.00 18.55  ? 1342 ARG A C   1 
ATOM   236  O O   . ARG A 1 51  ? -0.311  -11.750 -0.016  1.00 18.10  ? 1342 ARG A O   1 
ATOM   237  C CB  . ARG A 1 51  ? -0.828  -11.498 -2.761  1.00 18.85  ? 1342 ARG A CB  1 
ATOM   238  C CG  . ARG A 1 51  ? -1.414  -10.830 -3.988  1.00 19.42  ? 1342 ARG A CG  1 
ATOM   239  C CD  . ARG A 1 51  ? -2.474  -11.676 -4.647  1.00 19.73  ? 1342 ARG A CD  1 
ATOM   240  N NE  . ARG A 1 51  ? -2.794  -11.154 -5.963  1.00 20.38  ? 1342 ARG A NE  1 
ATOM   241  C CZ  . ARG A 1 51  ? -2.783  -11.858 -7.096  1.00 22.60  ? 1342 ARG A CZ  1 
ATOM   242  N NH1 . ARG A 1 51  ? -2.477  -13.148 -7.097  1.00 24.22  ? 1342 ARG A NH1 1 
ATOM   243  N NH2 . ARG A 1 51  ? -3.093  -11.267 -8.234  1.00 23.19  ? 1342 ARG A NH2 1 
ATOM   244  N N   . GLN A 1 52  ? 1.885   -11.750 -0.680  1.00 19.71  ? 1343 GLN A N   1 
ATOM   245  C CA  . GLN A 1 52  ? 2.441   -12.580 0.421   1.00 21.34  ? 1343 GLN A CA  1 
ATOM   246  C C   . GLN A 1 52  ? 3.869   -12.129 0.701   1.00 19.80  ? 1343 GLN A C   1 
ATOM   247  O O   . GLN A 1 52  ? 4.543   -11.649 -0.210  1.00 18.76  ? 1343 GLN A O   1 
ATOM   248  C CB  . GLN A 1 52  ? 2.443   -14.068 0.053   1.00 24.43  ? 1343 GLN A CB  1 
ATOM   249  C CG  . GLN A 1 52  ? 1.075   -14.641 -0.283  1.00 29.68  ? 1343 GLN A CG  1 
ATOM   250  C CD  . GLN A 1 52  ? 0.103   -14.591 0.871   1.00 34.11  ? 1343 GLN A CD  1 
ATOM   251  O OE1 . GLN A 1 52  ? 0.463   -14.290 2.010   1.00 42.01  ? 1343 GLN A OE1 1 
ATOM   252  N NE2 . GLN A 1 52  ? -1.156  -14.879 0.578   1.00 36.92  ? 1343 GLN A NE2 1 
ATOM   253  N N   . PRO A 1 53  ? 4.375   -12.268 1.952   1.00 19.72  ? 1344 PRO A N   1 
ATOM   254  C CA  . PRO A 1 53  ? 5.752   -11.892 2.252   1.00 20.08  ? 1344 PRO A CA  1 
ATOM   255  C C   . PRO A 1 53  ? 6.709   -12.637 1.309   1.00 20.23  ? 1344 PRO A C   1 
ATOM   256  O O   . PRO A 1 53  ? 6.459   -13.800 0.992   1.00 21.85  ? 1344 PRO A O   1 
ATOM   257  C CB  . PRO A 1 53  ? 5.969   -12.312 3.713   1.00 19.69  ? 1344 PRO A CB  1 
ATOM   258  C CG  . PRO A 1 53  ? 4.575   -12.419 4.288   1.00 19.57  ? 1344 PRO A CG  1 
ATOM   259  C CD  . PRO A 1 53  ? 3.683   -12.815 3.131   1.00 19.44  ? 1344 PRO A CD  1 
ATOM   260  N N   . VAL A 1 54  ? 7.762   -11.952 0.865   1.00 20.40  ? 1345 VAL A N   1 
ATOM   261  C CA  . VAL A 1 54  ? 8.811   -12.529 -0.025  1.00 21.01  ? 1345 VAL A CA  1 
ATOM   262  C C   . VAL A 1 54  ? 9.326   -13.821 0.621   1.00 21.46  ? 1345 VAL A C   1 
ATOM   263  O O   . VAL A 1 54  ? 9.494   -13.853 1.859   1.00 21.74  ? 1345 VAL A O   1 
ATOM   264  C CB  . VAL A 1 54  ? 9.948   -11.528 -0.301  1.00 21.28  ? 1345 VAL A CB  1 
ATOM   265  C CG1 . VAL A 1 54  ? 11.145  -12.201 -0.956  1.00 20.90  ? 1345 VAL A CG1 1 
ATOM   266  C CG2 . VAL A 1 54  ? 9.454   -10.363 -1.140  1.00 21.63  ? 1345 VAL A CG2 1 
ATOM   267  N N   . ASP A 1 55  ? 9.509   -14.849 -0.208  1.00 22.95  ? 1346 ASP A N   1 
ATOM   268  C CA  . ASP A 1 55  ? 10.033  -16.192 0.149   1.00 24.41  ? 1346 ASP A CA  1 
ATOM   269  C C   . ASP A 1 55  ? 11.560  -16.100 0.268   1.00 25.12  ? 1346 ASP A C   1 
ATOM   270  O O   . ASP A 1 55  ? 12.217  -15.898 -0.765  1.00 23.12  ? 1346 ASP A O   1 
ATOM   271  C CB  . ASP A 1 55  ? 9.577   -17.200 -0.915  1.00 25.51  ? 1346 ASP A CB  1 
ATOM   272  C CG  . ASP A 1 55  ? 9.988   -18.642 -0.685  1.00 26.79  ? 1346 ASP A CG  1 
ATOM   273  O OD1 . ASP A 1 55  ? 11.171  -18.948 -0.878  1.00 26.58  ? 1346 ASP A OD1 1 
ATOM   274  O OD2 . ASP A 1 55  ? 9.107   -19.455 -0.346  1.00 27.72  ? 1346 ASP A OD2 1 
ATOM   275  N N   . LEU A 1 56  ? 12.108  -16.262 1.474   1.00 27.44  ? 1347 LEU A N   1 
ATOM   276  C CA  . LEU A 1 56  ? 13.569  -16.127 1.723   1.00 28.36  ? 1347 LEU A CA  1 
ATOM   277  C C   . LEU A 1 56  ? 14.317  -17.393 1.289   1.00 28.42  ? 1347 LEU A C   1 
ATOM   278  O O   . LEU A 1 56  ? 15.545  -17.412 1.475   1.00 30.52  ? 1347 LEU A O   1 
ATOM   279  C CB  . LEU A 1 56  ? 13.825  -15.827 3.204   1.00 29.43  ? 1347 LEU A CB  1 
ATOM   280  C CG  . LEU A 1 56  ? 13.287  -14.495 3.727   1.00 30.48  ? 1347 LEU A CG  1 
ATOM   281  C CD1 . LEU A 1 56  ? 13.849  -14.200 5.106   1.00 31.16  ? 1347 LEU A CD1 1 
ATOM   282  C CD2 . LEU A 1 56  ? 13.596  -13.350 2.772   1.00 31.27  ? 1347 LEU A CD2 1 
ATOM   283  N N   . LEU A 1 57  ? 13.625  -18.405 0.745   1.00 27.42  ? 1348 LEU A N   1 
ATOM   284  C CA  . LEU A 1 57  ? 14.269  -19.633 0.200   1.00 26.35  ? 1348 LEU A CA  1 
ATOM   285  C C   . LEU A 1 57  ? 14.688  -19.381 -1.254  1.00 25.27  ? 1348 LEU A C   1 
ATOM   286  O O   . LEU A 1 57  ? 15.810  -19.798 -1.626  1.00 26.90  ? 1348 LEU A O   1 
ATOM   287  C CB  . LEU A 1 57  ? 13.310  -20.824 0.310   1.00 27.24  ? 1348 LEU A CB  1 
ATOM   288  C CG  . LEU A 1 57  ? 12.682  -21.056 1.686   1.00 28.09  ? 1348 LEU A CG  1 
ATOM   289  C CD1 . LEU A 1 57  ? 11.681  -22.205 1.643   1.00 28.48  ? 1348 LEU A CD1 1 
ATOM   290  C CD2 . LEU A 1 57  ? 13.752  -21.321 2.735   1.00 28.17  ? 1348 LEU A CD2 1 
ATOM   291  N N   . GLU A 1 58  ? 13.828  -18.721 -2.038  1.00 23.53  ? 1349 GLU A N   1 
ATOM   292  C CA  . GLU A 1 58  ? 14.028  -18.483 -3.497  1.00 23.61  ? 1349 GLU A CA  1 
ATOM   293  C C   . GLU A 1 58  ? 14.923  -17.262 -3.716  1.00 22.32  ? 1349 GLU A C   1 
ATOM   294  O O   . GLU A 1 58  ? 15.662  -17.226 -4.734  1.00 23.64  ? 1349 GLU A O   1 
ATOM   295  C CB  . GLU A 1 58  ? 12.679  -18.276 -4.190  1.00 24.39  ? 1349 GLU A CB  1 
ATOM   296  C CG  . GLU A 1 58  ? 11.952  -19.577 -4.477  1.00 25.82  ? 1349 GLU A CG  1 
ATOM   297  C CD  . GLU A 1 58  ? 12.632  -20.475 -5.499  1.00 27.47  ? 1349 GLU A CD  1 
ATOM   298  O OE1 . GLU A 1 58  ? 12.430  -21.689 -5.426  1.00 30.99  ? 1349 GLU A OE1 1 
ATOM   299  O OE2 . GLU A 1 58  ? 13.369  -19.954 -6.360  1.00 30.43  ? 1349 GLU A OE2 1 
ATOM   300  N N   . TYR A 1 59  ? 14.831  -16.280 -2.811  1.00 21.13  ? 1350 TYR A N   1 
ATOM   301  C CA  . TYR A 1 59  ? 15.602  -15.010 -2.836  1.00 19.00  ? 1350 TYR A CA  1 
ATOM   302  C C   . TYR A 1 59  ? 16.463  -14.997 -1.577  1.00 18.06  ? 1350 TYR A C   1 
ATOM   303  O O   . TYR A 1 59  ? 16.234  -14.223 -0.653  1.00 16.98  ? 1350 TYR A O   1 
ATOM   304  C CB  . TYR A 1 59  ? 14.620  -13.840 -2.979  1.00 18.24  ? 1350 TYR A CB  1 
ATOM   305  C CG  . TYR A 1 59  ? 13.720  -13.967 -4.184  1.00 17.62  ? 1350 TYR A CG  1 
ATOM   306  C CD1 . TYR A 1 59  ? 14.157  -13.601 -5.448  1.00 17.05  ? 1350 TYR A CD1 1 
ATOM   307  C CD2 . TYR A 1 59  ? 12.440  -14.494 -4.077  1.00 17.75  ? 1350 TYR A CD2 1 
ATOM   308  C CE1 . TYR A 1 59  ? 13.352  -13.740 -6.568  1.00 17.33  ? 1350 TYR A CE1 1 
ATOM   309  C CE2 . TYR A 1 59  ? 11.621  -14.643 -5.188  1.00 17.59  ? 1350 TYR A CE2 1 
ATOM   310  C CZ  . TYR A 1 59  ? 12.076  -14.266 -6.439  1.00 17.28  ? 1350 TYR A CZ  1 
ATOM   311  O OH  . TYR A 1 59  ? 11.256  -14.388 -7.533  1.00 16.86  ? 1350 TYR A OH  1 
ATOM   312  N N   . PRO A 1 60  ? 17.444  -15.926 -1.480  1.00 18.74  ? 1351 PRO A N   1 
ATOM   313  C CA  . PRO A 1 60  ? 18.214  -16.122 -0.250  1.00 17.39  ? 1351 PRO A CA  1 
ATOM   314  C C   . PRO A 1 60  ? 18.943  -14.880 0.291   1.00 17.08  ? 1351 PRO A C   1 
ATOM   315  O O   . PRO A 1 60  ? 19.250  -14.835 1.469   1.00 16.61  ? 1351 PRO A O   1 
ATOM   316  C CB  . PRO A 1 60  ? 19.244  -17.196 -0.654  1.00 18.40  ? 1351 PRO A CB  1 
ATOM   317  C CG  . PRO A 1 60  ? 18.586  -17.937 -1.777  1.00 19.49  ? 1351 PRO A CG  1 
ATOM   318  C CD  . PRO A 1 60  ? 17.839  -16.870 -2.541  1.00 18.85  ? 1351 PRO A CD  1 
ATOM   319  N N   . ASP A 1 61  ? 19.219  -13.897 -0.559  1.00 15.97  ? 1352 ASP A N   1 
ATOM   320  C CA  . ASP A 1 61  ? 19.942  -12.671 -0.126  1.00 16.11  ? 1352 ASP A CA  1 
ATOM   321  C C   . ASP A 1 61  ? 18.944  -11.545 0.188   1.00 15.22  ? 1352 ASP A C   1 
ATOM   322  O O   . ASP A 1 61  ? 19.385  -10.425 0.473   1.00 15.35  ? 1352 ASP A O   1 
ATOM   323  C CB  . ASP A 1 61  ? 20.947  -12.213 -1.184  1.00 17.14  ? 1352 ASP A CB  1 
ATOM   324  C CG  . ASP A 1 61  ? 20.286  -11.850 -2.495  1.00 18.12  ? 1352 ASP A CG  1 
ATOM   325  O OD1 . ASP A 1 61  ? 19.125  -12.293 -2.706  1.00 20.77  ? 1352 ASP A OD1 1 
ATOM   326  O OD2 . ASP A 1 61  ? 20.923  -11.145 -3.291  1.00 22.06  ? 1352 ASP A OD2 1 
ATOM   327  N N   . TYR A 1 62  ? 17.641  -11.811 0.197   1.00 14.88  ? 1353 TYR A N   1 
ATOM   328  C CA  . TYR A 1 62  ? 16.630  -10.726 0.271   1.00 14.71  ? 1353 TYR A CA  1 
ATOM   329  C C   . TYR A 1 62  ? 16.869  -9.853  1.514   1.00 15.86  ? 1353 TYR A C   1 
ATOM   330  O O   . TYR A 1 62  ? 16.905  -8.616  1.369   1.00 15.86  ? 1353 TYR A O   1 
ATOM   331  C CB  . TYR A 1 62  ? 15.213  -11.301 0.219   1.00 14.54  ? 1353 TYR A CB  1 
ATOM   332  C CG  . TYR A 1 62  ? 14.136  -10.259 0.059   1.00 14.28  ? 1353 TYR A CG  1 
ATOM   333  C CD1 . TYR A 1 62  ? 13.952  -9.629  -1.159  1.00 14.00  ? 1353 TYR A CD1 1 
ATOM   334  C CD2 . TYR A 1 62  ? 13.326  -9.868  1.119   1.00 14.03  ? 1353 TYR A CD2 1 
ATOM   335  C CE1 . TYR A 1 62  ? 12.991  -8.651  -1.333  1.00 13.54  ? 1353 TYR A CE1 1 
ATOM   336  C CE2 . TYR A 1 62  ? 12.340  -8.904  0.954   1.00 13.49  ? 1353 TYR A CE2 1 
ATOM   337  C CZ  . TYR A 1 62  ? 12.187  -8.279  -0.272  1.00 13.30  ? 1353 TYR A CZ  1 
ATOM   338  O OH  . TYR A 1 62  ? 11.246  -7.302  -0.459  1.00 13.64  ? 1353 TYR A OH  1 
ATOM   339  N N   . ARG A 1 63  ? 17.037  -10.453 2.698   1.00 16.13  ? 1354 ARG A N   1 
ATOM   340  C CA  . ARG A 1 63  ? 17.047  -9.724  3.998   1.00 17.69  ? 1354 ARG A CA  1 
ATOM   341  C C   . ARG A 1 63  ? 18.389  -9.040  4.274   1.00 17.86  ? 1354 ARG A C   1 
ATOM   342  O O   . ARG A 1 63  ? 18.463  -8.314  5.285   1.00 19.64  ? 1354 ARG A O   1 
ATOM   343  C CB  . ARG A 1 63  ? 16.715  -10.667 5.153   1.00 18.67  ? 1354 ARG A CB  1 
ATOM   344  C CG  . ARG A 1 63  ? 15.279  -11.158 5.131   1.00 21.00  ? 1354 ARG A CG  1 
ATOM   345  C CD  . ARG A 1 63  ? 14.264  -10.036 5.255   1.00 23.31  ? 1354 ARG A CD  1 
ATOM   346  N NE  . ARG A 1 63  ? 14.670  -9.043  6.246   1.00 25.36  ? 1354 ARG A NE  1 
ATOM   347  C CZ  . ARG A 1 63  ? 14.662  -9.235  7.568   1.00 27.40  ? 1354 ARG A CZ  1 
ATOM   348  N NH1 . ARG A 1 63  ? 14.263  -10.385 8.082   1.00 29.83  ? 1354 ARG A NH1 1 
ATOM   349  N NH2 . ARG A 1 63  ? 15.062  -8.269  8.376   1.00 27.22  ? 1354 ARG A NH2 1 
ATOM   350  N N   . ASP A 1 64  ? 19.399  -9.228  3.423   1.00 18.88  ? 1355 ASP A N   1 
ATOM   351  C CA  . ASP A 1 64  ? 20.668  -8.455  3.510   1.00 19.89  ? 1355 ASP A CA  1 
ATOM   352  C C   . ASP A 1 64  ? 20.443  -7.043  2.954   1.00 20.09  ? 1355 ASP A C   1 
ATOM   353  O O   . ASP A 1 64  ? 21.118  -6.115  3.437   1.00 19.86  ? 1355 ASP A O   1 
ATOM   354  C CB  . ASP A 1 64  ? 21.800  -9.147  2.751   1.00 20.57  ? 1355 ASP A CB  1 
ATOM   355  C CG  . ASP A 1 64  ? 22.397  -10.359 3.446   1.00 21.36  ? 1355 ASP A CG  1 
ATOM   356  O OD1 . ASP A 1 64  ? 22.076  -10.604 4.635   1.00 21.95  ? 1355 ASP A OD1 1 
ATOM   357  O OD2 . ASP A 1 64  ? 23.180  -11.056 2.783   1.00 23.89  ? 1355 ASP A OD2 1 
ATOM   358  N N   . ILE A 1 65  ? 19.532  -6.892  1.983   1.00 20.28  ? 1356 ILE A N   1 
ATOM   359  C CA  . ILE A 1 65  ? 19.194  -5.603  1.301   1.00 19.99  ? 1356 ILE A CA  1 
ATOM   360  C C   . ILE A 1 65  ? 17.987  -4.958  2.000   1.00 19.11  ? 1356 ILE A C   1 
ATOM   361  O O   . ILE A 1 65  ? 18.041  -3.742  2.288   1.00 18.93  ? 1356 ILE A O   1 
ATOM   362  C CB  . ILE A 1 65  ? 18.925  -5.810  -0.209  1.00 20.70  ? 1356 ILE A CB  1 
ATOM   363  C CG1 . ILE A 1 65  ? 20.082  -6.520  -0.925  1.00 22.83  ? 1356 ILE A CG1 1 
ATOM   364  C CG2 . ILE A 1 65  ? 18.589  -4.494  -0.893  1.00 20.64  ? 1356 ILE A CG2 1 
ATOM   365  C CD1 . ILE A 1 65  ? 19.994  -8.014  -0.907  1.00 23.52  ? 1356 ILE A CD1 1 
ATOM   366  N N   . ILE A 1 66  ? 16.942  -5.740  2.278   1.00 17.97  ? 1357 ILE A N   1 
ATOM   367  C CA  . ILE A 1 66  ? 15.612  -5.228  2.730   1.00 17.91  ? 1357 ILE A CA  1 
ATOM   368  C C   . ILE A 1 66  ? 15.532  -5.296  4.258   1.00 18.08  ? 1357 ILE A C   1 
ATOM   369  O O   . ILE A 1 66  ? 15.428  -6.411  4.807   1.00 19.10  ? 1357 ILE A O   1 
ATOM   370  C CB  . ILE A 1 66  ? 14.479  -5.997  2.023   1.00 17.24  ? 1357 ILE A CB  1 
ATOM   371  C CG1 . ILE A 1 66  ? 14.564  -5.841  0.498   1.00 17.96  ? 1357 ILE A CG1 1 
ATOM   372  C CG2 . ILE A 1 66  ? 13.114  -5.602  2.576   1.00 17.22  ? 1357 ILE A CG2 1 
ATOM   373  C CD1 . ILE A 1 66  ? 14.722  -4.420  0.002   1.00 18.80  ? 1357 ILE A CD1 1 
ATOM   374  N N   . ASP A 1 67  ? 15.549  -4.129  4.911   1.00 18.95  ? 1358 ASP A N   1 
ATOM   375  C CA  . ASP A 1 67  ? 15.480  -4.058  6.396   1.00 21.91  ? 1358 ASP A CA  1 
ATOM   376  C C   . ASP A 1 67  ? 14.069  -4.383  6.878   1.00 20.80  ? 1358 ASP A C   1 
ATOM   377  O O   . ASP A 1 67  ? 13.914  -4.950  7.976   1.00 21.33  ? 1358 ASP A O   1 
ATOM   378  C CB  . ASP A 1 67  ? 15.787  -2.649  6.885   1.00 26.46  ? 1358 ASP A CB  1 
ATOM   379  C CG  . ASP A 1 67  ? 17.234  -2.225  6.736   1.00 34.75  ? 1358 ASP A CG  1 
ATOM   380  O OD1 . ASP A 1 67  ? 18.080  -3.116  6.495   1.00 37.51  ? 1358 ASP A OD1 1 
ATOM   381  O OD2 . ASP A 1 67  ? 17.493  -1.005  6.821   1.00 43.05  ? 1358 ASP A OD2 1 
ATOM   382  N N   . THR A 1 68  ? 13.029  -3.912  6.146   1.00 17.89  ? 1359 THR A N   1 
ATOM   383  C CA  . THR A 1 68  ? 11.619  -4.056  6.617   1.00 18.84  ? 1359 THR A CA  1 
ATOM   384  C C   . THR A 1 68  ? 10.745  -4.632  5.510   1.00 17.49  ? 1359 THR A C   1 
ATOM   385  O O   . THR A 1 68  ? 10.184  -3.866  4.707   1.00 17.93  ? 1359 THR A O   1 
ATOM   386  C CB  . THR A 1 68  ? 11.004  -2.733  7.093   1.00 19.03  ? 1359 THR A CB  1 
ATOM   387  O OG1 . THR A 1 68  ? 11.916  -2.143  8.033   1.00 21.90  ? 1359 THR A OG1 1 
ATOM   388  C CG2 . THR A 1 68  ? 9.643   -2.948  7.727   1.00 21.19  ? 1359 THR A CG2 1 
ATOM   389  N N   . PRO A 1 69  ? 10.599  -5.954  5.447   1.00 15.96  ? 1360 PRO A N   1 
ATOM   390  C CA  . PRO A 1 69  ? 9.675   -6.590  4.489   1.00 17.02  ? 1360 PRO A CA  1 
ATOM   391  C C   . PRO A 1 69  ? 8.228   -6.113  4.676   1.00 15.34  ? 1360 PRO A C   1 
ATOM   392  O O   . PRO A 1 69  ? 7.783   -5.824  5.746   1.00 17.45  ? 1360 PRO A O   1 
ATOM   393  C CB  . PRO A 1 69  ? 9.780   -8.086  4.782   1.00 17.42  ? 1360 PRO A CB  1 
ATOM   394  C CG  . PRO A 1 69  ? 11.171  -8.204  5.397   1.00 19.55  ? 1360 PRO A CG  1 
ATOM   395  C CD  . PRO A 1 69  ? 11.306  -6.972  6.276   1.00 18.19  ? 1360 PRO A CD  1 
ATOM   396  N N   . MET A 1 70  ? 7.513   -5.994  3.556   1.00 14.54  ? 1361 MET A N   1 
ATOM   397  C CA  . MET A 1 70  ? 6.074   -5.639  3.604   1.00 14.37  ? 1361 MET A CA  1 
ATOM   398  C C   . MET A 1 70  ? 5.384   -6.240  2.376   1.00 12.95  ? 1361 MET A C   1 
ATOM   399  O O   . MET A 1 70  ? 5.997   -6.418  1.348   1.00 13.59  ? 1361 MET A O   1 
ATOM   400  C CB  . MET A 1 70  ? 5.877   -4.127  3.650   1.00 14.40  ? 1361 MET A CB  1 
ATOM   401  C CG  . MET A 1 70  ? 4.478   -3.655  3.894   1.00 13.91  ? 1361 MET A CG  1 
ATOM   402  S SD  . MET A 1 70  ? 3.646   -4.316  5.349   1.00 14.45  ? 1361 MET A SD  1 
ATOM   403  C CE  . MET A 1 70  ? 4.770   -3.893  6.676   1.00 16.36  ? 1361 MET A CE  1 
ATOM   404  N N   . ASP A 1 71  ? 4.105   -6.550  2.529   1.00 12.86  ? 1362 ASP A N   1 
ATOM   405  C CA  . ASP A 1 71  ? 3.304   -7.192  1.463   1.00 13.06  ? 1362 ASP A CA  1 
ATOM   406  C C   . ASP A 1 71  ? 1.837   -6.847  1.707   1.00 12.62  ? 1362 ASP A C   1 
ATOM   407  O O   . ASP A 1 71  ? 1.450   -6.379  2.792   1.00 12.60  ? 1362 ASP A O   1 
ATOM   408  C CB  . ASP A 1 71  ? 3.528   -8.699  1.485   1.00 14.77  ? 1362 ASP A CB  1 
ATOM   409  C CG  . ASP A 1 71  ? 2.996   -9.319  2.761   1.00 16.46  ? 1362 ASP A CG  1 
ATOM   410  O OD1 . ASP A 1 71  ? 3.717   -9.274  3.791   1.00 18.13  ? 1362 ASP A OD1 1 
ATOM   411  O OD2 . ASP A 1 71  ? 1.797   -9.675  2.759   1.00 16.90  ? 1362 ASP A OD2 1 
ATOM   412  N N   . PHE A 1 72  ? 0.990   -7.081  0.712   1.00 12.55  ? 1363 PHE A N   1 
ATOM   413  C CA  . PHE A 1 72  ? -0.419  -6.647  0.803   1.00 12.24  ? 1363 PHE A CA  1 
ATOM   414  C C   . PHE A 1 72  ? -1.240  -7.479  1.777   1.00 13.99  ? 1363 PHE A C   1 
ATOM   415  O O   . PHE A 1 72  ? -2.211  -6.946  2.310   1.00 13.71  ? 1363 PHE A O   1 
ATOM   416  C CB  . PHE A 1 72  ? -1.083  -6.625  -0.580  1.00 12.55  ? 1363 PHE A CB  1 
ATOM   417  C CG  . PHE A 1 72  ? -0.643  -5.450  -1.411  1.00 12.70  ? 1363 PHE A CG  1 
ATOM   418  C CD1 . PHE A 1 72  ? -1.102  -4.184  -1.123  1.00 13.08  ? 1363 PHE A CD1 1 
ATOM   419  C CD2 . PHE A 1 72  ? 0.193   -5.596  -2.493  1.00 13.28  ? 1363 PHE A CD2 1 
ATOM   420  C CE1 . PHE A 1 72  ? -0.694  -3.086  -1.865  1.00 14.68  ? 1363 PHE A CE1 1 
ATOM   421  C CE2 . PHE A 1 72  ? 0.582   -4.505  -3.254  1.00 12.48  ? 1363 PHE A CE2 1 
ATOM   422  C CZ  . PHE A 1 72  ? 0.161   -3.242  -2.908  1.00 13.18  ? 1363 PHE A CZ  1 
ATOM   423  N N   . ALA A 1 73  ? -0.897  -8.744  1.989   1.00 12.63  ? 1364 ALA A N   1 
ATOM   424  C CA  . ALA A 1 73  ? -1.612  -9.526  3.027   1.00 13.67  ? 1364 ALA A CA  1 
ATOM   425  C C   . ALA A 1 73  ? -1.329  -8.967  4.426   1.00 13.84  ? 1364 ALA A C   1 
ATOM   426  O O   . ALA A 1 73  ? -2.292  -8.810  5.207   1.00 14.80  ? 1364 ALA A O   1 
ATOM   427  C CB  . ALA A 1 73  ? -1.270  -10.995 2.946   1.00 14.84  ? 1364 ALA A CB  1 
ATOM   428  N N   . THR A 1 74  ? -0.107  -8.546  4.686   1.00 13.65  ? 1365 THR A N   1 
ATOM   429  C CA  . THR A 1 74  ? 0.224   -7.908  5.979   1.00 13.47  ? 1365 THR A CA  1 
ATOM   430  C C   . THR A 1 74  ? -0.547  -6.594  6.100   1.00 12.29  ? 1365 THR A C   1 
ATOM   431  O O   . THR A 1 74  ? -1.111  -6.308  7.168   1.00 12.89  ? 1365 THR A O   1 
ATOM   432  C CB  . THR A 1 74  ? 1.716   -7.712  6.099   1.00 14.59  ? 1365 THR A CB  1 
ATOM   433  O OG1 . THR A 1 74  ? 2.325   -9.011  6.103   1.00 17.08  ? 1365 THR A OG1 1 
ATOM   434  C CG2 . THR A 1 74  ? 2.117   -6.973  7.353   1.00 15.01  ? 1365 THR A CG2 1 
ATOM   435  N N   . VAL A 1 75  ? -0.607  -5.800  5.032   1.00 12.16  ? 1366 VAL A N   1 
ATOM   436  C CA  . VAL A 1 75  ? -1.357  -4.505  5.123   1.00 11.93  ? 1366 VAL A CA  1 
ATOM   437  C C   . VAL A 1 75  ? -2.840  -4.771  5.437   1.00 12.42  ? 1366 VAL A C   1 
ATOM   438  O O   . VAL A 1 75  ? -3.429  -4.100  6.327   1.00 12.00  ? 1366 VAL A O   1 
ATOM   439  C CB  . VAL A 1 75  ? -1.189  -3.686  3.833   1.00 12.40  ? 1366 VAL A CB  1 
ATOM   440  C CG1 . VAL A 1 75  ? -2.056  -2.451  3.897   1.00 12.99  ? 1366 VAL A CG1 1 
ATOM   441  C CG2 . VAL A 1 75  ? 0.265   -3.298  3.630   1.00 12.34  ? 1366 VAL A CG2 1 
ATOM   442  N N   . ARG A 1 76  ? -3.459  -5.718  4.741   1.00 11.87  ? 1367 ARG A N   1 
ATOM   443  C CA  . ARG A 1 76  ? -4.886  -6.061  4.967   1.00 14.13  ? 1367 ARG A CA  1 
ATOM   444  C C   . ARG A 1 76  ? -5.083  -6.577  6.401   1.00 13.25  ? 1367 ARG A C   1 
ATOM   445  O O   . ARG A 1 76  ? -6.099  -6.171  7.032   1.00 14.07  ? 1367 ARG A O   1 
ATOM   446  C CB  . ARG A 1 76  ? -5.296  -7.133  3.961   1.00 15.51  ? 1367 ARG A CB  1 
ATOM   447  C CG  . ARG A 1 76  ? -6.742  -7.556  4.051   1.00 20.49  ? 1367 ARG A CG  1 
ATOM   448  C CD  . ARG A 1 76  ? -6.960  -8.631  2.997   1.00 24.90  ? 1367 ARG A CD  1 
ATOM   449  N NE  . ARG A 1 76  ? -7.564  -8.104  1.805   1.00 27.45  ? 1367 ARG A NE  1 
ATOM   450  C CZ  . ARG A 1 76  ? -7.735  -8.775  0.664   1.00 29.15  ? 1367 ARG A CZ  1 
ATOM   451  N NH1 . ARG A 1 76  ? -7.203  -9.977  0.489   1.00 29.86  ? 1367 ARG A NH1 1 
ATOM   452  N NH2 . ARG A 1 76  ? -8.401  -8.189  -0.306  1.00 32.13  ? 1367 ARG A NH2 1 
ATOM   453  N N   . GLU A 1 77  ? -4.196  -7.425  6.895   1.00 12.90  ? 1368 GLU A N   1 
ATOM   454  C CA  . GLU A 1 77  ? -4.357  -7.936  8.268   1.00 14.65  ? 1368 GLU A CA  1 
ATOM   455  C C   . GLU A 1 77  ? -4.220  -6.803  9.269   1.00 14.82  ? 1368 GLU A C   1 
ATOM   456  O O   . GLU A 1 77  ? -4.917  -6.804  10.280  1.00 15.21  ? 1368 GLU A O   1 
ATOM   457  C CB  . GLU A 1 77  ? -3.312  -9.006  8.465   1.00 17.37  ? 1368 GLU A CB  1 
ATOM   458  C CG  . GLU A 1 77  ? -3.620  -10.317 7.774   1.00 22.24  ? 1368 GLU A CG  1 
ATOM   459  C CD  . GLU A 1 77  ? -2.446  -11.274 7.554   1.00 30.51  ? 1368 GLU A CD  1 
ATOM   460  O OE1 . GLU A 1 77  ? -1.305  -10.990 8.072   1.00 33.57  ? 1368 GLU A OE1 1 
ATOM   461  O OE2 . GLU A 1 77  ? -2.661  -12.299 6.819   1.00 38.16  ? 1368 GLU A OE2 1 
ATOM   462  N N   . THR A 1 78  ? -3.285  -5.896  9.077   1.00 13.30  ? 1369 THR A N   1 
ATOM   463  C CA  . THR A 1 78  ? -3.071  -4.750  9.999   1.00 13.08  ? 1369 THR A CA  1 
ATOM   464  C C   . THR A 1 78  ? -4.331  -3.887  10.035  1.00 14.42  ? 1369 THR A C   1 
ATOM   465  O O   . THR A 1 78  ? -4.788  -3.472  11.144  1.00 14.02  ? 1369 THR A O   1 
ATOM   466  C CB  . THR A 1 78  ? -1.836  -3.946  9.585   1.00 12.93  ? 1369 THR A CB  1 
ATOM   467  O OG1 . THR A 1 78  ? -0.677  -4.777  9.573   1.00 14.77  ? 1369 THR A OG1 1 
ATOM   468  C CG2 . THR A 1 78  ? -1.594  -2.762  10.493  1.00 13.87  ? 1369 THR A CG2 1 
ATOM   469  N N   . LEU A 1 79  ? -4.911  -3.612  8.873   1.00 12.39  ? 1370 LEU A N   1 
ATOM   470  C CA  . LEU A 1 79  ? -6.166  -2.840  8.766   1.00 13.12  ? 1370 LEU A CA  1 
ATOM   471  C C   . LEU A 1 79  ? -7.293  -3.548  9.531   1.00 13.24  ? 1370 LEU A C   1 
ATOM   472  O O   . LEU A 1 79  ? -8.011  -2.907  10.366  1.00 13.97  ? 1370 LEU A O   1 
ATOM   473  C CB  . LEU A 1 79  ? -6.468  -2.627  7.281   1.00 12.96  ? 1370 LEU A CB  1 
ATOM   474  C CG  . LEU A 1 79  ? -7.682  -1.744  6.980   1.00 13.01  ? 1370 LEU A CG  1 
ATOM   475  C CD1 . LEU A 1 79  ? -7.422  -0.319  7.448   1.00 13.02  ? 1370 LEU A CD1 1 
ATOM   476  C CD2 . LEU A 1 79  ? -8.015  -1.775  5.494   1.00 14.28  ? 1370 LEU A CD2 1 
ATOM   477  N N   . GLU A 1 80  ? -7.486  -4.838  9.248   1.00 14.02  ? 1371 GLU A N   1 
ATOM   478  C CA  . GLU A 1 80  ? -8.622  -5.616  9.810   1.00 15.48  ? 1371 GLU A CA  1 
ATOM   479  C C   . GLU A 1 80  ? -8.436  -5.781  11.330  1.00 15.13  ? 1371 GLU A C   1 
ATOM   480  O O   . GLU A 1 80  ? -9.451  -5.790  12.043  1.00 16.48  ? 1371 GLU A O   1 
ATOM   481  C CB  . GLU A 1 80  ? -8.802  -6.919  9.024   1.00 16.20  ? 1371 GLU A CB  1 
ATOM   482  C CG  . GLU A 1 80  ? -9.085  -6.714  7.522   1.00 18.82  ? 1371 GLU A CG  1 
ATOM   483  C CD  . GLU A 1 80  ? -10.257 -5.799  7.162   1.00 21.20  ? 1371 GLU A CD  1 
ATOM   484  O OE1 . GLU A 1 80  ? -11.352 -6.339  6.885   1.00 26.44  ? 1371 GLU A OE1 1 
ATOM   485  O OE2 . GLU A 1 80  ? -10.090 -4.547  7.176   1.00 22.00  ? 1371 GLU A OE2 1 
ATOM   486  N N   . ALA A 1 81  ? -7.201  -5.831  11.831  1.00 15.19  ? 1372 ALA A N   1 
ATOM   487  C CA  . ALA A 1 81  ? -6.927  -5.915  13.291  1.00 15.28  ? 1372 ALA A CA  1 
ATOM   488  C C   . ALA A 1 81  ? -7.242  -4.594  13.996  1.00 15.47  ? 1372 ALA A C   1 
ATOM   489  O O   . ALA A 1 81  ? -7.224  -4.525  15.246  1.00 16.67  ? 1372 ALA A O   1 
ATOM   490  C CB  . ALA A 1 81  ? -5.500  -6.303  13.518  1.00 17.11  ? 1372 ALA A CB  1 
ATOM   491  N N   . GLY A 1 82  ? -7.497  -3.498  13.267  1.00 14.11  ? 1373 GLY A N   1 
ATOM   492  C CA  . GLY A 1 82  ? -7.683  -2.197  13.900  1.00 13.66  ? 1373 GLY A CA  1 
ATOM   493  C C   . GLY A 1 82  ? -6.365  -1.642  14.342  1.00 13.57  ? 1373 GLY A C   1 
ATOM   494  O O   . GLY A 1 82  ? -6.306  -0.979  15.368  1.00 15.78  ? 1373 GLY A O   1 
ATOM   495  N N   . ASN A 1 83  ? -5.264  -1.864  13.606  1.00 13.06  ? 1374 ASN A N   1 
ATOM   496  C CA  . ASN A 1 83  ? -3.910  -1.411  13.996  1.00 13.58  ? 1374 ASN A CA  1 
ATOM   497  C C   . ASN A 1 83  ? -3.335  -0.320  13.059  1.00 12.87  ? 1374 ASN A C   1 
ATOM   498  O O   . ASN A 1 83  ? -2.160  0.036   13.156  1.00 14.48  ? 1374 ASN A O   1 
ATOM   499  C CB  . ASN A 1 83  ? -2.938  -2.585  14.109  1.00 15.03  ? 1374 ASN A CB  1 
ATOM   500  C CG  . ASN A 1 83  ? -3.198  -3.516  15.283  1.00 16.56  ? 1374 ASN A CG  1 
ATOM   501  O OD1 . ASN A 1 83  ? -2.516  -4.533  15.353  1.00 20.27  ? 1374 ASN A OD1 1 
ATOM   502  N ND2 . ASN A 1 83  ? -4.128  -3.242  16.191  1.00 16.81  ? 1374 ASN A ND2 1 
ATOM   503  N N   . TYR A 1 84  ? -4.207  0.260   12.213  1.00 14.28  ? 1375 TYR A N   1 
ATOM   504  C CA  . TYR A 1 84  ? -3.928  1.568   11.568  1.00 13.26  ? 1375 TYR A CA  1 
ATOM   505  C C   . TYR A 1 84  ? -4.844  2.624   12.210  1.00 13.61  ? 1375 TYR A C   1 
ATOM   506  O O   . TYR A 1 84  ? -6.060  2.377   12.320  1.00 15.52  ? 1375 TYR A O   1 
ATOM   507  C CB  . TYR A 1 84  ? -4.128  1.536   10.050  1.00 13.43  ? 1375 TYR A CB  1 
ATOM   508  C CG  . TYR A 1 84  ? -3.126  0.742   9.262   1.00 11.94  ? 1375 TYR A CG  1 
ATOM   509  C CD1 . TYR A 1 84  ? -1.764  0.971   9.363   1.00 12.21  ? 1375 TYR A CD1 1 
ATOM   510  C CD2 . TYR A 1 84  ? -3.540  -0.232  8.376   1.00 12.38  ? 1375 TYR A CD2 1 
ATOM   511  C CE1 . TYR A 1 84  ? -0.834  0.247   8.622   1.00 11.69  ? 1375 TYR A CE1 1 
ATOM   512  C CE2 . TYR A 1 84  ? -2.636  -0.952  7.628   1.00 12.82  ? 1375 TYR A CE2 1 
ATOM   513  C CZ  . TYR A 1 84  ? -1.282  -0.719  7.737   1.00 12.26  ? 1375 TYR A CZ  1 
ATOM   514  O OH  . TYR A 1 84  ? -0.432  -1.474  6.993   1.00 14.11  ? 1375 TYR A OH  1 
ATOM   515  N N   . GLU A 1 85  ? -4.271  3.767   12.583  1.00 15.27  ? 1376 GLU A N   1 
ATOM   516  C CA  . GLU A 1 85  ? -5.084  4.917   13.072  1.00 15.78  ? 1376 GLU A CA  1 
ATOM   517  C C   . GLU A 1 85  ? -5.556  5.845   11.940  1.00 16.41  ? 1376 GLU A C   1 
ATOM   518  O O   . GLU A 1 85  ? -6.608  6.502   12.099  1.00 20.34  ? 1376 GLU A O   1 
ATOM   519  C CB  . GLU A 1 85  ? -4.297  5.699   14.116  1.00 18.87  ? 1376 GLU A CB  1 
ATOM   520  C CG  . GLU A 1 85  ? -5.142  6.801   14.738  1.00 24.12  ? 1376 GLU A CG  1 
ATOM   521  C CD  . GLU A 1 85  ? -4.394  7.602   15.787  1.00 28.44  ? 1376 GLU A CD  1 
ATOM   522  O OE1 . GLU A 1 85  ? -3.137  7.467   15.832  1.00 37.18  ? 1376 GLU A OE1 1 
ATOM   523  O OE2 . GLU A 1 85  ? -5.077  8.338   16.583  1.00 33.59  ? 1376 GLU A OE2 1 
ATOM   524  N N   . SER A 1 86  ? -4.896  5.826   10.787  1.00 15.04  ? 1377 SER A N   1 
ATOM   525  C CA  . SER A 1 86  ? -5.133  6.798   9.699   1.00 14.78  ? 1377 SER A CA  1 
ATOM   526  C C   . SER A 1 86  ? -4.798  6.146   8.383   1.00 14.52  ? 1377 SER A C   1 
ATOM   527  O O   . SER A 1 86  ? -3.989  5.202   8.312   1.00 14.03  ? 1377 SER A O   1 
ATOM   528  C CB  . SER A 1 86  ? -4.312  8.047   9.876   1.00 15.18  ? 1377 SER A CB  1 
ATOM   529  O OG  . SER A 1 86  ? -2.938  7.831   9.630   1.00 16.17  ? 1377 SER A OG  1 
ATOM   530  N N   . PRO A 1 87  ? -5.327  6.685   7.265   1.00 13.86  ? 1378 PRO A N   1 
ATOM   531  C CA  . PRO A 1 87  ? -4.942  6.144   5.965   1.00 13.58  ? 1378 PRO A CA  1 
ATOM   532  C C   . PRO A 1 87  ? -3.505  6.530   5.597   1.00 12.78  ? 1378 PRO A C   1 
ATOM   533  O O   . PRO A 1 87  ? -2.915  5.849   4.762   1.00 13.22  ? 1378 PRO A O   1 
ATOM   534  C CB  . PRO A 1 87  ? -5.930  6.806   4.984   1.00 13.96  ? 1378 PRO A CB  1 
ATOM   535  C CG  . PRO A 1 87  ? -6.368  8.080   5.704   1.00 13.66  ? 1378 PRO A CG  1 
ATOM   536  C CD  . PRO A 1 87  ? -6.423  7.670   7.170   1.00 13.83  ? 1378 PRO A CD  1 
ATOM   537  N N   . MET A 1 88  ? -2.922  7.561   6.239   1.00 12.10  ? 1379 MET A N   1 
ATOM   538  C CA  . MET A 1 88  ? -1.504  7.902   6.010   1.00 12.78  ? 1379 MET A CA  1 
ATOM   539  C C   . MET A 1 88  ? -0.611  6.741   6.448   1.00 12.13  ? 1379 MET A C   1 
ATOM   540  O O   . MET A 1 88  ? 0.386   6.445   5.799   1.00 12.60  ? 1379 MET A O   1 
ATOM   541  C CB  . MET A 1 88  ? -1.105  9.200   6.708   1.00 14.25  ? 1379 MET A CB  1 
ATOM   542  C CG  . MET A 1 88  ? -1.863  10.401  6.186   1.00 14.57  ? 1379 MET A CG  1 
ATOM   543  S SD  . MET A 1 88  ? -3.495  10.708  6.900   1.00 16.59  ? 1379 MET A SD  1 
ATOM   544  C CE  . MET A 1 88  ? -2.992  11.460  8.442   1.00 17.27  ? 1379 MET A CE  1 
ATOM   545  N N   . GLU A 1 89  ? -0.952  6.077   7.562   1.00 12.85  ? 1380 GLU A N   1 
ATOM   546  C CA  . GLU A 1 89  ? -0.121  4.951   8.011   1.00 12.81  ? 1380 GLU A CA  1 
ATOM   547  C C   . GLU A 1 89  ? -0.208  3.796   6.992   1.00 13.00  ? 1380 GLU A C   1 
ATOM   548  O O   . GLU A 1 89  ? 0.808   3.102   6.746   1.00 13.32  ? 1380 GLU A O   1 
ATOM   549  C CB  . GLU A 1 89  ? -0.586  4.506   9.401   1.00 14.24  ? 1380 GLU A CB  1 
ATOM   550  C CG  . GLU A 1 89  ? -0.346  5.489   10.524  1.00 14.69  ? 1380 GLU A CG  1 
ATOM   551  C CD  . GLU A 1 89  ? -0.874  4.988   11.855  1.00 16.60  ? 1380 GLU A CD  1 
ATOM   552  O OE1 . GLU A 1 89  ? -1.613  4.019   11.860  1.00 16.78  ? 1380 GLU A OE1 1 
ATOM   553  O OE2 . GLU A 1 89  ? -0.545  5.663   12.911  1.00 21.72  ? 1380 GLU A OE2 1 
ATOM   554  N N   . LEU A 1 90  ? -1.410  3.475   6.534   1.00 12.47  ? 1381 LEU A N   1 
ATOM   555  C CA  . LEU A 1 90  ? -1.591  2.420   5.519   1.00 12.24  ? 1381 LEU A CA  1 
ATOM   556  C C   . LEU A 1 90  ? -0.780  2.753   4.261   1.00 13.02  ? 1381 LEU A C   1 
ATOM   557  O O   . LEU A 1 90  ? -0.099  1.879   3.693   1.00 12.37  ? 1381 LEU A O   1 
ATOM   558  C CB  . LEU A 1 90  ? -3.077  2.228   5.212   1.00 12.71  ? 1381 LEU A CB  1 
ATOM   559  C CG  . LEU A 1 90  ? -3.410  1.159   4.162   1.00 12.33  ? 1381 LEU A CG  1 
ATOM   560  C CD1 . LEU A 1 90  ? -4.699  0.409   4.494   1.00 13.12  ? 1381 LEU A CD1 1 
ATOM   561  C CD2 . LEU A 1 90  ? -3.458  1.782   2.759   1.00 14.11  ? 1381 LEU A CD2 1 
ATOM   562  N N   A CYS A 1 91  ? -0.862  4.005   3.812   0.35 12.51  ? 1382 CYS A N   1 
ATOM   563  N N   B CYS A 1 91  ? -0.842  4.000   3.799   0.15 12.90  ? 1382 CYS A N   1 
ATOM   564  C CA  A CYS A 1 91  ? -0.148  4.489   2.604   0.35 13.18  ? 1382 CYS A CA  1 
ATOM   565  C CA  B CYS A 1 91  ? -0.058  4.450   2.621   0.15 13.31  ? 1382 CYS A CA  1 
ATOM   566  C C   A CYS A 1 91  ? 1.379   4.313   2.788   0.35 13.14  ? 1382 CYS A C   1 
ATOM   567  C C   B CYS A 1 91  ? 1.424   4.192   2.816   0.15 13.30  ? 1382 CYS A C   1 
ATOM   568  O O   A CYS A 1 91  ? 2.043   3.922   1.821   0.35 13.88  ? 1382 CYS A O   1 
ATOM   569  O O   B CYS A 1 91  ? 2.076   3.702   1.879   0.15 13.61  ? 1382 CYS A O   1 
ATOM   570  C CB  A CYS A 1 91  ? -0.593  5.923   2.315   0.35 13.58  ? 1382 CYS A CB  1 
ATOM   571  C CB  B CYS A 1 91  ? -0.185  5.941   2.404   0.15 13.62  ? 1382 CYS A CB  1 
ATOM   572  S SG  A CYS A 1 91  ? -0.024  6.576   0.725   0.35 14.75  ? 1382 CYS A SG  1 
ATOM   573  S SG  B CYS A 1 91  ? -1.748  6.270   1.587   0.15 14.15  ? 1382 CYS A SG  1 
ATOM   574  N N   . LYS A 1 92  ? 1.932   4.579   3.981   1.00 13.52  ? 1383 LYS A N   1 
ATOM   575  C CA  . LYS A 1 92  ? 3.369   4.437   4.238   1.00 14.26  ? 1383 LYS A CA  1 
ATOM   576  C C   . LYS A 1 92  ? 3.748   2.964   4.054   1.00 14.20  ? 1383 LYS A C   1 
ATOM   577  O O   . LYS A 1 92  ? 4.779   2.675   3.437   1.00 14.44  ? 1383 LYS A O   1 
ATOM   578  C CB  . LYS A 1 92  ? 3.682   4.986   5.630   1.00 16.50  ? 1383 LYS A CB  1 
ATOM   579  C CG  . LYS A 1 92  ? 5.134   4.893   6.021   1.00 19.51  ? 1383 LYS A CG  1 
ATOM   580  C CD  . LYS A 1 92  ? 5.457   5.654   7.283   1.00 22.35  ? 1383 LYS A CD  1 
ATOM   581  C CE  . LYS A 1 92  ? 6.741   5.107   7.889   1.00 30.68  ? 1383 LYS A CE  1 
ATOM   582  N NZ  . LYS A 1 92  ? 7.145   5.727   9.186   1.00 34.79  ? 1383 LYS A NZ  1 
ATOM   583  N N   . ASP A 1 93  ? 2.943   2.029   4.573   1.00 12.71  ? 1384 ASP A N   1 
ATOM   584  C CA  . ASP A 1 93  ? 3.264   0.583   4.397   1.00 13.11  ? 1384 ASP A CA  1 
ATOM   585  C C   . ASP A 1 93  ? 3.149   0.142   2.924   1.00 11.87  ? 1384 ASP A C   1 
ATOM   586  O O   . ASP A 1 93  ? 3.976   -0.630  2.438   1.00 11.88  ? 1384 ASP A O   1 
ATOM   587  C CB  . ASP A 1 93  ? 2.395   -0.315  5.276   1.00 13.38  ? 1384 ASP A CB  1 
ATOM   588  C CG  . ASP A 1 93  ? 2.817   -0.376  6.737   1.00 16.69  ? 1384 ASP A CG  1 
ATOM   589  O OD1 . ASP A 1 93  ? 3.919   0.210   7.049   1.00 19.72  ? 1384 ASP A OD1 1 
ATOM   590  O OD2 . ASP A 1 93  ? 2.045   -0.957  7.569   1.00 16.09  ? 1384 ASP A OD2 1 
ATOM   591  N N   . VAL A 1 94  ? 2.133   0.627   2.206   1.00 11.88  ? 1385 VAL A N   1 
ATOM   592  C CA  . VAL A 1 94  ? 1.993   0.240   0.776   1.00 11.85  ? 1385 VAL A CA  1 
ATOM   593  C C   . VAL A 1 94  ? 3.194   0.802   0.008   1.00 11.99  ? 1385 VAL A C   1 
ATOM   594  O O   . VAL A 1 94  ? 3.793   0.110   -0.824  1.00 12.09  ? 1385 VAL A O   1 
ATOM   595  C CB  . VAL A 1 94  ? 0.647   0.702   0.199   1.00 12.18  ? 1385 VAL A CB  1 
ATOM   596  C CG1 . VAL A 1 94  ? 0.631   0.508   -1.315  1.00 12.44  ? 1385 VAL A CG1 1 
ATOM   597  C CG2 . VAL A 1 94  ? -0.515  -0.070  0.814   1.00 11.82  ? 1385 VAL A CG2 1 
ATOM   598  N N   . ARG A 1 95  ? 3.590   2.046   0.269   1.00 11.64  ? 1386 ARG A N   1 
ATOM   599  C CA  . ARG A 1 95  ? 4.733   2.644   -0.425  1.00 12.19  ? 1386 ARG A CA  1 
ATOM   600  C C   . ARG A 1 95  ? 5.995   1.851   -0.115  1.00 12.11  ? 1386 ARG A C   1 
ATOM   601  O O   . ARG A 1 95  ? 6.879   1.769   -0.999  1.00 12.84  ? 1386 ARG A O   1 
ATOM   602  C CB  . ARG A 1 95  ? 4.826   4.136   -0.099  1.00 12.50  ? 1386 ARG A CB  1 
ATOM   603  C CG  . ARG A 1 95  ? 3.746   4.942   -0.810  1.00 14.04  ? 1386 ARG A CG  1 
ATOM   604  C CD  . ARG A 1 95  ? 3.703   6.374   -0.287  1.00 16.17  ? 1386 ARG A CD  1 
ATOM   605  N NE  . ARG A 1 95  ? 2.714   7.144   -1.028  1.00 17.02  ? 1386 ARG A NE  1 
ATOM   606  C CZ  . ARG A 1 95  ? 2.386   8.405   -0.759  1.00 20.65  ? 1386 ARG A CZ  1 
ATOM   607  N NH1 . ARG A 1 95  ? 2.875   9.020   0.312   1.00 21.85  ? 1386 ARG A NH1 1 
ATOM   608  N NH2 . ARG A 1 95  ? 1.513   9.026   -1.548  1.00 22.86  ? 1386 ARG A NH2 1 
ATOM   609  N N   . LEU A 1 96  ? 6.114   1.279   1.082   1.00 12.19  ? 1387 LEU A N   1 
ATOM   610  C CA  . LEU A 1 96  ? 7.276   0.413   1.443   1.00 12.78  ? 1387 LEU A CA  1 
ATOM   611  C C   . LEU A 1 96  ? 7.321   -0.853  0.560   1.00 11.59  ? 1387 LEU A C   1 
ATOM   612  O O   . LEU A 1 96  ? 8.425   -1.305  0.190   1.00 12.64  ? 1387 LEU A O   1 
ATOM   613  C CB  . LEU A 1 96  ? 7.198   0.059   2.931   1.00 13.33  ? 1387 LEU A CB  1 
ATOM   614  C CG  . LEU A 1 96  ? 8.272   -0.826  3.529   1.00 14.95  ? 1387 LEU A CG  1 
ATOM   615  C CD1 . LEU A 1 96  ? 9.621   -0.173  3.376   1.00 15.37  ? 1387 LEU A CD1 1 
ATOM   616  C CD2 . LEU A 1 96  ? 7.979   -1.139  5.003   1.00 14.80  ? 1387 LEU A CD2 1 
ATOM   617  N N   . ILE A 1 97  ? 6.175   -1.455  0.247   1.00 12.25  ? 1388 ILE A N   1 
ATOM   618  C CA  . ILE A 1 97  ? 6.137   -2.603  -0.727  1.00 11.89  ? 1388 ILE A CA  1 
ATOM   619  C C   . ILE A 1 97  ? 6.894   -2.170  -1.991  1.00 12.52  ? 1388 ILE A C   1 
ATOM   620  O O   . ILE A 1 97  ? 7.732   -2.925  -2.508  1.00 12.98  ? 1388 ILE A O   1 
ATOM   621  C CB  . ILE A 1 97  ? 4.690   -3.035  -1.033  1.00 11.77  ? 1388 ILE A CB  1 
ATOM   622  C CG1 . ILE A 1 97  ? 3.998   -3.527  0.237   1.00 11.97  ? 1388 ILE A CG1 1 
ATOM   623  C CG2 . ILE A 1 97  ? 4.666   -4.100  -2.117  1.00 12.97  ? 1388 ILE A CG2 1 
ATOM   624  C CD1 . ILE A 1 97  ? 2.479   -3.770  0.127   1.00 12.54  ? 1388 ILE A CD1 1 
ATOM   625  N N   . PHE A 1 98  ? 6.593   -0.993  -2.486  1.00 11.58  ? 1389 PHE A N   1 
ATOM   626  C CA  . PHE A 1 98  ? 7.128   -0.539  -3.792  1.00 12.48  ? 1389 PHE A CA  1 
ATOM   627  C C   . PHE A 1 98  ? 8.596   -0.137  -3.645  1.00 12.15  ? 1389 PHE A C   1 
ATOM   628  O O   . PHE A 1 98  ? 9.387   -0.482  -4.502  1.00 12.83  ? 1389 PHE A O   1 
ATOM   629  C CB  . PHE A 1 98  ? 6.239   0.548   -4.406  1.00 12.93  ? 1389 PHE A CB  1 
ATOM   630  C CG  . PHE A 1 98  ? 4.804   0.129   -4.618  1.00 12.65  ? 1389 PHE A CG  1 
ATOM   631  C CD1 . PHE A 1 98  ? 4.494   -1.069  -5.237  1.00 14.29  ? 1389 PHE A CD1 1 
ATOM   632  C CD2 . PHE A 1 98  ? 3.760   0.943   -4.231  1.00 14.07  ? 1389 PHE A CD2 1 
ATOM   633  C CE1 . PHE A 1 98  ? 3.171   -1.443  -5.453  1.00 15.41  ? 1389 PHE A CE1 1 
ATOM   634  C CE2 . PHE A 1 98  ? 2.436   0.530   -4.445  1.00 13.84  ? 1389 PHE A CE2 1 
ATOM   635  C CZ  . PHE A 1 98  ? 2.190   -0.628  -5.077  1.00 14.50  ? 1389 PHE A CZ  1 
ATOM   636  N N   . SER A 1 99  ? 8.961   0.550   -2.559  1.00 12.26  ? 1390 SER A N   1 
ATOM   637  C CA  . SER A 1 99  ? 10.394  0.903   -2.405  1.00 12.77  ? 1390 SER A CA  1 
ATOM   638  C C   . SER A 1 99  ? 11.225  -0.360  -2.210  1.00 12.50  ? 1390 SER A C   1 
ATOM   639  O O   . SER A 1 99  ? 12.387  -0.410  -2.696  1.00 13.06  ? 1390 SER A O   1 
ATOM   640  C CB  . SER A 1 99  ? 10.579  1.917   -1.310  1.00 14.15  ? 1390 SER A CB  1 
ATOM   641  O OG  . SER A 1 99  ? 10.156  1.463   -0.079  1.00 15.59  ? 1390 SER A OG  1 
ATOM   642  N N   . ASN A 1 100 ? 10.718  -1.373  -1.509  1.00 12.14  ? 1391 ASN A N   1 
ATOM   643  C CA  . ASN A 1 100 ? 11.468  -2.637  -1.344  1.00 12.66  ? 1391 ASN A CA  1 
ATOM   644  C C   . ASN A 1 100 ? 11.717  -3.254  -2.721  1.00 12.97  ? 1391 ASN A C   1 
ATOM   645  O O   . ASN A 1 100 ? 12.845  -3.738  -3.017  1.00 13.72  ? 1391 ASN A O   1 
ATOM   646  C CB  . ASN A 1 100 ? 10.762  -3.603  -0.412  1.00 12.70  ? 1391 ASN A CB  1 
ATOM   647  C CG  . ASN A 1 100 ? 10.829  -3.231  1.049   1.00 13.34  ? 1391 ASN A CG  1 
ATOM   648  O OD1 . ASN A 1 100 ? 11.604  -2.361  1.462   1.00 14.61  ? 1391 ASN A OD1 1 
ATOM   649  N ND2 . ASN A 1 100 ? 10.027  -3.925  1.815   1.00 13.40  ? 1391 ASN A ND2 1 
ATOM   650  N N   . SER A 1 101 ? 10.705  -3.288  -3.588  1.00 12.73  ? 1392 SER A N   1 
ATOM   651  C CA  . SER A 1 101 ? 10.848  -3.864  -4.947  1.00 13.04  ? 1392 SER A CA  1 
ATOM   652  C C   . SER A 1 101 ? 11.950  -3.106  -5.707  1.00 13.13  ? 1392 SER A C   1 
ATOM   653  O O   . SER A 1 101 ? 12.790  -3.715  -6.366  1.00 13.77  ? 1392 SER A O   1 
ATOM   654  C CB  . SER A 1 101 ? 9.509   -3.886  -5.665  1.00 12.53  ? 1392 SER A CB  1 
ATOM   655  O OG  . SER A 1 101 ? 9.653   -4.447  -6.985  1.00 14.45  ? 1392 SER A OG  1 
ATOM   656  N N   . LYS A 1 102 ? 11.922  -1.773  -5.647  1.00 13.12  ? 1393 LYS A N   1 
ATOM   657  C CA  . LYS A 1 102 ? 12.857  -0.887  -6.397  1.00 14.04  ? 1393 LYS A CA  1 
ATOM   658  C C   . LYS A 1 102 ? 14.298  -1.060  -5.899  1.00 14.35  ? 1393 LYS A C   1 
ATOM   659  O O   . LYS A 1 102 ? 15.234  -0.965  -6.722  1.00 14.34  ? 1393 LYS A O   1 
ATOM   660  C CB  . LYS A 1 102 ? 12.418  0.567   -6.255  1.00 14.14  ? 1393 LYS A CB  1 
ATOM   661  C CG  . LYS A 1 102 ? 13.217  1.559   -7.089  1.00 14.90  ? 1393 LYS A CG  1 
ATOM   662  C CD  . LYS A 1 102 ? 12.655  2.945   -7.010  1.00 15.32  ? 1393 LYS A CD  1 
ATOM   663  C CE  . LYS A 1 102 ? 13.402  3.948   -7.862  1.00 15.87  ? 1393 LYS A CE  1 
ATOM   664  N NZ  . LYS A 1 102 ? 12.748  5.273   -7.805  1.00 17.39  ? 1393 LYS A NZ  1 
ATOM   665  N N   . ALA A 1 103 ? 14.478  -1.293  -4.604  1.00 14.54  ? 1394 ALA A N   1 
ATOM   666  C CA  . ALA A 1 103 ? 15.807  -1.478  -3.983  1.00 14.57  ? 1394 ALA A CA  1 
ATOM   667  C C   . ALA A 1 103 ? 16.339  -2.884  -4.291  1.00 14.44  ? 1394 ALA A C   1 
ATOM   668  O O   . ALA A 1 103 ? 17.568  -3.021  -4.487  1.00 15.73  ? 1394 ALA A O   1 
ATOM   669  C CB  . ALA A 1 103 ? 15.707  -1.213  -2.497  1.00 13.66  ? 1394 ALA A CB  1 
ATOM   670  N N   . TYR A 1 104 ? 15.479  -3.910  -4.332  1.00 14.39  ? 1395 TYR A N   1 
ATOM   671  C CA  . TYR A 1 104 ? 15.915  -5.317  -4.555  1.00 14.27  ? 1395 TYR A CA  1 
ATOM   672  C C   . TYR A 1 104 ? 16.102  -5.603  -6.052  1.00 14.75  ? 1395 TYR A C   1 
ATOM   673  O O   . TYR A 1 104 ? 16.777  -6.587  -6.375  1.00 14.50  ? 1395 TYR A O   1 
ATOM   674  C CB  . TYR A 1 104 ? 14.966  -6.343  -3.927  1.00 14.65  ? 1395 TYR A CB  1 
ATOM   675  C CG  . TYR A 1 104 ? 15.485  -7.763  -3.984  1.00 14.61  ? 1395 TYR A CG  1 
ATOM   676  C CD1 . TYR A 1 104 ? 16.598  -8.153  -3.256  1.00 14.41  ? 1395 TYR A CD1 1 
ATOM   677  C CD2 . TYR A 1 104 ? 14.877  -8.723  -4.780  1.00 15.16  ? 1395 TYR A CD2 1 
ATOM   678  C CE1 . TYR A 1 104 ? 17.108  -9.441  -3.336  1.00 14.11  ? 1395 TYR A CE1 1 
ATOM   679  C CE2 . TYR A 1 104 ? 15.371  -10.018 -4.864  1.00 15.06  ? 1395 TYR A CE2 1 
ATOM   680  C CZ  . TYR A 1 104 ? 16.486  -10.388 -4.130  1.00 14.70  ? 1395 TYR A CZ  1 
ATOM   681  O OH  . TYR A 1 104 ? 16.993  -11.657 -4.224  1.00 15.88  ? 1395 TYR A OH  1 
ATOM   682  N N   . THR A 1 105 ? 15.546  -4.798  -6.964  1.00 15.97  ? 1396 THR A N   1 
ATOM   683  C CA  . THR A 1 105 ? 15.579  -5.147  -8.409  1.00 16.37  ? 1396 THR A CA  1 
ATOM   684  C C   . THR A 1 105 ? 17.022  -5.120  -8.916  1.00 17.98  ? 1396 THR A C   1 
ATOM   685  O O   . THR A 1 105 ? 17.745  -4.140  -8.725  1.00 17.63  ? 1396 THR A O   1 
ATOM   686  C CB  . THR A 1 105 ? 14.663  -4.258  -9.264  1.00 15.79  ? 1396 THR A CB  1 
ATOM   687  O OG1 . THR A 1 105 ? 14.516  -4.851  -10.560 1.00 16.23  ? 1396 THR A OG1 1 
ATOM   688  C CG2 . THR A 1 105 ? 15.178  -2.847  -9.444  1.00 15.86  ? 1396 THR A CG2 1 
ATOM   689  N N   . PRO A 1 106 ? 17.494  -6.191  -9.595  1.00 18.71  ? 1397 PRO A N   1 
ATOM   690  C CA  . PRO A 1 106 ? 18.840  -6.179  -10.161 1.00 19.96  ? 1397 PRO A CA  1 
ATOM   691  C C   . PRO A 1 106 ? 18.878  -5.355  -11.458 1.00 20.36  ? 1397 PRO A C   1 
ATOM   692  O O   . PRO A 1 106 ? 19.959  -5.105  -11.979 1.00 20.57  ? 1397 PRO A O   1 
ATOM   693  C CB  . PRO A 1 106 ? 19.154  -7.675  -10.336 1.00 19.85  ? 1397 PRO A CB  1 
ATOM   694  C CG  . PRO A 1 106 ? 17.811  -8.383  -10.453 1.00 19.46  ? 1397 PRO A CG  1 
ATOM   695  C CD  . PRO A 1 106 ? 16.787  -7.462  -9.823  1.00 19.54  ? 1397 PRO A CD  1 
ATOM   696  N N   . SER A 1 107 ? 17.708  -4.898  -11.929 1.00 20.73  ? 1398 SER A N   1 
ATOM   697  C CA  . SER A 1 107 ? 17.532  -4.194  -13.224 1.00 21.51  ? 1398 SER A CA  1 
ATOM   698  C C   . SER A 1 107 ? 16.218  -3.398  -13.242 1.00 21.93  ? 1398 SER A C   1 
ATOM   699  O O   . SER A 1 107 ? 15.217  -3.881  -12.691 1.00 22.04  ? 1398 SER A O   1 
ATOM   700  C CB  . SER A 1 107 ? 17.585  -5.193  -14.349 1.00 21.87  ? 1398 SER A CB  1 
ATOM   701  O OG  . SER A 1 107 ? 16.944  -4.700  -15.505 1.00 22.28  ? 1398 SER A OG  1 
ATOM   702  N N   . LYS A 1 108 ? 16.218  -2.233  -13.896 1.00 23.90  ? 1399 LYS A N   1 
ATOM   703  C CA  . LYS A 1 108 ? 15.008  -1.386  -14.083 1.00 24.89  ? 1399 LYS A CA  1 
ATOM   704  C C   . LYS A 1 108 ? 14.048  -2.128  -15.015 1.00 26.42  ? 1399 LYS A C   1 
ATOM   705  O O   . LYS A 1 108 ? 12.818  -1.967  -14.867 1.00 24.44  ? 1399 LYS A O   1 
ATOM   706  C CB  . LYS A 1 108 ? 15.387  -0.012  -14.640 1.00 26.57  ? 1399 LYS A CB  1 
ATOM   707  C CG  . LYS A 1 108 ? 16.235  0.847   -13.706 1.00 28.62  ? 1399 LYS A CG  1 
ATOM   708  C CD  . LYS A 1 108 ? 15.450  1.489   -12.578 1.00 30.75  ? 1399 LYS A CD  1 
ATOM   709  C CE  . LYS A 1 108 ? 16.334  2.149   -11.539 1.00 31.40  ? 1399 LYS A CE  1 
ATOM   710  N NZ  . LYS A 1 108 ? 15.635  3.265   -10.856 1.00 32.63  ? 1399 LYS A NZ  1 
ATOM   711  N N   . ARG A 1 109 ? 14.605  -2.928  -15.926 1.00 26.49  ? 1400 ARG A N   1 
ATOM   712  C CA  . ARG A 1 109 ? 13.853  -3.693  -16.952 1.00 28.55  ? 1400 ARG A CA  1 
ATOM   713  C C   . ARG A 1 109 ? 13.623  -5.116  -16.441 1.00 27.29  ? 1400 ARG A C   1 
ATOM   714  O O   . ARG A 1 109 ? 13.785  -6.069  -17.218 1.00 29.27  ? 1400 ARG A O   1 
ATOM   715  C CB  . ARG A 1 109 ? 14.631  -3.681  -18.271 1.00 30.90  ? 1400 ARG A CB  1 
ATOM   716  C CG  . ARG A 1 109 ? 15.026  -2.291  -18.752 1.00 33.37  ? 1400 ARG A CG  1 
ATOM   717  C CD  . ARG A 1 109 ? 15.934  -2.348  -19.969 1.00 35.17  ? 1400 ARG A CD  1 
ATOM   718  N NE  . ARG A 1 109 ? 15.349  -3.172  -21.022 1.00 37.53  ? 1400 ARG A NE  1 
ATOM   719  C CZ  . ARG A 1 109 ? 15.576  -4.475  -21.213 1.00 38.37  ? 1400 ARG A CZ  1 
ATOM   720  N NH1 . ARG A 1 109 ? 16.398  -5.151  -20.425 1.00 40.59  ? 1400 ARG A NH1 1 
ATOM   721  N NH2 . ARG A 1 109 ? 14.964  -5.106  -22.200 1.00 39.95  ? 1400 ARG A NH2 1 
ATOM   722  N N   . SER A 1 110 ? 13.266  -5.261  -15.167 1.00 24.12  ? 1401 SER A N   1 
ATOM   723  C CA  . SER A 1 110 ? 12.929  -6.568  -14.560 1.00 21.11  ? 1401 SER A CA  1 
ATOM   724  C C   . SER A 1 110 ? 11.406  -6.731  -14.482 1.00 19.50  ? 1401 SER A C   1 
ATOM   725  O O   . SER A 1 110 ? 10.678  -5.707  -14.418 1.00 17.55  ? 1401 SER A O   1 
ATOM   726  C CB  . SER A 1 110 ? 13.595  -6.705  -13.228 1.00 20.80  ? 1401 SER A CB  1 
ATOM   727  O OG  . SER A 1 110 ? 15.014  -6.649  -13.377 1.00 22.21  ? 1401 SER A OG  1 
ATOM   728  N N   . ARG A 1 111 ? 10.938  -7.979  -14.526 1.00 18.89  ? 1402 ARG A N   1 
ATOM   729  C CA  . ARG A 1 111 ? 9.488   -8.309  -14.554 1.00 18.66  ? 1402 ARG A CA  1 
ATOM   730  C C   . ARG A 1 111 ? 8.818   -7.810  -13.271 1.00 17.87  ? 1402 ARG A C   1 
ATOM   731  O O   . ARG A 1 111 ? 7.917   -6.968  -13.365 1.00 17.51  ? 1402 ARG A O   1 
ATOM   732  C CB  . ARG A 1 111 ? 9.263   -9.815  -14.730 1.00 18.57  ? 1402 ARG A CB  1 
ATOM   733  C CG  . ARG A 1 111 ? 7.797   -10.222 -14.767 1.00 18.39  ? 1402 ARG A CG  1 
ATOM   734  C CD  . ARG A 1 111 ? 7.072   -9.809  -16.038 1.00 18.96  ? 1402 ARG A CD  1 
ATOM   735  N NE  . ARG A 1 111 ? 5.620   -9.831  -15.886 1.00 20.55  ? 1402 ARG A NE  1 
ATOM   736  C CZ  . ARG A 1 111 ? 4.823   -10.889 -16.054 1.00 20.19  ? 1402 ARG A CZ  1 
ATOM   737  N NH1 . ARG A 1 111 ? 5.309   -12.064 -16.403 1.00 21.07  ? 1402 ARG A NH1 1 
ATOM   738  N NH2 . ARG A 1 111 ? 3.520   -10.765 -15.872 1.00 21.98  ? 1402 ARG A NH2 1 
ATOM   739  N N   . ILE A 1 112 ? 9.181   -8.360  -12.121 1.00 16.98  ? 1403 ILE A N   1 
ATOM   740  C CA  . ILE A 1 112 ? 8.503   -8.022  -10.837 1.00 16.74  ? 1403 ILE A CA  1 
ATOM   741  C C   . ILE A 1 112 ? 8.594   -6.504  -10.599 1.00 16.02  ? 1403 ILE A C   1 
ATOM   742  O O   . ILE A 1 112 ? 7.571   -5.900  -10.250 1.00 15.14  ? 1403 ILE A O   1 
ATOM   743  C CB  . ILE A 1 112 ? 9.032   -8.884  -9.673  1.00 16.47  ? 1403 ILE A CB  1 
ATOM   744  C CG1 . ILE A 1 112 ? 8.680   -10.363 -9.889  1.00 17.06  ? 1403 ILE A CG1 1 
ATOM   745  C CG2 . ILE A 1 112 ? 8.500   -8.363  -8.342  1.00 16.67  ? 1403 ILE A CG2 1 
ATOM   746  C CD1 . ILE A 1 112 ? 9.115   -11.291 -8.756  1.00 17.08  ? 1403 ILE A CD1 1 
ATOM   747  N N   . TYR A 1 113 ? 9.740   -5.865  -10.842 1.00 14.91  ? 1404 TYR A N   1 
ATOM   748  C CA  . TYR A 1 113 ? 9.872   -4.401  -10.635 1.00 14.78  ? 1404 TYR A CA  1 
ATOM   749  C C   . TYR A 1 113 ? 8.900   -3.665  -11.561 1.00 14.13  ? 1404 TYR A C   1 
ATOM   750  O O   . TYR A 1 113 ? 8.188   -2.768  -11.093 1.00 14.47  ? 1404 TYR A O   1 
ATOM   751  C CB  . TYR A 1 113 ? 11.314  -3.945  -10.852 1.00 15.85  ? 1404 TYR A CB  1 
ATOM   752  C CG  . TYR A 1 113 ? 11.500  -2.448  -10.810 1.00 15.66  ? 1404 TYR A CG  1 
ATOM   753  C CD1 . TYR A 1 113 ? 11.258  -1.721  -9.653  1.00 17.04  ? 1404 TYR A CD1 1 
ATOM   754  C CD2 . TYR A 1 113 ? 11.948  -1.756  -11.924 1.00 16.33  ? 1404 TYR A CD2 1 
ATOM   755  C CE1 . TYR A 1 113 ? 11.438  -0.344  -9.613  1.00 16.65  ? 1404 TYR A CE1 1 
ATOM   756  C CE2 . TYR A 1 113 ? 12.145  -0.386  -11.898 1.00 17.15  ? 1404 TYR A CE2 1 
ATOM   757  C CZ  . TYR A 1 113 ? 11.896  0.326   -10.734 1.00 17.21  ? 1404 TYR A CZ  1 
ATOM   758  O OH  . TYR A 1 113 ? 12.092  1.678   -10.732 1.00 18.35  ? 1404 TYR A OH  1 
ATOM   759  N N   A SER A 1 114 ? 8.867   -4.032  -12.843 0.26 14.02  ? 1405 SER A N   1 
ATOM   760  N N   B SER A 1 114 ? 8.863   -4.018  -12.838 0.26 14.30  ? 1405 SER A N   1 
ATOM   761  C CA  A SER A 1 114 ? 7.969   -3.412  -13.851 0.26 14.65  ? 1405 SER A CA  1 
ATOM   762  C CA  B SER A 1 114 ? 7.958   -3.387  -13.832 0.26 15.06  ? 1405 SER A CA  1 
ATOM   763  C C   A SER A 1 114 ? 6.498   -3.526  -13.404 0.26 14.25  ? 1405 SER A C   1 
ATOM   764  C C   B SER A 1 114 ? 6.489   -3.519  -13.393 0.26 14.44  ? 1405 SER A C   1 
ATOM   765  O O   A SER A 1 114 ? 5.723   -2.563  -13.612 0.26 14.56  ? 1405 SER A O   1 
ATOM   766  O O   B SER A 1 114 ? 5.704   -2.563  -13.598 0.26 14.61  ? 1405 SER A O   1 
ATOM   767  C CB  A SER A 1 114 ? 8.176   -3.996  -15.231 0.26 16.47  ? 1405 SER A CB  1 
ATOM   768  C CB  B SER A 1 114 ? 8.179   -3.957  -15.199 0.26 17.19  ? 1405 SER A CB  1 
ATOM   769  O OG  A SER A 1 114 ? 7.541   -5.259  -15.362 0.26 16.44  ? 1405 SER A OG  1 
ATOM   770  O OG  B SER A 1 114 ? 9.471   -3.611  -15.660 0.26 18.07  ? 1405 SER A OG  1 
ATOM   771  N N   . MET A 1 115 ? 6.106   -4.657  -12.816 1.00 14.18  ? 1406 MET A N   1 
ATOM   772  C CA  . MET A 1 115 ? 4.729   -4.855  -12.304 1.00 13.62  ? 1406 MET A CA  1 
ATOM   773  C C   . MET A 1 115 ? 4.516   -3.863  -11.134 1.00 12.97  ? 1406 MET A C   1 
ATOM   774  O O   . MET A 1 115 ? 3.409   -3.258  -10.979 1.00 13.50  ? 1406 MET A O   1 
ATOM   775  C CB  . MET A 1 115 ? 4.517   -6.303  -11.855 1.00 13.62  ? 1406 MET A CB  1 
ATOM   776  C CG  . MET A 1 115 ? 4.542   -7.296  -12.989 1.00 14.73  ? 1406 MET A CG  1 
ATOM   777  S SD  . MET A 1 115 ? 4.725   -9.002  -12.483 1.00 18.90  ? 1406 MET A SD  1 
ATOM   778  C CE  . MET A 1 115 ? 3.082   -9.307  -11.992 1.00 18.84  ? 1406 MET A CE  1 
ATOM   779  N N   . SER A 1 116 ? 5.518   -3.695  -10.267 1.00 12.50  ? 1407 SER A N   1 
ATOM   780  C CA  . SER A 1 116 ? 5.433   -2.784  -9.094  1.00 12.13  ? 1407 SER A CA  1 
ATOM   781  C C   . SER A 1 116 ? 5.133   -1.360  -9.567  1.00 12.21  ? 1407 SER A C   1 
ATOM   782  O O   . SER A 1 116 ? 4.383   -0.645  -8.921  1.00 13.25  ? 1407 SER A O   1 
ATOM   783  C CB  . SER A 1 116 ? 6.679   -2.814  -8.219  1.00 13.64  ? 1407 SER A CB  1 
ATOM   784  O OG  . SER A 1 116 ? 7.724   -1.952  -8.675  1.00 13.66  ? 1407 SER A OG  1 
ATOM   785  N N   . LEU A 1 117 ? 5.736   -0.917  -10.666 1.00 13.75  ? 1408 LEU A N   1 
ATOM   786  C CA  . LEU A 1 117 ? 5.549   0.476   -11.112 1.00 14.03  ? 1408 LEU A CA  1 
ATOM   787  C C   . LEU A 1 117 ? 4.122   0.686   -11.596 1.00 12.68  ? 1408 LEU A C   1 
ATOM   788  O O   . LEU A 1 117 ? 3.517   1.736   -11.326 1.00 13.25  ? 1408 LEU A O   1 
ATOM   789  C CB  . LEU A 1 117 ? 6.526   0.859   -12.211 1.00 15.50  ? 1408 LEU A CB  1 
ATOM   790  C CG  . LEU A 1 117 ? 7.993   0.944   -11.817 1.00 15.98  ? 1408 LEU A CG  1 
ATOM   791  C CD1 . LEU A 1 117 ? 8.832   1.372   -13.008 1.00 18.00  ? 1408 LEU A CD1 1 
ATOM   792  C CD2 . LEU A 1 117 ? 8.240   1.865   -10.637 1.00 17.90  ? 1408 LEU A CD2 1 
ATOM   793  N N   . ARG A 1 118 ? 3.560   -0.262  -12.366 1.00 12.59  ? 1409 ARG A N   1 
ATOM   794  C CA  . ARG A 1 118 ? 2.146   -0.120  -12.790 1.00 13.18  ? 1409 ARG A CA  1 
ATOM   795  C C   . ARG A 1 118 ? 1.224   -0.147  -11.563 1.00 12.79  ? 1409 ARG A C   1 
ATOM   796  O O   . ARG A 1 118 ? 0.255   0.642   -11.464 1.00 12.71  ? 1409 ARG A O   1 
ATOM   797  C CB  . ARG A 1 118 ? 1.751   -1.223  -13.777 1.00 12.95  ? 1409 ARG A CB  1 
ATOM   798  C CG  . ARG A 1 118 ? 2.449   -1.121  -15.135 1.00 13.63  ? 1409 ARG A CG  1 
ATOM   799  C CD  . ARG A 1 118 ? 1.847   -2.090  -16.160 1.00 15.09  ? 1409 ARG A CD  1 
ATOM   800  N NE  . ARG A 1 118 ? 2.056   -3.469  -15.798 1.00 14.86  ? 1409 ARG A NE  1 
ATOM   801  C CZ  . ARG A 1 118 ? 3.005   -4.260  -16.247 1.00 17.73  ? 1409 ARG A CZ  1 
ATOM   802  N NH1 . ARG A 1 118 ? 3.899   -3.821  -17.116 1.00 17.78  ? 1409 ARG A NH1 1 
ATOM   803  N NH2 . ARG A 1 118 ? 3.062   -5.516  -15.789 1.00 19.20  ? 1409 ARG A NH2 1 
ATOM   804  N N   . LEU A 1 119 ? 1.446   -1.079  -10.632 1.00 12.92  ? 1410 LEU A N   1 
ATOM   805  C CA  . LEU A 1 119 ? 0.580   -1.196  -9.456  1.00 12.76  ? 1410 LEU A CA  1 
ATOM   806  C C   . LEU A 1 119 ? 0.669   0.062   -8.581  1.00 11.92  ? 1410 LEU A C   1 
ATOM   807  O O   . LEU A 1 119 ? -0.356  0.509   -8.048  1.00 12.40  ? 1410 LEU A O   1 
ATOM   808  C CB  . LEU A 1 119 ? 0.945   -2.445  -8.674  1.00 14.31  ? 1410 LEU A CB  1 
ATOM   809  C CG  . LEU A 1 119 ? -0.113  -2.930  -7.697  1.00 14.46  ? 1410 LEU A CG  1 
ATOM   810  C CD1 . LEU A 1 119 ? -1.374  -3.382  -8.440  1.00 16.30  ? 1410 LEU A CD1 1 
ATOM   811  C CD2 . LEU A 1 119 ? 0.420   -4.076  -6.847  1.00 14.52  ? 1410 LEU A CD2 1 
ATOM   812  N N   . SER A 1 120 ? 1.866   0.637   -8.470  1.00 11.99  ? 1411 SER A N   1 
ATOM   813  C CA  . SER A 1 120 ? 2.052   1.886   -7.712  1.00 12.57  ? 1411 SER A CA  1 
ATOM   814  C C   . SER A 1 120 ? 1.215   3.011   -8.341  1.00 12.79  ? 1411 SER A C   1 
ATOM   815  O O   . SER A 1 120 ? 0.582   3.807   -7.629  1.00 13.10  ? 1411 SER A O   1 
ATOM   816  C CB  . SER A 1 120 ? 3.536   2.209   -7.671  1.00 13.34  ? 1411 SER A CB  1 
ATOM   817  O OG  . SER A 1 120 ? 3.742   3.521   -7.085  1.00 14.83  ? 1411 SER A OG  1 
ATOM   818  N N   . ALA A 1 121 ? 1.269   3.147   -9.677  1.00 12.56  ? 1412 ALA A N   1 
ATOM   819  C CA  . ALA A 1 121 ? 0.475   4.186   -10.359 1.00 12.86  ? 1412 ALA A CA  1 
ATOM   820  C C   . ALA A 1 121 ? -1.006  4.027   -10.060 1.00 11.69  ? 1412 ALA A C   1 
ATOM   821  O O   . ALA A 1 121 ? -1.706  5.027   -9.785  1.00 13.52  ? 1412 ALA A O   1 
ATOM   822  C CB  . ALA A 1 121 ? 0.711   4.170   -11.843 1.00 14.33  ? 1412 ALA A CB  1 
ATOM   823  N N   . PHE A 1 122 ? -1.485  2.787   -10.120 1.00 12.83  ? 1413 PHE A N   1 
ATOM   824  C CA  . PHE A 1 122 ? -2.905  2.475   -9.831  1.00 12.35  ? 1413 PHE A CA  1 
ATOM   825  C C   . PHE A 1 122 ? -3.234  2.858   -8.387  1.00 13.16  ? 1413 PHE A C   1 
ATOM   826  O O   . PHE A 1 122 ? -4.275  3.511   -8.087  1.00 13.05  ? 1413 PHE A O   1 
ATOM   827  C CB  . PHE A 1 122 ? -3.189  1.006   -10.107 1.00 12.77  ? 1413 PHE A CB  1 
ATOM   828  C CG  . PHE A 1 122 ? -4.584  0.547   -9.776  1.00 14.25  ? 1413 PHE A CG  1 
ATOM   829  C CD1 . PHE A 1 122 ? -5.650  0.766   -10.647 1.00 16.36  ? 1413 PHE A CD1 1 
ATOM   830  C CD2 . PHE A 1 122 ? -4.861  -0.052  -8.553  1.00 15.86  ? 1413 PHE A CD2 1 
ATOM   831  C CE1 . PHE A 1 122 ? -6.938  0.379   -10.286 1.00 18.50  ? 1413 PHE A CE1 1 
ATOM   832  C CE2 . PHE A 1 122 ? -6.138  -0.505  -8.243  1.00 17.21  ? 1413 PHE A CE2 1 
ATOM   833  C CZ  . PHE A 1 122 ? -7.178  -0.281  -9.103  1.00 18.45  ? 1413 PHE A CZ  1 
ATOM   834  N N   . PHE A 1 123 ? -2.379  2.411   -7.451  1.00 12.51  ? 1414 PHE A N   1 
ATOM   835  C CA  . PHE A 1 123 ? -2.607  2.720   -6.025  1.00 12.12  ? 1414 PHE A CA  1 
ATOM   836  C C   . PHE A 1 123 ? -2.645  4.230   -5.780  1.00 12.57  ? 1414 PHE A C   1 
ATOM   837  O O   . PHE A 1 123 ? -3.578  4.727   -5.115  1.00 13.39  ? 1414 PHE A O   1 
ATOM   838  C CB  . PHE A 1 123 ? -1.510  2.079   -5.158  1.00 12.83  ? 1414 PHE A CB  1 
ATOM   839  C CG  . PHE A 1 123 ? -1.585  2.471   -3.693  1.00 13.09  ? 1414 PHE A CG  1 
ATOM   840  C CD1 . PHE A 1 123 ? -2.589  1.972   -2.887  1.00 13.50  ? 1414 PHE A CD1 1 
ATOM   841  C CD2 . PHE A 1 123 ? -0.694  3.414   -3.167  1.00 13.50  ? 1414 PHE A CD2 1 
ATOM   842  C CE1 . PHE A 1 123 ? -2.669  2.384   -1.559  1.00 14.23  ? 1414 PHE A CE1 1 
ATOM   843  C CE2 . PHE A 1 123 ? -0.798  3.809   -1.843  1.00 14.05  ? 1414 PHE A CE2 1 
ATOM   844  C CZ  . PHE A 1 123 ? -1.779  3.282   -1.069  1.00 14.22  ? 1414 PHE A CZ  1 
ATOM   845  N N   . GLU A 1 124 ? -1.677  4.976   -6.306  1.00 12.76  ? 1415 GLU A N   1 
ATOM   846  C CA  . GLU A 1 124 ? -1.607  6.431   -6.064  1.00 13.99  ? 1415 GLU A CA  1 
ATOM   847  C C   . GLU A 1 124 ? -2.826  7.145   -6.656  1.00 14.24  ? 1415 GLU A C   1 
ATOM   848  O O   . GLU A 1 124 ? -3.367  8.060   -6.035  1.00 15.51  ? 1415 GLU A O   1 
ATOM   849  C CB  . GLU A 1 124 ? -0.293  6.999   -6.621  1.00 14.36  ? 1415 GLU A CB  1 
ATOM   850  C CG  . GLU A 1 124 ? 0.961   6.547   -5.841  1.00 16.18  ? 1415 GLU A CG  1 
ATOM   851  C CD  . GLU A 1 124 ? 1.078   6.987   -4.392  1.00 17.21  ? 1415 GLU A CD  1 
ATOM   852  O OE1 . GLU A 1 124 ? 0.477   8.031   -4.028  1.00 18.53  ? 1415 GLU A OE1 1 
ATOM   853  O OE2 . GLU A 1 124 ? 1.720   6.225   -3.615  1.00 16.40  ? 1415 GLU A OE2 1 
ATOM   854  N N   . GLU A 1 125 ? -3.303  6.687   -7.811  1.00 13.53  ? 1416 GLU A N   1 
ATOM   855  C CA  . GLU A 1 125 ? -4.481  7.310   -8.471  1.00 14.71  ? 1416 GLU A CA  1 
ATOM   856  C C   . GLU A 1 125 ? -5.685  7.186   -7.549  1.00 13.95  ? 1416 GLU A C   1 
ATOM   857  O O   . GLU A 1 125 ? -6.487  8.116   -7.464  1.00 16.30  ? 1416 GLU A O   1 
ATOM   858  C CB  . GLU A 1 125 ? -4.663  6.516   -9.770  1.00 14.35  ? 1416 GLU A CB  1 
ATOM   859  C CG  . GLU A 1 125 ? -5.907  6.877   -10.559 1.00 16.25  ? 1416 GLU A CG  1 
ATOM   860  C CD  . GLU A 1 125 ? -5.958  6.069   -11.862 1.00 16.12  ? 1416 GLU A CD  1 
ATOM   861  O OE1 . GLU A 1 125 ? -5.057  6.316   -12.715 1.00 17.82  ? 1416 GLU A OE1 1 
ATOM   862  O OE2 . GLU A 1 125 ? -6.783  5.127   -11.989 1.00 18.03  ? 1416 GLU A OE2 1 
ATOM   863  N N   . HIS A 1 126 ? -5.824  6.078   -6.851  1.00 13.95  ? 1417 HIS A N   1 
ATOM   864  C CA  . HIS A 1 126 ? -7.005  5.743   -6.023  1.00 16.06  ? 1417 HIS A CA  1 
ATOM   865  C C   . HIS A 1 126 ? -6.885  6.246   -4.580  1.00 15.02  ? 1417 HIS A C   1 
ATOM   866  O O   . HIS A 1 126 ? -7.927  6.603   -3.989  1.00 17.59  ? 1417 HIS A O   1 
ATOM   867  C CB  . HIS A 1 126 ? -7.280  4.238   -6.091  1.00 18.02  ? 1417 HIS A CB  1 
ATOM   868  C CG  . HIS A 1 126 ? -7.916  3.808   -7.373  1.00 21.72  ? 1417 HIS A CG  1 
ATOM   869  N ND1 . HIS A 1 126 ? -7.242  3.771   -8.573  1.00 21.92  ? 1417 HIS A ND1 1 
ATOM   870  C CD2 . HIS A 1 126 ? -9.151  3.317   -7.606  1.00 26.41  ? 1417 HIS A CD2 1 
ATOM   871  C CE1 . HIS A 1 126 ? -8.109  3.441   -9.527  1.00 23.58  ? 1417 HIS A CE1 1 
ATOM   872  N NE2 . HIS A 1 126 ? -9.222  3.050   -8.960  1.00 28.04  ? 1417 HIS A NE2 1 
ATOM   873  N N   . ILE A 1 127 ? -5.678  6.269   -3.981  1.00 13.98  ? 1418 ILE A N   1 
ATOM   874  C CA  . ILE A 1 127 ? -5.514  6.681   -2.563  1.00 14.25  ? 1418 ILE A CA  1 
ATOM   875  C C   . ILE A 1 127 ? -5.644  8.193   -2.381  1.00 14.20  ? 1418 ILE A C   1 
ATOM   876  O O   . ILE A 1 127 ? -5.937  8.649   -1.270  1.00 14.04  ? 1418 ILE A O   1 
ATOM   877  C CB  . ILE A 1 127 ? -4.191  6.142   -1.980  1.00 14.03  ? 1418 ILE A CB  1 
ATOM   878  C CG1 . ILE A 1 127 ? -4.209  5.993   -0.450  1.00 15.09  ? 1418 ILE A CG1 1 
ATOM   879  C CG2 . ILE A 1 127 ? -2.997  6.980   -2.381  1.00 15.10  ? 1418 ILE A CG2 1 
ATOM   880  C CD1 . ILE A 1 127 ? -5.172  5.022   0.055   1.00 16.25  ? 1418 ILE A CD1 1 
ATOM   881  N N   A SER A 1 128 ? -5.408  8.981   -3.433  0.25 14.24  ? 1419 SER A N   1 
ATOM   882  N N   B SER A 1 128 ? -5.388  8.964   -3.443  0.25 14.50  ? 1419 SER A N   1 
ATOM   883  C CA  A SER A 1 128 ? -5.362  10.464  -3.323  0.25 14.57  ? 1419 SER A CA  1 
ATOM   884  C CA  B SER A 1 128 ? -5.398  10.452  -3.417  0.25 15.11  ? 1419 SER A CA  1 
ATOM   885  C C   A SER A 1 128 ? -6.678  11.014  -2.730  0.25 14.39  ? 1419 SER A C   1 
ATOM   886  C C   B SER A 1 128 ? -6.669  10.979  -2.730  0.25 14.74  ? 1419 SER A C   1 
ATOM   887  O O   A SER A 1 128 ? -6.608  11.847  -1.795  0.25 14.43  ? 1419 SER A O   1 
ATOM   888  O O   B SER A 1 128 ? -6.554  11.768  -1.762  0.25 15.02  ? 1419 SER A O   1 
ATOM   889  C CB  A SER A 1 128 ? -5.011  11.091  -4.652  0.25 15.42  ? 1419 SER A CB  1 
ATOM   890  C CB  B SER A 1 128 ? -5.261  11.007  -4.815  0.25 16.22  ? 1419 SER A CB  1 
ATOM   891  O OG  A SER A 1 128 ? -5.933  10.707  -5.655  0.25 17.44  ? 1419 SER A OG  1 
ATOM   892  O OG  B SER A 1 128 ? -5.397  12.419  -4.801  0.25 19.47  ? 1419 SER A OG  1 
ATOM   893  N N   . SER A 1 129 ? -7.837  10.553  -3.199  1.00 14.30  ? 1420 SER A N   1 
ATOM   894  C CA  . SER A 1 129 ? -9.132  11.046  -2.672  1.00 15.36  ? 1420 SER A CA  1 
ATOM   895  C C   . SER A 1 129 ? -9.337  10.554  -1.222  1.00 14.58  ? 1420 SER A C   1 
ATOM   896  O O   . SER A 1 129 ? -9.940  11.275  -0.435  1.00 15.61  ? 1420 SER A O   1 
ATOM   897  C CB  . SER A 1 129 ? -10.262 10.643  -3.545  1.00 17.46  ? 1420 SER A CB  1 
ATOM   898  O OG  . SER A 1 129 ? -10.395 9.256   -3.669  1.00 24.12  ? 1420 SER A OG  1 
ATOM   899  N N   . VAL A 1 130 ? -8.880  9.339   -0.912  1.00 13.81  ? 1421 VAL A N   1 
ATOM   900  C CA  . VAL A 1 130 ? -9.040  8.776   0.465   1.00 13.83  ? 1421 VAL A CA  1 
ATOM   901  C C   . VAL A 1 130 ? -8.296  9.686   1.437   1.00 13.21  ? 1421 VAL A C   1 
ATOM   902  O O   . VAL A 1 130 ? -8.844  10.080  2.514   1.00 13.80  ? 1421 VAL A O   1 
ATOM   903  C CB  . VAL A 1 130 ? -8.536  7.344   0.513   1.00 12.20  ? 1421 VAL A CB  1 
ATOM   904  C CG1 . VAL A 1 130 ? -8.649  6.807   1.940   1.00 13.33  ? 1421 VAL A CG1 1 
ATOM   905  C CG2 . VAL A 1 130 ? -9.305  6.483   -0.464  1.00 13.42  ? 1421 VAL A CG2 1 
ATOM   906  N N   . LEU A 1 131 ? -7.040  10.024  1.121   1.00 13.09  ? 1422 LEU A N   1 
ATOM   907  C CA  . LEU A 1 131 ? -6.251  10.911  1.995   1.00 13.50  ? 1422 LEU A CA  1 
ATOM   908  C C   . LEU A 1 131 ? -6.863  12.290  2.092   1.00 13.14  ? 1422 LEU A C   1 
ATOM   909  O O   . LEU A 1 131 ? -6.925  12.826  3.186   1.00 14.10  ? 1422 LEU A O   1 
ATOM   910  C CB  . LEU A 1 131 ? -4.813  11.026  1.456   1.00 13.51  ? 1422 LEU A CB  1 
ATOM   911  C CG  . LEU A 1 131 ? -4.002  9.722   1.458   1.00 14.90  ? 1422 LEU A CG  1 
ATOM   912  C CD1 . LEU A 1 131 ? -2.726  9.842   0.649   1.00 16.53  ? 1422 LEU A CD1 1 
ATOM   913  C CD2 . LEU A 1 131 ? -3.673  9.307   2.885   1.00 16.16  ? 1422 LEU A CD2 1 
ATOM   914  N N   A SER A 1 132 ? -7.242  12.892  0.963   0.40 14.02  ? 1423 SER A N   1 
ATOM   915  N N   B SER A 1 132 ? -7.268  12.853  0.956   0.10 13.97  ? 1423 SER A N   1 
ATOM   916  C CA  A SER A 1 132 ? -7.816  14.263  0.962   0.40 13.67  ? 1423 SER A CA  1 
ATOM   917  C CA  B SER A 1 132 ? -7.837  14.220  0.865   0.10 14.18  ? 1423 SER A CA  1 
ATOM   918  C C   A SER A 1 132 ? -9.085  14.305  1.822   0.40 13.91  ? 1423 SER A C   1 
ATOM   919  C C   B SER A 1 132 ? -9.089  14.325  1.743   0.10 14.23  ? 1423 SER A C   1 
ATOM   920  O O   A SER A 1 132 ? -9.245  15.249  2.629   0.40 14.24  ? 1423 SER A O   1 
ATOM   921  O O   B SER A 1 132 ? -9.201  15.300  2.513   0.10 14.46  ? 1423 SER A O   1 
ATOM   922  C CB  A SER A 1 132 ? -8.125  14.739  -0.436  0.40 14.69  ? 1423 SER A CB  1 
ATOM   923  C CB  B SER A 1 132 ? -8.136  14.569  -0.561  0.10 14.69  ? 1423 SER A CB  1 
ATOM   924  O OG  A SER A 1 132 ? -6.944  14.908  -1.187  0.40 15.64  ? 1423 SER A OG  1 
ATOM   925  O OG  B SER A 1 132 ? -8.035  15.966  -0.742  0.10 15.36  ? 1423 SER A OG  1 
ATOM   926  N N   . ASP A 1 133 ? -9.993  13.352  1.627   1.00 14.10  ? 1424 ASP A N   1 
ATOM   927  C CA  . ASP A 1 133 ? -11.259 13.339  2.382   1.00 14.50  ? 1424 ASP A CA  1 
ATOM   928  C C   . ASP A 1 133 ? -10.989 13.188  3.881   1.00 13.99  ? 1424 ASP A C   1 
ATOM   929  O O   . ASP A 1 133 ? -11.620 13.868  4.702   1.00 14.46  ? 1424 ASP A O   1 
ATOM   930  C CB  . ASP A 1 133 ? -12.216 12.269  1.880   1.00 15.69  ? 1424 ASP A CB  1 
ATOM   931  C CG  . ASP A 1 133 ? -12.843 12.494  0.527   1.00 19.81  ? 1424 ASP A CG  1 
ATOM   932  O OD1 . ASP A 1 133 ? -12.536 13.540  -0.138  1.00 20.63  ? 1424 ASP A OD1 1 
ATOM   933  O OD2 . ASP A 1 133 ? -13.657 11.632  0.141   1.00 26.18  ? 1424 ASP A OD2 1 
ATOM   934  N N   . TYR A 1 134 ? -10.075 12.293  4.254   1.00 12.99  ? 1425 TYR A N   1 
ATOM   935  C CA  . TYR A 1 134 ? -9.756  12.094  5.673   1.00 11.97  ? 1425 TYR A CA  1 
ATOM   936  C C   . TYR A 1 134 ? -9.214  13.384  6.266   1.00 13.08  ? 1425 TYR A C   1 
ATOM   937  O O   . TYR A 1 134 ? -9.629  13.799  7.354   1.00 14.28  ? 1425 TYR A O   1 
ATOM   938  C CB  . TYR A 1 134 ? -8.771  10.916  5.888   1.00 12.97  ? 1425 TYR A CB  1 
ATOM   939  C CG  . TYR A 1 134 ? -8.326  10.750  7.303   1.00 12.68  ? 1425 TYR A CG  1 
ATOM   940  C CD1 . TYR A 1 134 ? -9.144  10.123  8.230   1.00 13.83  ? 1425 TYR A CD1 1 
ATOM   941  C CD2 . TYR A 1 134 ? -7.114  11.280  7.729   1.00 15.14  ? 1425 TYR A CD2 1 
ATOM   942  C CE1 . TYR A 1 134 ? -8.739  9.944   9.549   1.00 15.16  ? 1425 TYR A CE1 1 
ATOM   943  C CE2 . TYR A 1 134 ? -6.710  11.108  9.033   1.00 16.32  ? 1425 TYR A CE2 1 
ATOM   944  C CZ  . TYR A 1 134 ? -7.517  10.453  9.937   1.00 15.84  ? 1425 TYR A CZ  1 
ATOM   945  O OH  . TYR A 1 134 ? -7.094  10.305  11.243  1.00 19.24  ? 1425 TYR A OH  1 
ATOM   946  N N   . LYS A 1 135 ? -8.218  14.004  5.608   1.00 13.57  ? 1426 LYS A N   1 
ATOM   947  C CA  . LYS A 1 135 ? -7.584  15.191  6.224   1.00 13.07  ? 1426 LYS A CA  1 
ATOM   948  C C   . LYS A 1 135 ? -8.597  16.341  6.304   1.00 13.42  ? 1426 LYS A C   1 
ATOM   949  O O   . LYS A 1 135 ? -8.558  17.087  7.264   1.00 13.34  ? 1426 LYS A O   1 
ATOM   950  C CB  . LYS A 1 135 ? -6.335  15.568  5.408   1.00 14.35  ? 1426 LYS A CB  1 
ATOM   951  C CG  . LYS A 1 135 ? -5.235  14.500  5.487   1.00 16.18  ? 1426 LYS A CG  1 
ATOM   952  C CD  . LYS A 1 135 ? -4.037  14.876  4.622   1.00 17.51  ? 1426 LYS A CD  1 
ATOM   953  C CE  . LYS A 1 135 ? -2.933  13.828  4.658   1.00 21.68  ? 1426 LYS A CE  1 
ATOM   954  N NZ  . LYS A 1 135 ? -1.782  14.246  3.829   1.00 26.87  ? 1426 LYS A NZ  1 
ATOM   955  N N   A SER A 1 136 ? -9.465  16.463  5.306   0.40 13.64  ? 1427 SER A N   1 
ATOM   956  N N   B SER A 1 136 ? -9.500  16.455  5.329   0.10 13.58  ? 1427 SER A N   1 
ATOM   957  C CA  A SER A 1 136 ? -10.570 17.458  5.306   0.40 14.54  ? 1427 SER A CA  1 
ATOM   958  C CA  B SER A 1 136 ? -10.557 17.500  5.321   0.10 13.92  ? 1427 SER A CA  1 
ATOM   959  C C   A SER A 1 136 ? -11.508 17.196  6.494   0.40 14.19  ? 1427 SER A C   1 
ATOM   960  C C   B SER A 1 136 ? -11.592 17.214  6.422   0.10 14.21  ? 1427 SER A C   1 
ATOM   961  O O   A SER A 1 136 ? -11.853 18.137  7.242   0.40 13.30  ? 1427 SER A O   1 
ATOM   962  O O   B SER A 1 136 ? -12.085 18.186  7.026   0.10 14.29  ? 1427 SER A O   1 
ATOM   963  C CB  A SER A 1 136 ? -11.302 17.402  4.006   0.40 15.63  ? 1427 SER A CB  1 
ATOM   964  C CB  B SER A 1 136 ? -11.179 17.643  3.956   0.10 14.02  ? 1427 SER A CB  1 
ATOM   965  O OG  A SER A 1 136 ? -12.554 18.059  4.134   0.40 20.23  ? 1427 SER A OG  1 
ATOM   966  O OG  B SER A 1 136 ? -11.765 16.431  3.520   0.10 14.38  ? 1427 SER A OG  1 
ATOM   967  N N   . ALA A 1 137 ? -11.891 15.941  6.707   1.00 14.37  ? 1428 ALA A N   1 
ATOM   968  C CA  . ALA A 1 137 ? -12.782 15.544  7.835   1.00 15.59  ? 1428 ALA A CA  1 
ATOM   969  C C   . ALA A 1 137 ? -12.137 15.893  9.160   1.00 15.06  ? 1428 ALA A C   1 
ATOM   970  O O   . ALA A 1 137 ? -12.796 16.400  10.103  1.00 16.28  ? 1428 ALA A O   1 
ATOM   971  C CB  . ALA A 1 137 ? -13.049 14.045  7.761   1.00 16.91  ? 1428 ALA A CB  1 
ATOM   972  N N   . LEU A 1 138 ? -10.850 15.667  9.323   1.00 14.46  ? 1429 LEU A N   1 
ATOM   973  C CA  . LEU A 1 138 ? -10.192 15.975  10.590  1.00 15.88  ? 1429 LEU A CA  1 
ATOM   974  C C   . LEU A 1 138 ? -10.129 17.485  10.793  1.00 14.17  ? 1429 LEU A C   1 
ATOM   975  O O   . LEU A 1 138 ? -10.326 17.957  11.920  1.00 15.45  ? 1429 LEU A O   1 
ATOM   976  C CB  . LEU A 1 138 ? -8.807  15.335  10.593  1.00 21.85  ? 1429 LEU A CB  1 
ATOM   977  C CG  . LEU A 1 138 ? -8.416  14.591  11.848  1.00 26.12  ? 1429 LEU A CG  1 
ATOM   978  C CD1 . LEU A 1 138 ? -9.450  13.615  12.384  1.00 24.27  ? 1429 LEU A CD1 1 
ATOM   979  C CD2 . LEU A 1 138 ? -7.093  13.906  11.576  1.00 24.60  ? 1429 LEU A CD2 1 
ATOM   980  N N   . ARG A 1 139 ? -9.861  18.245  9.711   1.00 13.48  ? 1430 ARG A N   1 
ATOM   981  C CA  . ARG A 1 139 ? -9.852  19.709  9.851   1.00 13.94  ? 1430 ARG A CA  1 
ATOM   982  C C   . ARG A 1 139 ? -11.253 20.184  10.272  1.00 13.03  ? 1430 ARG A C   1 
ATOM   983  O O   . ARG A 1 139 ? -11.359 21.081  11.149  1.00 15.05  ? 1430 ARG A O   1 
ATOM   984  C CB  . ARG A 1 139 ? -9.378  20.425  8.584   1.00 13.56  ? 1430 ARG A CB  1 
ATOM   985  C CG  . ARG A 1 139 ? -7.910  20.215  8.233   1.00 14.56  ? 1430 ARG A CG  1 
ATOM   986  C CD  . ARG A 1 139 ? -7.495  21.045  7.041   1.00 14.41  ? 1430 ARG A CD  1 
ATOM   987  N NE  . ARG A 1 139 ? -8.107  20.729  5.782   1.00 14.22  ? 1430 ARG A NE  1 
ATOM   988  C CZ  . ARG A 1 139 ? -7.620  19.907  4.853   1.00 13.72  ? 1430 ARG A CZ  1 
ATOM   989  N NH1 . ARG A 1 139 ? -6.503  19.218  5.083   1.00 15.15  ? 1430 ARG A NH1 1 
ATOM   990  N NH2 . ARG A 1 139 ? -8.205  19.805  3.677   1.00 15.53  ? 1430 ARG A NH2 1 
ATOM   991  N N   . PHE A 1 140 ? -12.310 19.623  9.698   1.00 12.70  ? 1431 PHE A N   1 
ATOM   992  C CA  . PHE A 1 140 ? -13.685 20.028  10.057  1.00 13.53  ? 1431 PHE A CA  1 
ATOM   993  C C   . PHE A 1 140 ? -13.944 19.713  11.536  1.00 14.04  ? 1431 PHE A C   1 
ATOM   994  O O   . PHE A 1 140 ? -14.480 20.524  12.266  1.00 15.10  ? 1431 PHE A O   1 
ATOM   995  C CB  . PHE A 1 140 ? -14.700 19.387  9.136   1.00 13.63  ? 1431 PHE A CB  1 
ATOM   996  C CG  . PHE A 1 140 ? -16.096 19.913  9.328   1.00 15.24  ? 1431 PHE A CG  1 
ATOM   997  C CD1 . PHE A 1 140 ? -16.488 21.118  8.750   1.00 16.96  ? 1431 PHE A CD1 1 
ATOM   998  C CD2 . PHE A 1 140 ? -17.016 19.209  10.074  1.00 16.32  ? 1431 PHE A CD2 1 
ATOM   999  C CE1 . PHE A 1 140 ? -17.785 21.586  8.908   1.00 17.60  ? 1431 PHE A CE1 1 
ATOM   1000 C CE2 . PHE A 1 140 ? -18.304 19.695  10.250  1.00 18.01  ? 1431 PHE A CE2 1 
ATOM   1001 C CZ  . PHE A 1 140 ? -18.690 20.865  9.638   1.00 18.84  ? 1431 PHE A CZ  1 
ATOM   1002 N N   . HIS A 1 141 ? -13.441 18.581  12.009  1.00 16.07  ? 1432 HIS A N   1 
ATOM   1003 C CA  . HIS A 1 141 ? -13.656 18.168  13.424  1.00 17.56  ? 1432 HIS A CA  1 
ATOM   1004 C C   . HIS A 1 141 ? -13.026 19.184  14.385  1.00 21.67  ? 1432 HIS A C   1 
ATOM   1005 O O   . HIS A 1 141 ? -13.581 19.426  15.477  1.00 22.25  ? 1432 HIS A O   1 
ATOM   1006 C CB  . HIS A 1 141 ? -13.072 16.780  13.607  1.00 18.06  ? 1432 HIS A CB  1 
ATOM   1007 C CG  . HIS A 1 141 ? -13.430 16.207  14.941  1.00 17.40  ? 1432 HIS A CG  1 
ATOM   1008 N ND1 . HIS A 1 141 ? -14.717 15.752  15.213  1.00 17.51  ? 1432 HIS A ND1 1 
ATOM   1009 C CD2 . HIS A 1 141 ? -12.682 15.970  16.039  1.00 20.42  ? 1432 HIS A CD2 1 
ATOM   1010 C CE1 . HIS A 1 141 ? -14.744 15.247  16.452  1.00 18.17  ? 1432 HIS A CE1 1 
ATOM   1011 N NE2 . HIS A 1 141 ? -13.506 15.352  16.963  1.00 19.40  ? 1432 HIS A NE2 1 
ATOM   1012 N N   . LYS A 1 142 ? -11.937 19.840  13.973  1.00 21.80  ? 1433 LYS A N   1 
ATOM   1013 C CA  . LYS A 1 142 ? -11.228 20.868  14.786  1.00 23.92  ? 1433 LYS A CA  1 
ATOM   1014 C C   . LYS A 1 142 ? -11.412 22.274  14.185  1.00 25.33  ? 1433 LYS A C   1 
ATOM   1015 O O   . LYS A 1 142 ? -10.454 23.073  14.257  1.00 28.69  ? 1433 LYS A O   1 
ATOM   1016 C CB  . LYS A 1 142 ? -9.767  20.421  14.896  1.00 26.61  ? 1433 LYS A CB  1 
ATOM   1017 C CG  . LYS A 1 142 ? -9.611  18.949  15.262  1.00 28.05  ? 1433 LYS A CG  1 
ATOM   1018 C CD  . LYS A 1 142 ? -8.301  18.318  14.848  1.00 29.09  ? 1433 LYS A CD  1 
ATOM   1019 C CE  . LYS A 1 142 ? -8.442  16.858  14.472  1.00 30.14  ? 1433 LYS A CE  1 
ATOM   1020 N NZ  . LYS A 1 142 ? -8.299  15.953  15.640  1.00 31.27  ? 1433 LYS A NZ  1 
ATOM   1021 N N   . ARG A 1 143 ? -12.606 22.607  13.685  1.00 23.51  ? 1434 ARG A N   1 
ATOM   1022 C CA  . ARG A 1 143 ? -12.873 23.888  12.973  1.00 23.11  ? 1434 ARG A CA  1 
ATOM   1023 C C   . ARG A 1 143 ? -13.108 25.032  13.966  1.00 25.48  ? 1434 ARG A C   1 
ATOM   1024 O O   . ARG A 1 143 ? -12.781 26.192  13.611  1.00 25.79  ? 1434 ARG A O   1 
ATOM   1025 C CB  . ARG A 1 143 ? -14.080 23.756  12.047  1.00 21.89  ? 1434 ARG A CB  1 
ATOM   1026 C CG  . ARG A 1 143 ? -15.389 23.502  12.773  1.00 20.69  ? 1434 ARG A CG  1 
ATOM   1027 C CD  . ARG A 1 143 ? -16.493 23.171  11.801  1.00 20.48  ? 1434 ARG A CD  1 
ATOM   1028 N NE  . ARG A 1 143 ? -17.781 22.969  12.444  1.00 19.32  ? 1434 ARG A NE  1 
ATOM   1029 C CZ  . ARG A 1 143 ? -18.148 21.860  13.061  1.00 19.36  ? 1434 ARG A CZ  1 
ATOM   1030 N NH1 . ARG A 1 143 ? -17.307 20.842  13.150  1.00 17.32  ? 1434 ARG A NH1 1 
ATOM   1031 N NH2 . ARG A 1 143 ? -19.356 21.765  13.593  1.00 20.11  ? 1434 ARG A NH2 1 
ATOM   1032 N N   . ASN A 1 144 ? -13.697 24.737  15.127  1.00 24.89  ? 1435 ASN A N   1 
ATOM   1033 C CA  . ASN A 1 144 ? -14.116 25.766  16.121  1.00 26.71  ? 1435 ASN A CA  1 
ATOM   1034 C C   . ASN A 1 144 ? -13.059 25.880  17.222  1.00 28.97  ? 1435 ASN A C   1 
ATOM   1035 O O   . ASN A 1 144 ? -13.340 26.623  18.192  1.00 30.97  ? 1435 ASN A O   1 
ATOM   1036 C CB  . ASN A 1 144 ? -15.495 25.470  16.716  1.00 27.15  ? 1435 ASN A CB  1 
ATOM   1037 C CG  . ASN A 1 144 ? -16.620 25.794  15.756  1.00 27.35  ? 1435 ASN A CG  1 
ATOM   1038 O OD1 . ASN A 1 144 ? -16.668 26.891  15.202  1.00 27.51  ? 1435 ASN A OD1 1 
ATOM   1039 N ND2 . ASN A 1 144 ? -17.519 24.847  15.550  1.00 25.39  ? 1435 ASN A ND2 1 
HETATM 1040 N N1  . ZJW B 2 .   ? 3.886   -16.914 -4.793  0.52 51.87  ? 1901 ZJW A N1  1 
HETATM 1041 N N3  . ZJW B 2 .   ? 4.835   -14.920 -4.723  0.52 52.19  ? 1901 ZJW A N3  1 
HETATM 1042 C C4  . ZJW B 2 .   ? 3.836   -14.918 -5.650  0.52 52.20  ? 1901 ZJW A C4  1 
HETATM 1043 C C5  . ZJW B 2 .   ? 5.635   -13.708 -4.511  0.52 50.38  ? 1901 ZJW A C5  1 
HETATM 1044 C C6  . ZJW B 2 .   ? 6.329   -13.579 -3.175  0.52 48.24  ? 1901 ZJW A C6  1 
HETATM 1045 C C7  . ZJW B 2 .   ? 8.503   -12.750 -3.863  0.52 44.91  ? 1901 ZJW A C7  1 
HETATM 1046 C C8  . ZJW B 2 .   ? 10.364  -11.695 -5.133  0.52 42.46  ? 1901 ZJW A C8  1 
HETATM 1047 C C10 . ZJW B 2 .   ? 8.841   -9.309  -4.685  0.52 41.93  ? 1901 ZJW A C10 1 
HETATM 1048 C C13 . ZJW B 2 .   ? 11.663  -8.314  -6.852  0.52 40.84  ? 1901 ZJW A C13 1 
HETATM 1049 C C15 . ZJW B 2 .   ? 12.768  -7.639  -8.765  0.52 39.55  ? 1901 ZJW A C15 1 
HETATM 1050 C C17 . ZJW B 2 .   ? 14.028  -9.665  -9.718  0.52 41.61  ? 1901 ZJW A C17 1 
HETATM 1051 C C1  . ZJW B 2 .   ? 5.211   -16.579 -1.764  0.52 49.85  ? 1901 ZJW A C1  1 
HETATM 1052 C C11 . ZJW B 2 .   ? 8.202   -10.612 -5.112  0.52 41.69  ? 1901 ZJW A C11 1 
HETATM 1053 C C12 . ZJW B 2 .   ? 10.674  -8.171  -5.810  0.52 40.02  ? 1901 ZJW A C12 1 
HETATM 1054 C C14 . ZJW B 2 .   ? 12.162  -7.231  -7.562  0.52 40.50  ? 1901 ZJW A C14 1 
HETATM 1055 C C16 . ZJW B 2 .   ? 13.122  -8.951  -8.764  0.52 41.30  ? 1901 ZJW A C16 1 
HETATM 1056 C C2  . ZJW B 2 .   ? 5.757   -16.714 -3.164  0.52 51.61  ? 1901 ZJW A C2  1 
HETATM 1057 C C3  . ZJW B 2 .   ? 4.827   -16.217 -4.211  0.52 52.50  ? 1901 ZJW A C3  1 
HETATM 1058 C C9  . ZJW B 2 .   ? 11.032  -10.405 -4.700  0.52 41.31  ? 1901 ZJW A C9  1 
HETATM 1059 N N2  . ZJW B 2 .   ? 3.249   -16.079 -5.712  0.52 52.44  ? 1901 ZJW A N2  1 
HETATM 1060 N N4  . ZJW B 2 .   ? 7.363   -12.553 -3.248  0.52 46.80  ? 1901 ZJW A N4  1 
HETATM 1061 N N5  . ZJW B 2 .   ? 8.990   -11.749 -4.645  0.52 43.18  ? 1901 ZJW A N5  1 
HETATM 1062 N N6  . ZJW B 2 .   ? 10.239  -9.248  -5.122  0.52 41.99  ? 1901 ZJW A N6  1 
HETATM 1063 O O1  . ZJW B 2 .   ? 9.071   -13.843 -3.787  0.52 42.15  ? 1901 ZJW A O1  1 
HETATM 1064 O O2  . ZJW B 2 .   ? 10.197  -7.058  -5.609  0.52 36.44  ? 1901 ZJW A O2  1 
HETATM 1065 S S1  . ZJW B 2 .   ? 12.371  -9.776  -7.443  0.52 39.97  ? 1901 ZJW A S1  1 
HETATM 1066 O O   . HOH C 3 .   ? -1.552  14.635  1.579   1.00 38.36  ? 2001 HOH A O   1 
HETATM 1067 O O   . HOH C 3 .   ? -4.842  9.716   18.555  1.00 37.00  ? 2002 HOH A O   1 
HETATM 1068 O O   . HOH C 3 .   ? 10.956  -6.565  -2.789  0.52 15.01  ? 2003 HOH A O   1 
HETATM 1069 O O   . HOH C 3 .   ? 22.478  -9.479  -4.303  1.00 37.58  ? 2004 HOH A O   1 
HETATM 1070 O O   . HOH C 3 .   ? -15.824 27.302  12.887  1.00 38.65  ? 2005 HOH A O   1 
HETATM 1071 O O   . HOH C 3 .   ? -17.338 22.695  16.816  1.00 46.41  ? 2006 HOH A O   1 
HETATM 1072 O O   . HOH C 3 .   ? 19.507  -1.693  -3.576  1.00 23.51  ? 2007 HOH A O   1 
HETATM 1073 O O   . HOH C 3 .   ? 12.158  3.317   -12.664 1.00 30.95  ? 2008 HOH A O   1 
HETATM 1074 O O   . HOH C 3 .   ? 5.858   -16.243 1.357   1.00 33.28  ? 2009 HOH A O   1 
HETATM 1075 O O   . HOH C 3 .   ? -15.621 15.832  -0.252  1.00 38.72  ? 2010 HOH A O   1 
HETATM 1076 O O   . HOH C 3 .   ? 8.055   -6.324  8.259   1.00 27.04  ? 2011 HOH A O   1 
HETATM 1077 O O   . HOH C 3 .   ? -10.446 6.279   -4.424  1.00 29.69  ? 2012 HOH A O   1 
HETATM 1078 O O   . HOH C 3 .   ? 0.745   -13.965 4.554   0.52 24.93  ? 2013 HOH A O   1 
HETATM 1079 O O   . HOH C 3 .   ? -8.521  9.013   12.962  1.00 33.80  ? 2014 HOH A O   1 
HETATM 1080 O O   . HOH C 3 .   ? 2.385   -0.959  10.138  1.00 33.62  ? 2015 HOH A O   1 
HETATM 1081 O O   . HOH C 3 .   ? -12.936 20.577  3.620   1.00 26.30  ? 2016 HOH A O   1 
HETATM 1082 O O   . HOH C 3 .   ? 10.340  -3.318  -18.110 1.00 41.87  ? 2017 HOH A O   1 
HETATM 1083 O O   . HOH C 3 .   ? -11.149 -3.939  12.815  1.00 19.75  ? 2018 HOH A O   1 
HETATM 1084 O O   . HOH C 3 .   ? -19.520 22.088  4.199   0.52 21.71  ? 2019 HOH A O   1 
HETATM 1085 O O   . HOH C 3 .   ? 3.240   4.219   -4.395  1.00 17.79  ? 2020 HOH A O   1 
HETATM 1086 O O   . HOH C 3 .   ? -1.263  9.366   10.976  1.00 32.11  ? 2021 HOH A O   1 
HETATM 1087 O O   . HOH C 3 .   ? 18.194  -1.883  -7.420  1.00 20.88  ? 2022 HOH A O   1 
HETATM 1088 O O   . HOH C 3 .   ? 12.417  0.130   0.985   1.00 19.88  ? 2023 HOH A O   1 
HETATM 1089 O O   . HOH C 3 .   ? 15.181  -4.991  10.322  1.00 40.06  ? 2024 HOH A O   1 
HETATM 1090 O O   . HOH C 3 .   ? -11.427 15.830  -0.963  1.00 30.05  ? 2025 HOH A O   1 
HETATM 1091 O O   . HOH C 3 .   ? 4.019   -9.544  8.104   1.00 34.57  ? 2026 HOH A O   1 
HETATM 1092 O O   . HOH C 3 .   ? -9.603  23.086  11.389  1.00 30.78  ? 2027 HOH A O   1 
HETATM 1093 O O   . HOH C 3 .   ? 6.365   -8.928  3.996   1.00 17.81  ? 2028 HOH A O   1 
HETATM 1094 O O   . HOH C 3 .   ? 2.087   -14.235 -10.906 1.00 38.52  ? 2029 HOH A O   1 
HETATM 1095 O O   . HOH C 3 .   ? -3.797  8.691   -12.847 1.00 23.88  ? 2030 HOH A O   1 
HETATM 1096 O O   . HOH C 3 .   ? 13.766  5.140   -11.358 1.00 34.75  ? 2031 HOH A O   1 
HETATM 1097 O O   . HOH C 3 .   ? -4.781  11.240  12.264  1.00 28.67  ? 2032 HOH A O   1 
HETATM 1098 O O   . HOH C 3 .   ? 17.425  -7.250  7.539   1.00 33.84  ? 2033 HOH A O   1 
HETATM 1099 O O   . HOH C 3 .   ? 0.355   0.013   12.172  1.00 26.04  ? 2034 HOH A O   1 
HETATM 1100 O O   . HOH C 3 .   ? 6.019   -9.952  -1.716  0.52 17.46  ? 2035 HOH A O   1 
HETATM 1101 O O   . HOH C 3 .   ? -16.531 16.131  13.234  1.00 16.16  ? 2036 HOH A O   1 
HETATM 1102 O O   . HOH C 3 .   ? 6.223   1.642   7.062   1.00 32.54  ? 2037 HOH A O   1 
HETATM 1103 O O   . HOH C 3 .   ? -1.650  9.662   -4.459  1.00 19.35  ? 2038 HOH A O   1 
HETATM 1104 O O   . HOH C 3 .   ? 8.620   0.120   -7.160  1.00 16.60  ? 2039 HOH A O   1 
HETATM 1105 O O   . HOH C 3 .   ? 13.116  -1.786  -21.729 1.00 47.63  ? 2040 HOH A O   1 
HETATM 1106 O O   . HOH C 3 .   ? -1.461  -3.737  -15.814 1.00 24.61  ? 2041 HOH A O   1 
HETATM 1107 O O   . HOH C 3 .   ? -5.627  3.122   -13.423 1.00 16.46  ? 2042 HOH A O   1 
HETATM 1108 O O   . HOH C 3 .   ? 10.034  -11.472 3.069   1.00 21.28  ? 2043 HOH A O   1 
HETATM 1109 O O   . HOH C 3 .   ? -14.407 -1.785  8.404   1.00 32.29  ? 2044 HOH A O   1 
HETATM 1110 O O   . HOH C 3 .   ? -7.416  -6.809  16.729  1.00 28.42  ? 2045 HOH A O   1 
HETATM 1111 O O   . HOH C 3 .   ? -15.503 15.775  10.703  1.00 17.52  ? 2046 HOH A O   1 
HETATM 1112 O O   . HOH C 3 .   ? -9.267  6.279   -12.055 1.00 27.24  ? 2047 HOH A O   1 
HETATM 1113 O O   . HOH C 3 .   ? 8.926   -6.801  0.913   1.00 15.76  ? 2048 HOH A O   1 
HETATM 1114 O O   . HOH C 3 .   ? -19.740 7.822   5.212   1.00 38.17  ? 2049 HOH A O   1 
HETATM 1115 O O   . HOH C 3 .   ? -14.366 16.150  2.684   1.00 31.82  ? 2050 HOH A O   1 
HETATM 1116 O O   . HOH C 3 .   ? 7.167   4.008   3.165   1.00 16.76  ? 2051 HOH A O   1 
HETATM 1117 O O   . HOH C 3 .   ? 1.884   -4.038  10.267  1.00 33.71  ? 2052 HOH A O   1 
HETATM 1118 O O   . HOH C 3 .   ? -10.715 8.139   -6.176  1.00 55.10  ? 2053 HOH A O   1 
HETATM 1119 O O   . HOH C 3 .   ? 8.182   -5.653  -2.365  1.00 18.78  ? 2054 HOH A O   1 
HETATM 1120 O O   . HOH C 3 .   ? -15.048 2.862   7.098   1.00 15.12  ? 2055 HOH A O   1 
HETATM 1121 O O   . HOH C 3 .   ? 9.162   3.595   1.386   1.00 17.99  ? 2056 HOH A O   1 
HETATM 1122 O O   . HOH C 3 .   ? 6.422   4.224   -7.173  1.00 27.08  ? 2057 HOH A O   1 
HETATM 1123 O O   . HOH C 3 .   ? -6.213  17.010  8.755   1.00 19.20  ? 2058 HOH A O   1 
HETATM 1124 O O   . HOH C 3 .   ? 1.252   -8.843  -14.966 1.00 40.11  ? 2059 HOH A O   1 
HETATM 1125 O O   . HOH C 3 .   ? -11.916 2.761   -2.428  1.00 24.95  ? 2060 HOH A O   1 
HETATM 1126 O O   . HOH C 3 .   ? -0.774  7.537   -10.550 1.00 22.03  ? 2061 HOH A O   1 
HETATM 1127 O O   . HOH C 3 .   ? -6.202  -9.095  11.205  1.00 25.45  ? 2062 HOH A O   1 
HETATM 1128 O O   . HOH C 3 .   ? 1.783   8.403   4.389   1.00 23.31  ? 2063 HOH A O   1 
HETATM 1129 O O   . HOH C 3 .   ? 24.237  -10.518 0.259   1.00 30.30  ? 2064 HOH A O   1 
HETATM 1130 O O   . HOH C 3 .   ? 0.674   -12.115 -12.228 1.00 24.50  ? 2065 HOH A O   1 
HETATM 1131 O O   . HOH C 3 .   ? 7.634   3.897   -2.641  1.00 15.68  ? 2066 HOH A O   1 
HETATM 1132 O O   . HOH C 3 .   ? -4.253  13.342  -1.609  1.00 22.15  ? 2067 HOH A O   1 
HETATM 1133 O O   . HOH C 3 .   ? 12.307  -22.744 -8.008  1.00 32.12  ? 2068 HOH A O   1 
HETATM 1134 O O   . HOH C 3 .   ? -2.742  -15.342 -5.384  1.00 30.20  ? 2069 HOH A O   1 
HETATM 1135 O O   . HOH C 3 .   ? 4.677   4.258   -10.981 1.00 25.13  ? 2070 HOH A O   1 
HETATM 1136 O O   . HOH C 3 .   ? 4.685   -1.288  -18.007 1.00 18.53  ? 2071 HOH A O   1 
HETATM 1137 O O   . HOH C 3 .   ? 20.235  -12.688 4.944   1.00 35.64  ? 2072 HOH A O   1 
HETATM 1138 O O   . HOH C 3 .   ? -13.850 -0.985  12.260  1.00 20.94  ? 2073 HOH A O   1 
HETATM 1139 O O   . HOH C 3 .   ? -11.403 9.115   3.557   1.00 13.80  ? 2074 HOH A O   1 
HETATM 1140 O O   . HOH C 3 .   ? -18.076 18.264  13.943  1.00 22.75  ? 2075 HOH A O   1 
HETATM 1141 O O   . HOH C 3 .   ? -10.433 22.284  5.576   1.00 19.55  ? 2076 HOH A O   1 
HETATM 1142 O O   . HOH C 3 .   ? 12.677  -13.421 -9.751  1.00 41.16  ? 2077 HOH A O   1 
HETATM 1143 O O   . HOH C 3 .   ? 5.857   -7.303  -1.316  0.52 19.23  ? 2078 HOH A O   1 
HETATM 1144 O O   . HOH C 3 .   ? -16.433 4.404   3.725   1.00 24.08  ? 2079 HOH A O   1 
HETATM 1145 O O   . HOH C 3 .   ? -6.341  10.483  -8.974  1.00 31.72  ? 2080 HOH A O   1 
HETATM 1146 O O   . HOH C 3 .   ? -8.431  9.429   -5.861  1.00 21.34  ? 2081 HOH A O   1 
HETATM 1147 O O   . HOH C 3 .   ? -1.251  8.288   13.654  1.00 32.20  ? 2082 HOH A O   1 
HETATM 1148 O O   . HOH C 3 .   ? 13.852  1.977   -3.064  1.00 23.18  ? 2083 HOH A O   1 
HETATM 1149 O O   . HOH C 3 .   ? -7.500  14.478  -3.923  1.00 23.57  ? 2084 HOH A O   1 
HETATM 1150 O O   . HOH C 3 .   ? 6.132   -0.627  -15.632 1.00 19.01  ? 2085 HOH A O   1 
HETATM 1151 O O   . HOH C 3 .   ? -3.100  -6.711  17.060  1.00 33.07  ? 2086 HOH A O   1 
HETATM 1152 O O   . HOH C 3 .   ? -1.495  -2.350  -12.267 1.00 23.74  ? 2087 HOH A O   1 
HETATM 1153 O O   . HOH C 3 .   ? 2.746   2.627   8.759   1.00 22.58  ? 2088 HOH A O   1 
HETATM 1154 O O   . HOH C 3 .   ? -12.599 20.905  6.404   1.00 16.59  ? 2089 HOH A O   1 
HETATM 1155 O O   . HOH C 3 .   ? -10.248 -9.150  -4.650  1.00 27.51  ? 2090 HOH A O   1 
HETATM 1156 O O   . HOH C 3 .   ? 8.178   -9.395  2.024   1.00 18.18  ? 2091 HOH A O   1 
HETATM 1157 O O   . HOH C 3 .   ? -7.002  -0.364  11.134  1.00 14.20  ? 2092 HOH A O   1 
HETATM 1158 O O   . HOH C 3 .   ? -14.578 11.454  4.703   1.00 19.26  ? 2093 HOH A O   1 
HETATM 1159 O O   . HOH C 3 .   ? 13.010  -2.044  3.922   1.00 18.76  ? 2094 HOH A O   1 
HETATM 1160 O O   . HOH C 3 .   ? -15.315 -3.632  2.594   1.00 37.29  ? 2095 HOH A O   1 
HETATM 1161 O O   . HOH C 3 .   ? -9.693  -5.944  1.446   1.00 33.30  ? 2096 HOH A O   1 
HETATM 1162 O O   . HOH C 3 .   ? 3.215   -13.138 -3.183  0.52 16.63  ? 2097 HOH A O   1 
HETATM 1163 O O   . HOH C 3 .   ? -10.223 -8.121  13.508  1.00 40.25  ? 2098 HOH A O   1 
HETATM 1164 O O   . HOH C 3 .   ? -6.034  -13.749 -13.738 1.00 24.40  ? 2099 HOH A O   1 
HETATM 1165 O O   . HOH C 3 .   ? -5.322  -11.371 2.150   1.00 42.75  ? 2100 HOH A O   1 
HETATM 1166 O O   . HOH C 3 .   ? 15.644  -1.701  3.370   1.00 27.90  ? 2101 HOH A O   1 
HETATM 1167 O O   . HOH C 3 .   ? 17.266  4.523   -8.838  0.52 24.95  ? 2102 HOH A O   1 
HETATM 1168 O O   . HOH C 3 .   ? 3.423   5.776   -8.858  1.00 21.47  ? 2103 HOH A O   1 
HETATM 1169 O O   . HOH C 3 .   ? -5.925  -12.320 -5.564  0.52 22.64  ? 2104 HOH A O   1 
HETATM 1170 O O   . HOH C 3 .   ? 19.020  -16.959 3.426   1.00 31.24  ? 2105 HOH A O   1 
HETATM 1171 O O   . HOH C 3 .   ? 10.281  4.297   -8.986  1.00 28.09  ? 2106 HOH A O   1 
HETATM 1172 O O   . HOH C 3 .   ? -1.694  0.523   -13.615 1.00 19.05  ? 2107 HOH A O   1 
HETATM 1173 O O   . HOH C 3 .   ? 17.876  -13.094 3.596   1.00 30.82  ? 2108 HOH A O   1 
HETATM 1174 O O   . HOH C 3 .   ? -4.739  18.880  7.381   1.00 21.14  ? 2109 HOH A O   1 
HETATM 1175 O O   . HOH C 3 .   ? 11.681  -9.857  -12.270 0.52 19.44  ? 2110 HOH A O   1 
HETATM 1176 O O   . HOH C 3 .   ? -14.956 10.177  2.320   1.00 20.51  ? 2111 HOH A O   1 
HETATM 1177 O O   . HOH C 3 .   ? -8.103  12.615  -6.113  1.00 30.20  ? 2112 HOH A O   1 
HETATM 1178 O O   . HOH C 3 .   ? -6.793  -11.680 -11.634 1.00 28.43  ? 2113 HOH A O   1 
HETATM 1179 O O   . HOH C 3 .   ? -1.932  -6.537  13.291  1.00 44.78  ? 2114 HOH A O   1 
HETATM 1180 O O   . HOH C 3 .   ? -12.191 9.233   6.330   1.00 14.05  ? 2115 HOH A O   1 
HETATM 1181 O O   . HOH C 3 .   ? -17.318 5.360   8.118   1.00 21.31  ? 2116 HOH A O   1 
HETATM 1182 O O   . HOH C 3 .   ? -4.483  14.777  -6.313  1.00 38.37  ? 2117 HOH A O   1 
HETATM 1183 O O   . HOH C 3 .   ? 1.059   -11.668 6.265   1.00 37.33  ? 2118 HOH A O   1 
HETATM 1184 O O   . HOH C 3 .   ? -5.403  -7.588  -13.977 1.00 39.34  ? 2119 HOH A O   1 
HETATM 1185 O O   . HOH C 3 .   ? 1.197   11.324  1.098   1.00 39.06  ? 2120 HOH A O   1 
HETATM 1186 O O   . HOH C 3 .   ? -2.871  -6.053  -13.244 0.52 18.51  ? 2121 HOH A O   1 
HETATM 1187 O O   . HOH C 3 .   ? 9.753   -16.741 3.210   1.00 34.54  ? 2122 HOH A O   1 
HETATM 1188 O O   . HOH C 3 .   ? 15.272  -8.611  -16.807 1.00 55.78  ? 2123 HOH A O   1 
HETATM 1189 O O   . HOH C 3 .   ? 11.231  0.352   -15.866 0.52 25.13  ? 2124 HOH A O   1 
HETATM 1190 O O   . HOH C 3 .   ? -15.013 21.980  16.106  1.00 37.08  ? 2125 HOH A O   1 
HETATM 1191 O O   . HOH C 3 .   ? -5.621  -5.411  17.628  1.00 30.61  ? 2126 HOH A O   1 
HETATM 1192 O O   . HOH C 3 .   ? -11.692 7.723   14.578  1.00 23.19  ? 2127 HOH A O   1 
HETATM 1193 O O   . HOH C 3 .   ? -10.974 5.831   12.052  1.00 22.74  ? 2128 HOH A O   1 
HETATM 1194 O O   . HOH C 3 .   ? 0.506   12.704  5.024   1.00 32.24  ? 2129 HOH A O   1 
HETATM 1195 O O   . HOH C 3 .   ? -12.437 3.844   10.668  1.00 16.82  ? 2130 HOH A O   1 
HETATM 1196 O O   . HOH C 3 .   ? -4.956  -12.555 -10.218 1.00 42.17  ? 2131 HOH A O   1 
HETATM 1197 O O   . HOH C 3 .   ? 0.302   11.741  -1.055  1.00 29.30  ? 2132 HOH A O   1 
HETATM 1198 O O   . HOH C 3 .   ? 1.001   -12.021 -14.781 1.00 33.10  ? 2133 HOH A O   1 
HETATM 1199 O O   . HOH C 3 .   ? -7.825  -12.301 -1.335  1.00 37.20  ? 2134 HOH A O   1 
HETATM 1200 O O   . HOH C 3 .   ? 8.787   7.780   7.661   1.00 36.32  ? 2135 HOH A O   1 
HETATM 1201 O O   . HOH C 3 .   ? -13.432 -3.696  -4.375  1.00 29.38  ? 2136 HOH A O   1 
HETATM 1202 O O   . HOH C 3 .   ? 6.051   -0.970  8.916   1.00 37.11  ? 2137 HOH A O   1 
HETATM 1203 O O   . HOH C 3 .   ? -8.661  -4.329  -10.307 1.00 31.56  ? 2138 HOH A O   1 
HETATM 1204 O O   . HOH C 3 .   ? 4.057   7.755   2.872   1.00 19.09  ? 2139 HOH A O   1 
HETATM 1205 O O   . HOH C 3 .   ? -7.943  8.958   15.557  0.50 34.58  ? 2140 HOH A O   1 
HETATM 1206 O O   . HOH C 3 .   ? -18.098 11.754  4.468   1.00 27.15  ? 2141 HOH A O   1 
HETATM 1207 O O   . HOH C 3 .   ? 18.814  -0.920  -15.153 0.52 25.05  ? 2142 HOH A O   1 
HETATM 1208 O O   . HOH C 3 .   ? -4.726  -10.865 4.685   1.00 31.97  ? 2143 HOH A O   1 
HETATM 1209 O O   . HOH C 3 .   ? -12.272 8.753   -1.081  1.00 31.03  ? 2144 HOH A O   1 
HETATM 1210 O O   . HOH C 3 .   ? -2.506  13.870  -4.693  1.00 44.52  ? 2145 HOH A O   1 
HETATM 1211 O O   . HOH C 3 .   ? 20.678  -2.437  -13.668 0.52 43.62  ? 2146 HOH A O   1 
HETATM 1212 O O   . HOH C 3 .   ? 17.717  -13.252 -6.965  1.00 45.50  ? 2147 HOH A O   1 
HETATM 1213 O O   . HOH C 3 .   ? -11.216 17.428  0.428   1.00 38.01  ? 2148 HOH A O   1 
HETATM 1214 O O   . HOH C 3 .   ? 24.359  -6.737  3.089   1.00 46.56  ? 2149 HOH A O   1 
HETATM 1215 O O   . HOH C 3 .   ? 1.135   -15.036 -3.224  0.52 22.82  ? 2150 HOH A O   1 
HETATM 1216 O O   . HOH C 3 .   ? -22.956 -1.293  2.801   1.00 54.64  ? 2151 HOH A O   1 
HETATM 1217 O O   . HOH C 3 .   ? 1.965   7.952   8.531   1.00 32.98  ? 2152 HOH A O   1 
HETATM 1218 O O   . HOH C 3 .   ? -1.918  9.765   -8.809  1.00 42.34  ? 2153 HOH A O   1 
HETATM 1219 O O   . HOH C 3 .   ? 9.622   3.483   -4.490  1.00 17.14  ? 2154 HOH A O   1 
HETATM 1220 O O   . HOH C 3 .   ? -17.860 6.512   2.626   1.00 46.98  ? 2155 HOH A O   1 
HETATM 1221 O O   . HOH C 3 .   ? -13.154 22.931  8.499   1.00 17.71  ? 2156 HOH A O   1 
HETATM 1222 O O   . HOH C 3 .   ? -12.530 -6.533  -6.348  1.00 47.11  ? 2157 HOH A O   1 
HETATM 1223 O O   . HOH C 3 .   ? 8.523   -0.207  -16.539 1.00 27.47  ? 2158 HOH A O   1 
HETATM 1224 O O   . HOH C 3 .   ? -7.042  -9.755  6.650   1.00 43.70  ? 2159 HOH A O   1 
HETATM 1225 O O   . HOH C 3 .   ? -17.160 18.193  16.532  1.00 44.29  ? 2160 HOH A O   1 
HETATM 1226 O O   . HOH C 3 .   ? -11.098 24.421  9.513   1.00 39.49  ? 2161 HOH A O   1 
HETATM 1227 O O   . HOH C 3 .   ? 12.650  0.458   5.426   1.00 35.41  ? 2162 HOH A O   1 
HETATM 1228 O O   . HOH C 3 .   ? -6.393  18.055  11.315  1.00 32.92  ? 2163 HOH A O   1 
HETATM 1229 O O   . HOH C 3 .   ? 11.726  4.176   2.123   1.00 32.52  ? 2164 HOH A O   1 
HETATM 1230 O O   . HOH C 3 .   ? 2.810   3.130   -14.854 1.00 26.09  ? 2165 HOH A O   1 
HETATM 1231 O O   . HOH C 3 .   ? 16.276  2.124   -4.462  1.00 27.01  ? 2166 HOH A O   1 
HETATM 1232 O O   . HOH C 3 .   ? -10.512 15.726  -3.764  1.00 32.50  ? 2167 HOH A O   1 
HETATM 1233 O O   . HOH C 3 .   ? -21.782 -4.398  1.346   1.00 25.69  ? 2168 HOH A O   1 
HETATM 1234 O O   . HOH C 3 .   ? 6.345   9.003   -1.566  1.00 34.38  ? 2169 HOH A O   1 
HETATM 1235 O O   . HOH C 3 .   ? -2.770  -6.733  -15.725 1.00 39.73  ? 2170 HOH A O   1 
HETATM 1236 O O   . HOH C 3 .   ? 5.776   5.226   -4.092  1.00 22.15  ? 2171 HOH A O   1 
HETATM 1237 O O   . HOH C 3 .   ? -12.406 9.986   -7.101  1.00 39.25  ? 2172 HOH A O   1 
HETATM 1238 O O   . HOH C 3 .   ? -5.217  -16.125 -6.816  1.00 31.31  ? 2173 HOH A O   1 
HETATM 1239 O O   . HOH C 3 .   ? -2.026  11.797  -2.626  1.00 21.00  ? 2174 HOH A O   1 
HETATM 1240 O O   . HOH C 3 .   ? -14.791 -8.513  -3.477  1.00 33.19  ? 2175 HOH A O   1 
HETATM 1241 O O   . HOH C 3 .   ? 7.592   -19.163 -4.138  0.52 36.86  ? 2176 HOH A O   1 
HETATM 1242 O O   . HOH C 3 .   ? 5.163   2.095   -15.331 1.00 32.70  ? 2177 HOH A O   1 
HETATM 1243 O O   . HOH C 3 .   ? -14.304 -1.765  -5.451  1.00 42.70  ? 2178 HOH A O   1 
HETATM 1244 O O   . HOH C 3 .   ? 10.087  5.552   6.271   1.00 35.16  ? 2179 HOH A O   1 
HETATM 1245 O O   . HOH C 3 .   ? -12.744 -8.596  -4.988  1.00 31.81  ? 2180 HOH A O   1 
HETATM 1246 O O   . HOH C 3 .   ? 0.147   10.124  3.254   1.00 29.81  ? 2181 HOH A O   1 
HETATM 1247 O O   . HOH C 3 .   ? -16.604 -6.339  -2.756  1.00 45.19  ? 2182 HOH A O   1 
HETATM 1248 O O   . HOH C 3 .   ? 9.363   -11.958 5.588   0.52 24.30  ? 2183 HOH A O   1 
HETATM 1249 O O   . HOH C 3 .   ? -10.478 3.346   -4.743  1.00 34.31  ? 2184 HOH A O   1 
HETATM 1250 O O   . HOH C 3 .   ? -15.274 0.689   8.817   1.00 22.35  ? 2185 HOH A O   1 
HETATM 1251 O O   . HOH C 3 .   ? -17.585 3.499   5.969   1.00 25.75  ? 2186 HOH A O   1 
HETATM 1252 O O   . HOH C 3 .   ? 8.740   2.882   -7.112  1.00 16.39  ? 2187 HOH A O   1 
HETATM 1253 O O   . HOH C 3 .   ? 6.146   6.424   1.807   1.00 683.62 ? 2188 HOH A O   1 
HETATM 1254 O O   . HOH C 3 .   ? 0.906   9.782   9.699   1.00 41.23  ? 2189 HOH A O   1 
HETATM 1255 O O   . HOH C 3 .   ? 8.490   3.327   5.550   1.00 25.81  ? 2190 HOH A O   1 
HETATM 1256 O O   . HOH C 3 .   ? -2.204  15.449  8.024   1.00 41.54  ? 2191 HOH A O   1 
HETATM 1257 O O   . HOH C 3 .   ? 7.198   -10.265 6.346   1.00 30.59  ? 2192 HOH A O   1 
HETATM 1258 O O   . HOH C 3 .   ? 6.532   11.627  0.672   1.00 43.19  ? 2193 HOH A O   1 
HETATM 1259 O O   . HOH C 3 .   ? -2.037  9.601   -11.159 1.00 35.42  ? 2194 HOH A O   1 
HETATM 1260 O O   . HOH C 3 .   ? 9.419   5.756   -10.967 1.00 37.66  ? 2195 HOH A O   1 
HETATM 1261 O O   . HOH C 3 .   ? -6.648  20.941  11.711  1.00 40.52  ? 2196 HOH A O   1 
HETATM 1262 O O   . HOH C 3 .   ? -14.731 2.219   11.797  0.50 13.07  ? 2197 HOH A O   1 
HETATM 1263 O O   . HOH C 3 .   ? 2.107   7.837   -9.433  1.00 33.09  ? 2198 HOH A O   1 
HETATM 1264 O O   . HOH C 3 .   ? 6.750   6.882   2.952   1.00 35.49  ? 2199 HOH A O   1 
HETATM 1265 O O   . HOH C 3 .   ? -4.206  21.085  8.814   1.00 33.01  ? 2200 HOH A O   1 
HETATM 1266 O O   . HOH C 3 .   ? 4.048   -5.174  10.132  1.00 41.47  ? 2201 HOH A O   1 
HETATM 1267 O O   . HOH C 3 .   ? 6.466   -15.433 5.492   0.52 28.55  ? 2202 HOH A O   1 
HETATM 1268 O O   . HOH C 3 .   ? -10.827 12.458  -7.266  1.00 40.25  ? 2203 HOH A O   1 
HETATM 1269 O O   . HOH C 3 .   ? 6.931   5.314   -12.193 1.00 38.57  ? 2204 HOH A O   1 
HETATM 1270 O O   . HOH C 3 .   ? -4.469  14.700  9.022   1.00 26.00  ? 2205 HOH A O   1 
# 
